data_3NCH
#
_entry.id   3NCH
#
_cell.length_a   93.940
_cell.length_b   161.837
_cell.length_c   121.622
_cell.angle_alpha   90.00
_cell.angle_beta   95.82
_cell.angle_gamma   90.00
#
_symmetry.space_group_name_H-M   'P 1 21 1'
#
loop_
_entity.id
_entity.type
_entity.pdbx_description
1 polymer 'Glycogen [starch] synthase isoform 2'
2 non-polymer 'SULFATE ION'
#
_entity_poly.entity_id   1
_entity_poly.type   'polypeptide(L)'
_entity_poly.pdbx_seq_one_letter_code
;MGSSHHHHHHSSGLVPRGSHMSRDLQNHLLFETATEVANRVGGIYSVLKSKAPITVAQYKDHYHLIGPLNKATYQNEVDI
LDWKKPEAFSDEMRPVQHALQTMESRGVHFVYGRWLIEGAPKVILFDLDSVRGYSNEWKGDLWSLVGIPSPENDFETNDA
ILLGYTVAWFLGEVAHLDSQHAIVAHFHEWLAGVALPLCRKRRIDVVTIFTTHATLLGRYLCASGSFDFYNCLESVDVDH
EAGRFGIYHRYCIERAAAHSADVFTTVSQITAFEAEHLLKRKPDGILPNGLNVIKFQAFHEFQNLHALKKEKINDFVRGH
FHGCFDFDLDNTLYFFIAGRYEYKNKGADMFIEALARLNYRLKVSGSKKTVVAFIVMPAKNNSFTVEALKGQAEVRALEN
TVHEVTTSIGKRIFDHAIRYPHNGLTTELPTDLGELLKSSDKVMLKRRILALRRPEGQLPPIVTHNMVDDANDLILNKIR
QVQLFNSPSDRVKMIFHPEFLNANNPILGLDYDEFVRGCHLGVFPSYYEPWGYTPAECTVMGVPSITTNVSGFGSYMEDL
IETNQAKDYGIYIVDRRFKAPDESVEQLVDYMEEFVKKTAAQAINQRNRTERLSDLLDWKRMGLEYVKARQLALRRGYPD
QFRELVGEELNDSNMDALAGGKKLKVARPLSVPGSPRDLRSNSTVYMTPGDLGTLQEVNNADDYFSLGVNPAADDDDDGP
YADDS
;
_entity_poly.pdbx_strand_id   A,B,C,D
#
# COMPACT_ATOMS: atom_id res chain seq x y z
N SER A 22 57.20 6.14 32.56
CA SER A 22 57.16 7.05 31.41
C SER A 22 55.83 7.02 30.62
N ARG A 23 55.31 5.82 30.40
CA ARG A 23 54.22 5.58 29.44
C ARG A 23 52.81 5.63 30.04
N ASP A 24 51.88 6.24 29.30
CA ASP A 24 50.49 6.42 29.78
C ASP A 24 49.55 5.24 29.47
N LEU A 25 49.04 4.62 30.53
CA LEU A 25 48.20 3.45 30.40
C LEU A 25 46.75 3.89 30.23
N GLN A 26 46.40 4.96 30.94
CA GLN A 26 45.04 5.48 30.89
C GLN A 26 44.64 5.83 29.44
N ASN A 27 45.47 6.61 28.74
CA ASN A 27 45.20 6.85 27.33
C ASN A 27 46.29 6.29 26.39
N HIS A 28 46.02 5.06 25.94
CA HIS A 28 46.98 4.28 25.16
C HIS A 28 46.55 4.17 23.71
N LEU A 29 47.41 3.54 22.90
CA LEU A 29 47.09 3.26 21.50
C LEU A 29 46.63 1.80 21.29
N LEU A 30 45.89 1.55 20.21
CA LEU A 30 45.44 0.21 19.89
C LEU A 30 45.67 -0.08 18.42
N PHE A 31 46.20 -1.26 18.13
CA PHE A 31 46.44 -1.67 16.75
C PHE A 31 45.96 -3.11 16.59
N GLU A 32 45.00 -3.31 15.70
CA GLU A 32 44.36 -4.60 15.54
C GLU A 32 44.69 -5.11 14.16
N THR A 33 45.21 -6.32 14.07
CA THR A 33 45.82 -6.77 12.82
C THR A 33 45.24 -8.12 12.46
N ALA A 34 44.90 -8.29 11.18
CA ALA A 34 44.26 -9.50 10.69
C ALA A 34 44.38 -9.54 9.18
N THR A 35 44.33 -10.74 8.61
CA THR A 35 44.41 -10.86 7.15
C THR A 35 43.19 -10.25 6.54
N GLU A 36 42.18 -10.00 7.36
CA GLU A 36 40.84 -9.80 6.84
C GLU A 36 40.34 -8.36 6.88
N VAL A 37 41.17 -7.43 7.33
CA VAL A 37 40.63 -6.11 7.67
C VAL A 37 39.90 -5.38 6.53
N ALA A 38 40.44 -5.35 5.33
CA ALA A 38 39.65 -4.71 4.28
C ALA A 38 39.37 -5.65 3.11
N ASN A 39 39.36 -6.94 3.41
CA ASN A 39 38.83 -7.92 2.47
C ASN A 39 38.15 -9.09 3.16
N ARG A 40 36.93 -9.36 2.72
CA ARG A 40 36.13 -10.44 3.27
C ARG A 40 36.64 -11.75 2.70
N VAL A 41 37.45 -12.44 3.50
CA VAL A 41 38.11 -13.67 3.07
C VAL A 41 37.84 -14.73 4.13
N GLY A 42 36.99 -14.37 5.10
CA GLY A 42 36.59 -15.25 6.18
C GLY A 42 35.60 -14.66 7.17
N GLY A 43 35.53 -15.26 8.35
CA GLY A 43 34.59 -14.81 9.35
C GLY A 43 35.13 -13.62 10.09
N ILE A 44 36.43 -13.63 10.33
CA ILE A 44 37.08 -12.58 11.11
C ILE A 44 36.76 -11.21 10.52
N TYR A 45 36.56 -11.14 9.21
CA TYR A 45 36.09 -9.92 8.56
C TYR A 45 34.87 -9.39 9.26
N SER A 46 33.92 -10.28 9.55
CA SER A 46 32.65 -9.84 10.10
C SER A 46 32.77 -9.43 11.55
N VAL A 47 33.71 -10.05 12.28
CA VAL A 47 33.97 -9.66 13.66
C VAL A 47 34.58 -8.26 13.76
N LEU A 48 35.59 -8.02 12.94
CA LEU A 48 36.24 -6.72 12.94
C LEU A 48 35.29 -5.67 12.42
N LYS A 49 34.53 -6.01 11.37
CA LYS A 49 33.57 -5.06 10.82
C LYS A 49 32.52 -4.68 11.87
N SER A 50 31.94 -5.69 12.50
CA SER A 50 30.82 -5.44 13.40
C SER A 50 31.28 -4.85 14.72
N LYS A 51 32.53 -5.11 15.08
CA LYS A 51 33.09 -4.58 16.32
C LYS A 51 33.53 -3.12 16.18
N ALA A 52 33.91 -2.71 14.97
CA ALA A 52 34.40 -1.37 14.74
C ALA A 52 33.64 -0.26 15.48
N PRO A 53 32.32 -0.16 15.27
CA PRO A 53 31.63 0.97 15.89
C PRO A 53 31.96 1.11 17.38
N ILE A 54 31.79 0.04 18.14
CA ILE A 54 32.02 0.13 19.58
C ILE A 54 33.48 0.45 19.91
N THR A 55 34.44 -0.07 19.15
CA THR A 55 35.81 0.25 19.49
C THR A 55 36.25 1.63 18.97
N VAL A 56 35.67 2.12 17.88
CA VAL A 56 35.99 3.48 17.43
C VAL A 56 35.42 4.48 18.43
N ALA A 57 34.23 4.20 18.92
CA ALA A 57 33.60 5.08 19.90
C ALA A 57 34.50 5.28 21.12
N GLN A 58 35.31 4.27 21.44
CA GLN A 58 36.22 4.35 22.59
C GLN A 58 37.61 4.94 22.26
N TYR A 59 38.15 4.61 21.09
CA TYR A 59 39.52 5.01 20.77
C TYR A 59 39.63 6.15 19.77
N LYS A 60 38.57 6.38 19.00
CA LYS A 60 38.60 7.40 17.98
C LYS A 60 39.81 7.16 17.08
N ASP A 61 40.67 8.17 16.94
CA ASP A 61 41.84 8.04 16.04
C ASP A 61 43.09 7.48 16.72
N HIS A 62 42.95 7.02 17.96
CA HIS A 62 44.00 6.24 18.61
C HIS A 62 43.92 4.76 18.21
N TYR A 63 42.82 4.39 17.55
CA TYR A 63 42.59 3.04 17.06
C TYR A 63 42.84 2.98 15.55
N HIS A 64 43.62 1.99 15.10
CA HIS A 64 43.90 1.78 13.68
C HIS A 64 43.90 0.27 13.46
N LEU A 65 43.42 -0.17 12.30
CA LEU A 65 43.44 -1.59 11.95
C LEU A 65 44.48 -1.78 10.87
N ILE A 66 45.14 -2.94 10.87
CA ILE A 66 46.20 -3.22 9.91
C ILE A 66 45.99 -4.55 9.22
N GLY A 67 46.29 -4.61 7.92
CA GLY A 67 46.11 -5.84 7.18
C GLY A 67 46.85 -5.80 5.86
N PRO A 68 46.76 -6.87 5.09
CA PRO A 68 47.44 -6.88 3.80
C PRO A 68 46.57 -6.17 2.78
N LEU A 69 47.05 -5.07 2.19
CA LEU A 69 46.29 -4.42 1.14
C LEU A 69 45.99 -5.39 0.01
N ASN A 70 44.71 -5.70 -0.20
CA ASN A 70 44.29 -6.58 -1.28
C ASN A 70 43.90 -5.76 -2.50
N LYS A 71 44.74 -5.77 -3.53
CA LYS A 71 44.59 -4.86 -4.65
C LYS A 71 43.33 -5.04 -5.49
N ALA A 72 42.73 -6.22 -5.47
CA ALA A 72 41.51 -6.43 -6.25
C ALA A 72 40.26 -5.79 -5.62
N THR A 73 40.30 -5.54 -4.31
CA THR A 73 39.09 -5.16 -3.61
C THR A 73 39.15 -3.88 -2.76
N TYR A 74 40.34 -3.46 -2.34
CA TYR A 74 40.46 -2.35 -1.38
C TYR A 74 39.76 -1.07 -1.83
N GLN A 75 39.71 -0.84 -3.14
CA GLN A 75 39.09 0.37 -3.67
C GLN A 75 37.57 0.37 -3.50
N ASN A 76 36.98 -0.80 -3.27
CA ASN A 76 35.54 -0.92 -3.02
C ASN A 76 35.17 -0.76 -1.54
N GLU A 77 36.17 -0.80 -0.67
CA GLU A 77 35.94 -0.91 0.76
C GLU A 77 36.57 0.26 1.53
N VAL A 78 37.49 0.96 0.87
CA VAL A 78 38.33 1.94 1.56
C VAL A 78 38.25 3.38 1.03
N ASP A 79 38.05 4.30 1.96
CA ASP A 79 38.13 5.71 1.66
C ASP A 79 39.61 6.04 1.80
N ILE A 80 40.34 6.00 0.69
CA ILE A 80 41.77 6.21 0.76
C ILE A 80 42.13 7.66 1.06
N LEU A 81 42.90 7.86 2.13
CA LEU A 81 43.25 9.20 2.62
C LEU A 81 44.70 9.63 2.31
N ASP A 82 44.97 10.92 2.45
CA ASP A 82 46.33 11.42 2.33
C ASP A 82 46.92 11.62 3.73
N TRP A 83 47.88 10.78 4.07
CA TRP A 83 48.42 10.69 5.42
C TRP A 83 49.58 11.63 5.60
N LYS A 84 50.03 12.20 4.49
CA LYS A 84 51.10 13.18 4.50
C LYS A 84 50.59 14.54 4.98
N LYS A 85 49.43 14.96 4.49
CA LYS A 85 48.86 16.23 4.95
C LYS A 85 48.96 16.38 6.48
N PRO A 86 49.29 17.58 6.96
CA PRO A 86 49.35 17.83 8.41
C PRO A 86 48.02 17.62 9.13
N GLU A 87 46.91 17.80 8.42
CA GLU A 87 45.57 17.58 9.00
C GLU A 87 45.26 16.11 9.31
N ALA A 88 45.84 15.19 8.52
CA ALA A 88 45.70 13.74 8.72
C ALA A 88 45.71 13.32 10.19
N PHE A 89 46.81 13.54 10.88
CA PHE A 89 46.88 13.23 12.30
C PHE A 89 46.83 14.45 13.22
N SER A 90 46.53 14.20 14.49
CA SER A 90 46.68 15.22 15.54
C SER A 90 48.17 15.36 15.82
N ASP A 91 48.52 16.31 16.68
CA ASP A 91 49.91 16.43 17.12
C ASP A 91 50.28 15.20 17.96
N GLU A 92 49.46 14.95 18.98
CA GLU A 92 49.57 13.74 19.80
C GLU A 92 49.99 12.51 18.99
N MET A 93 49.38 12.32 17.82
CA MET A 93 49.57 11.09 17.04
C MET A 93 50.67 11.14 15.97
N ARG A 94 51.36 12.28 15.88
CA ARG A 94 52.50 12.43 14.94
C ARG A 94 53.39 11.18 14.80
N PRO A 95 53.65 10.49 15.92
CA PRO A 95 54.55 9.33 15.82
C PRO A 95 54.19 8.35 14.70
N VAL A 96 52.89 8.08 14.52
CA VAL A 96 52.41 7.14 13.51
C VAL A 96 52.65 7.67 12.10
N GLN A 97 52.41 8.97 11.91
CA GLN A 97 52.74 9.59 10.63
C GLN A 97 54.24 9.40 10.34
N HIS A 98 55.10 9.89 11.23
CA HIS A 98 56.53 9.73 11.01
C HIS A 98 56.84 8.25 10.83
N ALA A 99 56.19 7.44 11.66
CA ALA A 99 56.33 5.99 11.62
C ALA A 99 55.95 5.49 10.24
N LEU A 100 54.87 6.03 9.69
CA LEU A 100 54.44 5.66 8.34
C LEU A 100 55.45 6.16 7.29
N GLN A 101 55.91 7.40 7.45
CA GLN A 101 57.00 7.93 6.63
C GLN A 101 58.23 7.03 6.51
N THR A 102 58.87 6.76 7.65
CA THR A 102 60.03 5.86 7.70
C THR A 102 59.78 4.65 6.82
N MET A 103 58.56 4.14 6.91
CA MET A 103 58.16 2.96 6.19
C MET A 103 58.24 3.14 4.67
N GLU A 104 57.78 4.29 4.18
CA GLU A 104 57.72 4.48 2.72
C GLU A 104 59.07 4.94 2.21
N SER A 105 59.86 5.51 3.11
CA SER A 105 61.29 5.74 2.85
C SER A 105 61.91 4.43 2.36
N ARG A 106 61.73 3.36 3.14
CA ARG A 106 62.42 2.10 2.86
C ARG A 106 61.80 1.27 1.73
N GLY A 107 60.83 1.84 1.02
CA GLY A 107 60.22 1.19 -0.13
C GLY A 107 58.93 0.40 0.15
N VAL A 108 58.45 0.52 1.40
CA VAL A 108 57.26 -0.20 1.82
C VAL A 108 56.05 0.63 1.48
N HIS A 109 55.34 0.22 0.44
CA HIS A 109 54.13 0.94 0.05
C HIS A 109 52.93 0.60 0.95
N PHE A 110 51.98 1.51 1.02
CA PHE A 110 50.76 1.23 1.76
C PHE A 110 49.61 2.15 1.40
N VAL A 111 48.42 1.82 1.93
CA VAL A 111 47.24 2.66 1.78
C VAL A 111 46.81 3.06 3.20
N TYR A 112 46.51 4.33 3.39
CA TYR A 112 45.96 4.78 4.65
C TYR A 112 44.57 5.28 4.35
N GLY A 113 43.61 4.92 5.18
CA GLY A 113 42.25 5.33 4.89
C GLY A 113 41.20 4.91 5.90
N ARG A 114 39.95 5.16 5.53
CA ARG A 114 38.79 4.76 6.31
C ARG A 114 38.13 3.50 5.73
N TRP A 115 37.99 2.47 6.57
CA TRP A 115 37.23 1.29 6.17
C TRP A 115 35.76 1.70 6.14
N LEU A 116 35.18 1.69 4.95
CA LEU A 116 33.83 2.23 4.74
C LEU A 116 32.76 1.32 5.33
N ILE A 117 32.79 1.17 6.65
CA ILE A 117 31.80 0.39 7.37
C ILE A 117 31.33 1.26 8.52
N GLU A 118 30.35 0.78 9.29
CA GLU A 118 29.86 1.61 10.37
C GLU A 118 30.96 1.84 11.40
N GLY A 119 31.16 3.09 11.77
CA GLY A 119 32.24 3.45 12.67
C GLY A 119 33.44 4.02 11.93
N ALA A 120 33.66 3.54 10.71
CA ALA A 120 34.70 4.08 9.84
C ALA A 120 36.05 4.21 10.56
N PRO A 121 36.57 3.08 11.07
CA PRO A 121 37.86 3.09 11.74
C PRO A 121 38.93 3.37 10.71
N LYS A 122 40.09 3.85 11.15
CA LYS A 122 41.15 4.08 10.20
C LYS A 122 41.94 2.78 9.95
N VAL A 123 42.47 2.63 8.74
CA VAL A 123 43.19 1.40 8.41
C VAL A 123 44.50 1.68 7.69
N ILE A 124 45.40 0.72 7.79
CA ILE A 124 46.72 0.81 7.19
C ILE A 124 46.91 -0.46 6.42
N LEU A 125 46.92 -0.37 5.10
CA LEU A 125 46.94 -1.58 4.30
C LEU A 125 48.28 -1.77 3.59
N PHE A 126 49.08 -2.71 4.08
CA PHE A 126 50.44 -2.90 3.62
C PHE A 126 50.50 -3.64 2.32
N ASP A 127 51.17 -3.06 1.33
CA ASP A 127 51.32 -3.73 0.04
C ASP A 127 52.41 -4.82 0.01
N LEU A 128 51.99 -6.07 0.14
CA LEU A 128 52.91 -7.20 0.16
C LEU A 128 53.78 -7.30 -1.09
N ASP A 129 53.28 -6.83 -2.24
CA ASP A 129 54.08 -6.82 -3.45
C ASP A 129 55.31 -5.94 -3.25
N SER A 130 55.12 -4.88 -2.47
CA SER A 130 56.11 -3.82 -2.31
C SER A 130 57.23 -4.21 -1.33
N VAL A 131 57.23 -5.47 -0.91
CA VAL A 131 58.16 -5.95 0.13
C VAL A 131 58.49 -7.41 -0.11
N ARG A 132 58.03 -7.93 -1.24
CA ARG A 132 58.29 -9.31 -1.60
C ARG A 132 59.78 -9.50 -1.90
N GLY A 133 60.51 -8.39 -1.93
CA GLY A 133 61.95 -8.45 -2.10
C GLY A 133 62.58 -9.07 -0.86
N TYR A 134 62.25 -8.48 0.29
CA TYR A 134 62.74 -8.94 1.58
C TYR A 134 62.26 -10.34 1.93
N SER A 135 61.72 -11.07 0.96
CA SER A 135 61.16 -12.40 1.21
C SER A 135 62.18 -13.33 1.89
N ASN A 136 63.17 -13.77 1.11
CA ASN A 136 64.20 -14.69 1.60
C ASN A 136 64.97 -14.22 2.85
N GLU A 137 65.40 -12.96 2.87
CA GLU A 137 66.06 -12.43 4.06
C GLU A 137 65.21 -12.75 5.31
N TRP A 138 63.89 -12.84 5.11
CA TRP A 138 62.97 -12.88 6.25
C TRP A 138 62.55 -14.29 6.66
N LYS A 139 62.13 -15.10 5.70
CA LYS A 139 61.76 -16.49 5.97
C LYS A 139 62.85 -17.12 6.84
N GLY A 140 64.09 -16.66 6.63
CA GLY A 140 65.27 -17.13 7.33
C GLY A 140 65.41 -16.52 8.71
N ASP A 141 65.37 -15.19 8.81
CA ASP A 141 65.46 -14.54 10.12
C ASP A 141 64.41 -15.13 11.05
N LEU A 142 63.31 -15.60 10.47
CA LEU A 142 62.24 -16.29 11.20
C LEU A 142 62.75 -17.60 11.82
N TRP A 143 63.21 -18.51 10.96
CA TRP A 143 63.78 -19.80 11.38
C TRP A 143 64.85 -19.65 12.46
N SER A 144 65.80 -18.72 12.26
CA SER A 144 66.87 -18.44 13.23
C SER A 144 66.35 -17.76 14.50
N LEU A 145 65.03 -17.78 14.68
CA LEU A 145 64.43 -17.16 15.86
C LEU A 145 63.29 -17.97 16.50
N VAL A 146 62.64 -18.84 15.74
CA VAL A 146 61.55 -19.65 16.28
C VAL A 146 61.48 -20.97 15.55
N GLY A 147 62.51 -21.22 14.74
CA GLY A 147 62.58 -22.47 13.99
C GLY A 147 61.32 -22.77 13.18
N ILE A 148 60.75 -21.74 12.57
CA ILE A 148 59.63 -21.92 11.65
C ILE A 148 60.06 -22.02 10.18
N PRO A 149 59.88 -23.22 9.59
CA PRO A 149 60.13 -23.50 8.17
C PRO A 149 59.18 -22.65 7.35
N SER A 150 59.47 -22.41 6.07
CA SER A 150 58.66 -21.60 5.17
C SER A 150 58.64 -22.12 3.74
N PRO A 151 58.06 -23.32 3.49
CA PRO A 151 58.13 -23.76 2.09
C PRO A 151 57.56 -22.72 1.13
N GLU A 152 58.16 -22.62 -0.07
CA GLU A 152 57.95 -21.50 -0.99
C GLU A 152 56.69 -21.69 -1.87
N ASN A 153 56.25 -22.93 -1.96
CA ASN A 153 54.98 -23.29 -2.59
C ASN A 153 53.72 -22.97 -1.74
N ASP A 154 53.93 -22.43 -0.53
CA ASP A 154 52.83 -21.93 0.32
C ASP A 154 52.77 -20.41 0.29
N PHE A 155 51.81 -19.92 -0.48
CA PHE A 155 51.64 -18.49 -0.73
C PHE A 155 51.01 -17.80 0.47
N GLU A 156 50.13 -18.51 1.19
CA GLU A 156 49.55 -18.00 2.43
C GLU A 156 50.63 -17.59 3.43
N THR A 157 51.48 -18.56 3.78
CA THR A 157 52.55 -18.34 4.76
C THR A 157 53.55 -17.29 4.27
N ASN A 158 53.92 -17.38 3.00
CA ASN A 158 54.72 -16.34 2.35
C ASN A 158 54.24 -14.94 2.70
N ASP A 159 52.93 -14.72 2.46
CA ASP A 159 52.28 -13.46 2.78
C ASP A 159 52.15 -13.28 4.29
N ALA A 160 52.00 -14.39 5.00
CA ALA A 160 51.91 -14.33 6.46
C ALA A 160 53.21 -13.81 7.06
N ILE A 161 54.34 -14.25 6.50
CA ILE A 161 55.64 -13.77 6.94
C ILE A 161 55.83 -12.32 6.49
N LEU A 162 55.57 -12.08 5.20
CA LEU A 162 55.59 -10.74 4.66
C LEU A 162 54.85 -9.77 5.58
N LEU A 163 53.55 -10.01 5.79
CA LEU A 163 52.77 -9.17 6.69
C LEU A 163 53.42 -8.96 8.07
N GLY A 164 53.75 -10.07 8.74
CA GLY A 164 54.32 -10.01 10.08
C GLY A 164 55.54 -9.13 10.14
N TYR A 165 56.49 -9.38 9.26
CA TYR A 165 57.72 -8.61 9.32
C TYR A 165 57.45 -7.12 9.18
N THR A 166 56.57 -6.78 8.24
CA THR A 166 56.16 -5.41 8.04
C THR A 166 55.54 -4.77 9.28
N VAL A 167 54.54 -5.43 9.86
CA VAL A 167 53.80 -4.89 11.00
C VAL A 167 54.68 -4.75 12.24
N ALA A 168 55.54 -5.74 12.48
CA ALA A 168 56.49 -5.67 13.59
C ALA A 168 57.48 -4.50 13.41
N TRP A 169 58.02 -4.39 12.20
CA TRP A 169 58.70 -3.19 11.72
C TRP A 169 57.95 -1.91 12.09
N PHE A 170 56.75 -1.76 11.53
CA PHE A 170 55.92 -0.58 11.78
C PHE A 170 55.72 -0.32 13.27
N LEU A 171 55.51 -1.37 14.04
CA LEU A 171 55.25 -1.19 15.47
C LEU A 171 56.51 -0.75 16.22
N GLY A 172 57.66 -1.25 15.79
CA GLY A 172 58.94 -0.81 16.30
C GLY A 172 59.03 0.70 16.17
N GLU A 173 58.96 1.16 14.93
CA GLU A 173 58.97 2.59 14.65
C GLU A 173 58.03 3.40 15.53
N VAL A 174 56.80 2.94 15.69
CA VAL A 174 55.80 3.65 16.49
C VAL A 174 56.21 3.66 17.96
N ALA A 175 56.71 2.51 18.42
CA ALA A 175 57.11 2.33 19.82
C ALA A 175 58.22 3.34 20.15
N HIS A 176 59.30 3.23 19.37
CA HIS A 176 60.41 4.18 19.37
C HIS A 176 59.96 5.65 19.34
N LEU A 177 59.13 6.02 18.36
CA LEU A 177 58.70 7.39 18.13
C LEU A 177 57.73 7.96 19.17
N ASP A 178 56.96 7.09 19.80
CA ASP A 178 55.91 7.58 20.70
C ASP A 178 56.38 7.50 22.14
N SER A 179 56.59 8.64 22.77
CA SER A 179 57.05 8.68 24.16
C SER A 179 55.87 8.87 25.11
N GLN A 180 54.68 9.00 24.53
CA GLN A 180 53.51 9.41 25.30
C GLN A 180 52.60 8.25 25.71
N HIS A 181 52.31 7.38 24.76
CA HIS A 181 51.26 6.37 24.94
C HIS A 181 51.81 4.96 25.15
N ALA A 182 51.10 4.19 25.95
CA ALA A 182 51.30 2.74 26.00
C ALA A 182 50.71 2.15 24.71
N ILE A 183 51.34 1.10 24.18
CA ILE A 183 50.87 0.57 22.90
C ILE A 183 50.41 -0.88 22.96
N VAL A 184 49.08 -1.06 22.89
CA VAL A 184 48.45 -2.39 22.78
C VAL A 184 48.35 -2.79 21.32
N ALA A 185 48.73 -4.02 21.01
CA ALA A 185 48.66 -4.50 19.63
C ALA A 185 48.04 -5.89 19.54
N HIS A 186 46.83 -5.95 18.99
CA HIS A 186 46.00 -7.16 18.94
C HIS A 186 46.06 -7.87 17.57
N PHE A 187 46.33 -9.18 17.57
CA PHE A 187 46.48 -9.95 16.32
C PHE A 187 45.48 -11.12 16.21
N HIS A 188 44.84 -11.27 15.05
CA HIS A 188 43.80 -12.26 14.88
C HIS A 188 44.15 -13.37 13.90
N GLU A 189 44.29 -14.59 14.44
CA GLU A 189 44.50 -15.77 13.63
C GLU A 189 45.98 -15.91 13.21
N TRP A 190 46.36 -17.13 12.81
CA TRP A 190 47.76 -17.43 12.56
C TRP A 190 48.26 -16.61 11.38
N LEU A 191 47.57 -16.66 10.25
CA LEU A 191 47.90 -15.81 9.10
C LEU A 191 48.37 -14.38 9.44
N ALA A 192 48.04 -13.89 10.63
CA ALA A 192 48.49 -12.59 11.06
C ALA A 192 49.26 -12.68 12.37
N GLY A 193 49.89 -13.82 12.59
CA GLY A 193 50.54 -14.11 13.86
C GLY A 193 52.04 -13.90 13.96
N VAL A 194 52.71 -13.89 12.81
CA VAL A 194 54.17 -13.82 12.79
C VAL A 194 54.75 -12.57 13.52
N ALA A 195 54.07 -11.44 13.43
CA ALA A 195 54.53 -10.27 14.17
C ALA A 195 54.73 -10.53 15.67
N LEU A 196 54.16 -11.62 16.17
CA LEU A 196 54.16 -11.84 17.61
C LEU A 196 55.50 -12.32 18.18
N PRO A 197 56.09 -13.36 17.56
CA PRO A 197 57.43 -13.79 17.97
C PRO A 197 58.41 -12.64 17.90
N LEU A 198 58.50 -11.98 16.73
CA LEU A 198 59.37 -10.82 16.56
C LEU A 198 59.19 -9.80 17.69
N CYS A 199 57.96 -9.40 17.98
CA CYS A 199 57.76 -8.38 19.02
C CYS A 199 58.40 -8.72 20.36
N ARG A 200 58.32 -9.99 20.75
CA ARG A 200 58.81 -10.39 22.07
C ARG A 200 60.33 -10.54 22.07
N LYS A 201 60.88 -10.95 20.93
CA LYS A 201 62.32 -11.12 20.81
C LYS A 201 62.98 -9.74 20.87
N ARG A 202 62.67 -8.92 19.86
CA ARG A 202 63.19 -7.57 19.76
C ARG A 202 62.80 -6.71 20.96
N ARG A 203 62.31 -7.35 22.02
CA ARG A 203 61.91 -6.65 23.23
C ARG A 203 61.23 -5.30 22.96
N ILE A 204 60.43 -5.27 21.88
CA ILE A 204 59.68 -4.08 21.44
C ILE A 204 58.67 -3.60 22.50
N ASP A 205 58.68 -2.31 22.82
CA ASP A 205 57.84 -1.85 23.93
C ASP A 205 56.34 -1.71 23.62
N VAL A 206 55.74 -2.82 23.19
CA VAL A 206 54.28 -2.92 23.08
C VAL A 206 53.76 -4.14 23.85
N VAL A 207 52.60 -4.00 24.47
CA VAL A 207 51.85 -5.18 24.95
C VAL A 207 51.01 -5.86 23.85
N THR A 208 51.20 -7.16 23.66
CA THR A 208 50.51 -7.87 22.60
C THR A 208 49.48 -8.91 23.06
N ILE A 209 48.38 -9.00 22.28
CA ILE A 209 47.31 -9.99 22.48
C ILE A 209 47.12 -10.84 21.23
N PHE A 210 47.05 -12.16 21.41
CA PHE A 210 46.75 -13.06 20.28
C PHE A 210 45.45 -13.85 20.47
N THR A 211 44.50 -13.63 19.55
CA THR A 211 43.21 -14.31 19.56
C THR A 211 43.17 -15.32 18.42
N THR A 212 42.92 -16.59 18.72
CA THR A 212 42.74 -17.59 17.66
C THR A 212 41.25 -17.94 17.56
N HIS A 213 40.74 -18.12 16.34
CA HIS A 213 39.29 -18.31 16.15
C HIS A 213 38.95 -19.73 15.74
N ALA A 214 39.91 -20.61 15.91
CA ALA A 214 39.79 -22.00 15.50
C ALA A 214 41.16 -22.54 15.75
N THR A 215 41.46 -23.72 15.25
CA THR A 215 42.85 -24.14 15.21
C THR A 215 43.11 -24.92 13.94
N LEU A 216 44.38 -25.05 13.57
CA LEU A 216 44.69 -25.74 12.36
C LEU A 216 44.54 -27.24 12.55
N LEU A 217 44.97 -27.73 13.71
CA LEU A 217 44.79 -29.15 14.02
C LEU A 217 43.31 -29.44 14.23
N GLY A 218 42.61 -28.51 14.87
CA GLY A 218 41.16 -28.60 14.99
C GLY A 218 40.45 -28.86 13.66
N ARG A 219 40.61 -27.94 12.71
CA ARG A 219 39.88 -28.02 11.45
C ARG A 219 40.28 -29.22 10.63
N TYR A 220 41.54 -29.66 10.75
CA TYR A 220 42.02 -30.78 9.95
C TYR A 220 41.69 -32.14 10.54
N LEU A 221 41.57 -32.21 11.86
CA LEU A 221 41.18 -33.47 12.49
C LEU A 221 39.71 -33.79 12.22
N CYS A 222 38.86 -32.77 12.23
CA CYS A 222 37.42 -32.98 12.07
C CYS A 222 36.95 -32.97 10.61
N ALA A 223 37.89 -33.16 9.68
CA ALA A 223 37.58 -33.16 8.25
C ALA A 223 36.91 -34.47 7.77
N SER A 224 37.31 -35.59 8.35
CA SER A 224 36.72 -36.89 7.99
C SER A 224 35.50 -37.22 8.87
N GLY A 225 35.75 -37.63 10.11
CA GLY A 225 34.70 -38.04 11.03
C GLY A 225 35.05 -39.38 11.66
N ASP A 228 36.98 -39.04 15.37
CA ASP A 228 36.56 -38.59 16.71
C ASP A 228 37.53 -37.54 17.20
N PHE A 229 37.08 -36.68 18.10
CA PHE A 229 37.81 -35.46 18.38
C PHE A 229 37.81 -35.03 19.85
N TYR A 230 36.65 -34.62 20.33
CA TYR A 230 36.55 -33.99 21.64
C TYR A 230 36.95 -34.90 22.79
N ASN A 231 37.07 -36.19 22.49
CA ASN A 231 37.38 -37.20 23.50
C ASN A 231 38.87 -37.49 23.59
N CYS A 232 39.47 -37.70 22.42
CA CYS A 232 40.89 -38.02 22.38
C CYS A 232 41.73 -37.03 21.56
N LEU A 233 41.49 -35.74 21.78
CA LEU A 233 42.44 -34.71 21.37
C LEU A 233 43.39 -34.54 22.54
N GLU A 234 42.89 -34.88 23.72
CA GLU A 234 43.68 -34.82 24.94
C GLU A 234 44.88 -35.76 24.85
N SER A 235 44.89 -36.63 23.82
CA SER A 235 45.87 -37.69 23.75
C SER A 235 46.54 -37.82 22.38
N VAL A 236 46.55 -36.73 21.62
CA VAL A 236 47.14 -36.78 20.28
C VAL A 236 48.54 -36.18 20.20
N ASP A 237 49.39 -36.79 19.38
CA ASP A 237 50.73 -36.27 19.09
C ASP A 237 50.62 -35.12 18.10
N VAL A 238 50.58 -33.90 18.62
CA VAL A 238 50.44 -32.71 17.80
C VAL A 238 51.52 -32.66 16.73
N ASP A 239 52.79 -32.68 17.15
CA ASP A 239 53.91 -32.56 16.22
C ASP A 239 53.78 -33.58 15.09
N HIS A 240 53.11 -34.71 15.37
CA HIS A 240 53.00 -35.78 14.38
C HIS A 240 51.81 -35.61 13.43
N GLU A 241 50.64 -35.30 14.00
CA GLU A 241 49.45 -35.10 13.17
C GLU A 241 49.67 -33.95 12.18
N ALA A 242 50.11 -32.80 12.70
CA ALA A 242 50.43 -31.65 11.87
C ALA A 242 51.28 -32.07 10.67
N GLY A 243 52.31 -32.86 10.94
CA GLY A 243 53.18 -33.35 9.89
C GLY A 243 52.39 -34.21 8.91
N ARG A 244 51.47 -35.00 9.44
CA ARG A 244 50.66 -35.89 8.62
C ARG A 244 49.76 -35.11 7.66
N PHE A 245 49.39 -33.89 8.05
CA PHE A 245 48.50 -33.07 7.24
C PHE A 245 49.28 -32.09 6.34
N GLY A 246 50.61 -32.18 6.36
CA GLY A 246 51.45 -31.28 5.59
C GLY A 246 51.22 -29.85 6.03
N ILE A 247 51.14 -29.69 7.35
CA ILE A 247 50.66 -28.47 7.98
C ILE A 247 51.69 -28.00 9.00
N TYR A 248 52.74 -28.78 9.19
CA TYR A 248 53.66 -28.50 10.30
C TYR A 248 54.02 -27.01 10.42
N HIS A 249 54.49 -26.40 9.34
CA HIS A 249 54.98 -25.03 9.42
C HIS A 249 53.87 -24.06 9.78
N ARG A 250 52.69 -24.26 9.19
CA ARG A 250 51.55 -23.45 9.57
C ARG A 250 51.34 -23.61 11.07
N TYR A 251 51.27 -24.87 11.50
CA TYR A 251 51.11 -25.20 12.91
C TYR A 251 52.08 -24.41 13.80
N CYS A 252 53.35 -24.39 13.43
CA CYS A 252 54.37 -23.71 14.24
C CYS A 252 54.16 -22.20 14.34
N ILE A 253 53.65 -21.60 13.26
CA ILE A 253 53.34 -20.19 13.28
C ILE A 253 52.20 -19.89 14.26
N GLU A 254 51.18 -20.74 14.26
CA GLU A 254 50.05 -20.57 15.20
C GLU A 254 50.51 -20.73 16.67
N ARG A 255 51.29 -21.77 16.95
CA ARG A 255 51.76 -22.04 18.31
C ARG A 255 52.66 -20.91 18.85
N ALA A 256 53.65 -20.53 18.04
CA ALA A 256 54.59 -19.49 18.40
C ALA A 256 53.91 -18.14 18.60
N ALA A 257 52.76 -17.96 17.95
CA ALA A 257 52.00 -16.74 18.17
C ALA A 257 51.26 -16.80 19.49
N ALA A 258 50.92 -18.01 19.92
CA ALA A 258 50.18 -18.18 21.15
C ALA A 258 51.06 -18.01 22.39
N HIS A 259 52.32 -18.43 22.30
CA HIS A 259 53.23 -18.35 23.44
C HIS A 259 53.88 -16.96 23.57
N SER A 260 54.10 -16.29 22.45
CA SER A 260 54.87 -15.07 22.47
C SER A 260 54.00 -13.88 22.83
N ALA A 261 52.70 -14.11 22.92
CA ALA A 261 51.80 -13.03 23.22
C ALA A 261 51.67 -12.78 24.72
N ASP A 262 51.48 -11.53 25.10
CA ASP A 262 51.29 -11.22 26.50
C ASP A 262 49.99 -11.84 26.97
N VAL A 263 48.98 -11.81 26.11
CA VAL A 263 47.66 -12.33 26.44
C VAL A 263 47.19 -13.25 25.33
N PHE A 264 46.83 -14.49 25.69
CA PHE A 264 46.29 -15.46 24.72
C PHE A 264 44.79 -15.65 24.88
N THR A 265 44.06 -15.57 23.77
CA THR A 265 42.60 -15.68 23.82
C THR A 265 42.01 -16.54 22.70
N THR A 266 40.85 -17.12 22.96
CA THR A 266 40.10 -17.77 21.90
C THR A 266 38.71 -17.13 21.86
N VAL A 267 37.89 -17.52 20.89
CA VAL A 267 36.58 -16.89 20.76
C VAL A 267 35.55 -17.57 21.64
N SER A 268 35.84 -18.80 22.04
CA SER A 268 34.87 -19.56 22.81
C SER A 268 35.53 -20.47 23.83
N GLN A 269 34.74 -20.83 24.84
CA GLN A 269 35.16 -21.79 25.84
C GLN A 269 35.58 -23.12 25.26
N ILE A 270 34.93 -23.54 24.18
CA ILE A 270 35.23 -24.87 23.60
C ILE A 270 36.48 -24.82 22.72
N THR A 271 36.68 -23.68 22.07
CA THR A 271 37.92 -23.46 21.32
C THR A 271 39.09 -23.35 22.30
N ALA A 272 38.83 -22.75 23.46
CA ALA A 272 39.80 -22.70 24.55
C ALA A 272 40.23 -24.11 25.01
N PHE A 273 39.31 -25.06 25.05
CA PHE A 273 39.65 -26.44 25.39
C PHE A 273 40.58 -27.04 24.34
N GLU A 274 40.21 -26.91 23.07
CA GLU A 274 41.04 -27.32 21.92
C GLU A 274 42.48 -26.83 22.02
N ALA A 275 42.60 -25.51 22.16
CA ALA A 275 43.88 -24.80 22.17
C ALA A 275 44.79 -25.33 23.25
N GLU A 276 44.36 -25.24 24.50
CA GLU A 276 45.16 -25.74 25.61
C GLU A 276 45.88 -27.07 25.28
N HIS A 277 45.19 -28.00 24.64
CA HIS A 277 45.79 -29.31 24.41
C HIS A 277 46.44 -29.45 23.04
N LEU A 278 46.17 -28.51 22.15
CA LEU A 278 46.69 -28.59 20.79
C LEU A 278 47.78 -27.55 20.55
N LEU A 279 47.65 -26.42 21.23
CA LEU A 279 48.62 -25.34 21.10
C LEU A 279 49.57 -25.31 22.29
N LYS A 280 49.14 -25.92 23.40
CA LYS A 280 49.94 -26.03 24.62
C LYS A 280 49.97 -24.76 25.49
N ARG A 281 48.90 -23.97 25.46
CA ARG A 281 48.81 -22.84 26.36
C ARG A 281 47.38 -22.44 26.70
N LYS A 282 47.07 -22.48 27.98
CA LYS A 282 45.72 -22.23 28.43
C LYS A 282 45.35 -20.78 28.15
N PRO A 283 44.35 -20.55 27.28
CA PRO A 283 43.96 -19.16 27.06
C PRO A 283 43.76 -18.45 28.38
N ASP A 284 43.94 -17.14 28.37
CA ASP A 284 43.76 -16.33 29.58
C ASP A 284 42.33 -15.83 29.63
N GLY A 285 41.56 -16.17 28.61
CA GLY A 285 40.19 -15.69 28.53
C GLY A 285 39.51 -15.99 27.22
N ILE A 286 38.29 -15.47 27.10
CA ILE A 286 37.38 -15.77 26.01
C ILE A 286 36.91 -14.45 25.41
N LEU A 287 36.93 -14.35 24.08
CA LEU A 287 36.53 -13.13 23.37
C LEU A 287 35.37 -13.41 22.41
N PRO A 288 34.17 -13.67 22.97
CA PRO A 288 33.03 -14.23 22.23
C PRO A 288 32.52 -13.20 21.22
N ASN A 289 32.12 -13.65 20.04
CA ASN A 289 31.71 -12.70 19.01
C ASN A 289 30.35 -12.10 19.28
N GLY A 290 30.31 -10.81 19.51
CA GLY A 290 29.06 -10.08 19.61
C GLY A 290 28.60 -9.64 18.24
N LEU A 291 27.48 -8.91 18.21
CA LEU A 291 26.86 -8.53 16.95
C LEU A 291 26.38 -7.12 17.11
N ASN A 292 26.09 -6.47 15.99
CA ASN A 292 25.49 -5.15 16.04
C ASN A 292 23.98 -5.28 16.04
N VAL A 293 23.45 -5.80 17.15
CA VAL A 293 22.04 -6.10 17.33
C VAL A 293 21.10 -5.10 16.65
N ILE A 294 21.31 -3.82 16.90
CA ILE A 294 20.64 -2.74 16.16
C ILE A 294 20.33 -3.13 14.71
N LYS A 295 21.39 -3.49 13.97
CA LYS A 295 21.32 -3.76 12.53
C LYS A 295 20.41 -4.95 12.15
N PHE A 296 19.75 -5.53 13.13
CA PHE A 296 18.78 -6.60 12.86
C PHE A 296 17.34 -6.18 13.17
N GLN A 297 17.03 -4.90 12.93
CA GLN A 297 15.71 -4.36 13.31
C GLN A 297 15.49 -2.95 12.75
N LEU A 305 5.42 -9.14 12.25
CA LEU A 305 6.58 -9.28 11.36
C LEU A 305 7.01 -10.74 11.08
N HIS A 306 6.76 -11.63 12.04
CA HIS A 306 6.93 -13.06 11.85
C HIS A 306 5.69 -13.58 11.15
N ALA A 307 4.54 -13.06 11.59
CA ALA A 307 3.28 -13.40 10.95
C ALA A 307 3.43 -13.17 9.47
N LEU A 308 3.98 -12.00 9.15
CA LEU A 308 4.03 -11.53 7.78
C LEU A 308 5.02 -12.29 6.90
N LYS A 309 6.15 -12.73 7.48
CA LYS A 309 7.09 -13.54 6.70
C LYS A 309 6.75 -15.03 6.69
N LYS A 310 6.01 -15.50 7.70
CA LYS A 310 5.55 -16.88 7.72
C LYS A 310 4.62 -17.11 6.54
N GLU A 311 3.84 -16.09 6.19
CA GLU A 311 2.91 -16.19 5.06
C GLU A 311 3.66 -16.44 3.77
N LYS A 312 4.82 -15.82 3.61
CA LYS A 312 5.58 -16.02 2.38
C LYS A 312 6.07 -17.46 2.27
N ILE A 313 6.29 -18.09 3.42
CA ILE A 313 6.73 -19.48 3.43
C ILE A 313 5.52 -20.37 3.22
N ASN A 314 4.36 -19.90 3.66
CA ASN A 314 3.12 -20.60 3.44
C ASN A 314 2.80 -20.68 1.94
N ASP A 315 3.11 -19.61 1.22
CA ASP A 315 2.92 -19.52 -0.22
C ASP A 315 3.79 -20.54 -0.96
N PHE A 316 5.07 -20.61 -0.58
CA PHE A 316 5.99 -21.54 -1.21
C PHE A 316 5.56 -22.97 -0.98
N VAL A 317 5.01 -23.24 0.20
CA VAL A 317 4.68 -24.59 0.61
C VAL A 317 3.44 -25.06 -0.13
N ARG A 318 2.48 -24.16 -0.29
CA ARG A 318 1.27 -24.49 -1.01
C ARG A 318 1.57 -24.82 -2.48
N GLY A 319 2.58 -24.18 -3.03
CA GLY A 319 2.96 -24.40 -4.42
C GLY A 319 3.91 -25.57 -4.56
N HIS A 320 4.46 -26.02 -3.45
CA HIS A 320 5.44 -27.09 -3.55
C HIS A 320 4.72 -28.40 -3.38
N PHE A 321 3.64 -28.34 -2.61
CA PHE A 321 2.84 -29.51 -2.28
C PHE A 321 1.49 -29.48 -3.00
N HIS A 322 1.42 -28.73 -4.09
CA HIS A 322 0.22 -28.74 -4.91
C HIS A 322 -0.06 -30.17 -5.34
N GLY A 323 -1.32 -30.57 -5.25
CA GLY A 323 -1.70 -31.90 -5.70
C GLY A 323 -1.57 -32.95 -4.62
N CYS A 324 -0.96 -32.59 -3.50
CA CYS A 324 -1.05 -33.42 -2.29
C CYS A 324 -0.92 -32.59 -1.04
N PHE A 325 -1.71 -31.52 -0.97
CA PHE A 325 -1.71 -30.64 0.18
C PHE A 325 -2.79 -31.11 1.14
N ASP A 326 -2.43 -32.05 1.98
CA ASP A 326 -3.41 -32.64 2.89
C ASP A 326 -3.16 -32.34 4.35
N PHE A 327 -2.43 -31.27 4.64
CA PHE A 327 -2.18 -30.92 6.03
C PHE A 327 -2.60 -29.50 6.41
N ASP A 328 -2.79 -29.26 7.71
CA ASP A 328 -3.22 -27.96 8.21
C ASP A 328 -2.04 -26.98 8.46
N LEU A 329 -1.98 -25.90 7.68
CA LEU A 329 -0.90 -24.93 7.83
C LEU A 329 -0.97 -24.16 9.15
N ASP A 330 -2.12 -24.22 9.82
CA ASP A 330 -2.27 -23.62 11.13
C ASP A 330 -1.78 -24.61 12.18
N ASN A 331 -1.31 -25.75 11.72
CA ASN A 331 -0.81 -26.79 12.61
C ASN A 331 0.56 -27.24 12.16
N THR A 332 1.18 -26.44 11.31
CA THR A 332 2.50 -26.77 10.76
C THR A 332 3.59 -25.83 11.27
N LEU A 333 4.71 -26.43 11.67
CA LEU A 333 5.87 -25.70 12.17
C LEU A 333 7.03 -25.78 11.18
N TYR A 334 7.74 -24.67 11.05
CA TYR A 334 8.89 -24.62 10.15
C TYR A 334 10.25 -24.67 10.86
N PHE A 335 10.95 -25.79 10.75
CA PHE A 335 12.34 -25.92 11.21
C PHE A 335 13.29 -25.54 10.09
N PHE A 336 14.47 -25.03 10.42
CA PHE A 336 15.49 -24.87 9.39
C PHE A 336 16.88 -24.99 9.93
N ILE A 337 17.79 -25.44 9.07
CA ILE A 337 19.21 -25.38 9.32
C ILE A 337 19.81 -24.50 8.24
N ALA A 338 20.90 -23.81 8.57
CA ALA A 338 21.56 -22.91 7.63
C ALA A 338 23.04 -22.73 7.91
N GLY A 339 23.76 -22.26 6.90
CA GLY A 339 25.18 -22.02 7.02
C GLY A 339 25.97 -22.52 5.82
N ARG A 340 27.29 -22.64 5.99
CA ARG A 340 28.12 -23.23 4.95
C ARG A 340 27.77 -24.69 4.81
N TYR A 341 27.85 -25.19 3.60
CA TYR A 341 27.68 -26.61 3.37
C TYR A 341 28.91 -27.32 3.91
N GLU A 342 28.91 -27.60 5.22
CA GLU A 342 29.90 -28.51 5.82
C GLU A 342 29.09 -29.67 6.39
N TYR A 343 29.06 -30.79 5.69
CA TYR A 343 28.09 -31.83 6.00
C TYR A 343 28.20 -32.32 7.43
N LYS A 344 29.39 -32.75 7.83
CA LYS A 344 29.61 -33.28 9.17
C LYS A 344 29.73 -32.17 10.19
N ASN A 345 30.59 -31.19 9.91
CA ASN A 345 30.91 -30.12 10.85
C ASN A 345 29.72 -29.31 11.31
N LYS A 346 28.86 -28.89 10.40
CA LYS A 346 27.70 -28.10 10.78
C LYS A 346 26.51 -28.96 11.16
N GLY A 347 26.75 -30.27 11.28
CA GLY A 347 25.74 -31.20 11.76
C GLY A 347 24.54 -31.50 10.87
N ALA A 348 24.76 -31.54 9.56
CA ALA A 348 23.66 -31.78 8.62
C ALA A 348 23.14 -33.18 8.83
N ASP A 349 24.05 -34.16 8.85
CA ASP A 349 23.72 -35.55 9.14
C ASP A 349 22.88 -35.74 10.41
N MET A 350 23.27 -35.08 11.51
CA MET A 350 22.49 -35.18 12.74
C MET A 350 21.12 -34.52 12.63
N PHE A 351 20.98 -33.57 11.72
CA PHE A 351 19.73 -32.85 11.54
C PHE A 351 18.75 -33.76 10.80
N ILE A 352 19.22 -34.37 9.73
CA ILE A 352 18.38 -35.20 8.91
C ILE A 352 18.00 -36.44 9.67
N GLU A 353 18.99 -37.17 10.16
CA GLU A 353 18.75 -38.35 10.98
C GLU A 353 17.72 -38.08 12.08
N ALA A 354 17.93 -37.01 12.84
CA ALA A 354 17.04 -36.65 13.93
C ALA A 354 15.65 -36.29 13.41
N LEU A 355 15.57 -36.00 12.13
CA LEU A 355 14.32 -35.63 11.51
C LEU A 355 13.55 -36.91 11.15
N ALA A 356 14.26 -37.89 10.58
CA ALA A 356 13.68 -39.19 10.28
C ALA A 356 13.08 -39.88 11.51
N ARG A 357 13.81 -39.85 12.63
CA ARG A 357 13.30 -40.36 13.89
C ARG A 357 12.10 -39.53 14.36
N LEU A 358 12.19 -38.20 14.30
CA LEU A 358 11.07 -37.36 14.72
C LEU A 358 9.81 -37.65 13.92
N ASN A 359 9.99 -38.18 12.71
CA ASN A 359 8.87 -38.66 11.91
C ASN A 359 8.15 -39.76 12.67
N TYR A 360 8.83 -40.91 12.79
CA TYR A 360 8.40 -42.03 13.62
C TYR A 360 7.67 -41.60 14.90
N ARG A 361 8.36 -40.91 15.80
CA ARG A 361 7.71 -40.43 17.03
C ARG A 361 6.40 -39.65 16.85
N LEU A 362 6.17 -39.11 15.65
CA LEU A 362 4.97 -38.33 15.41
C LEU A 362 3.93 -39.21 14.73
N LYS A 363 4.39 -40.07 13.84
CA LYS A 363 3.52 -41.11 13.30
C LYS A 363 2.99 -41.93 14.49
N VAL A 364 3.92 -42.64 15.15
CA VAL A 364 3.62 -43.56 16.24
C VAL A 364 2.83 -42.95 17.40
N SER A 365 2.81 -41.64 17.53
CA SER A 365 1.96 -41.06 18.57
C SER A 365 0.67 -40.53 17.94
N GLY A 366 0.52 -40.78 16.65
CA GLY A 366 -0.59 -40.24 15.89
C GLY A 366 -0.71 -38.75 16.13
N SER A 367 0.40 -38.04 15.98
CA SER A 367 0.36 -36.59 16.19
C SER A 367 -0.43 -35.98 15.06
N LYS A 368 -1.04 -34.85 15.35
CA LYS A 368 -1.88 -34.11 14.43
C LYS A 368 -1.05 -33.06 13.67
N LYS A 369 0.12 -32.75 14.21
CA LYS A 369 0.93 -31.65 13.70
C LYS A 369 1.84 -32.03 12.53
N THR A 370 2.29 -31.02 11.78
CA THR A 370 3.21 -31.27 10.67
C THR A 370 4.42 -30.35 10.75
N VAL A 371 5.59 -30.91 10.43
CA VAL A 371 6.84 -30.19 10.47
C VAL A 371 7.47 -30.13 9.08
N VAL A 372 7.59 -28.94 8.50
CA VAL A 372 8.33 -28.79 7.25
C VAL A 372 9.71 -28.24 7.57
N ALA A 373 10.74 -29.06 7.35
CA ALA A 373 12.10 -28.71 7.71
C ALA A 373 12.92 -28.32 6.49
N PHE A 374 13.37 -27.08 6.42
CA PHE A 374 14.20 -26.63 5.30
C PHE A 374 15.68 -26.85 5.57
N ILE A 375 16.45 -27.09 4.51
CA ILE A 375 17.91 -27.07 4.58
C ILE A 375 18.45 -26.00 3.64
N VAL A 376 19.01 -24.93 4.21
CA VAL A 376 19.49 -23.85 3.37
C VAL A 376 21.00 -23.85 3.31
N MET A 377 21.58 -24.73 2.51
CA MET A 377 23.02 -24.82 2.43
C MET A 377 23.46 -24.76 0.97
N PRO A 378 24.13 -23.65 0.60
CA PRO A 378 24.55 -23.39 -0.78
C PRO A 378 25.40 -24.53 -1.34
N ALA A 379 25.00 -25.07 -2.50
CA ALA A 379 25.73 -26.15 -3.16
C ALA A 379 25.87 -25.86 -4.65
N LYS A 380 26.68 -26.66 -5.34
CA LYS A 380 26.84 -26.54 -6.79
C LYS A 380 25.55 -26.89 -7.54
N ASN A 381 25.02 -25.95 -8.32
CA ASN A 381 23.71 -26.15 -8.99
C ASN A 381 23.46 -25.41 -10.33
N ASN A 382 22.37 -25.80 -10.98
CA ASN A 382 21.86 -25.08 -12.16
C ASN A 382 20.44 -24.59 -11.91
N SER A 383 20.34 -23.60 -11.02
CA SER A 383 19.04 -23.03 -10.66
C SER A 383 17.93 -24.06 -10.43
N PHE A 384 16.72 -23.53 -10.28
CA PHE A 384 15.52 -24.27 -9.89
C PHE A 384 15.04 -25.34 -10.89
N THR A 385 14.39 -26.38 -10.38
CA THR A 385 13.86 -27.46 -11.23
C THR A 385 12.60 -27.03 -11.96
N VAL A 386 12.46 -27.47 -13.20
CA VAL A 386 11.23 -27.21 -13.93
C VAL A 386 10.03 -27.55 -13.03
N GLU A 387 10.11 -28.70 -12.36
CA GLU A 387 9.02 -29.18 -11.53
C GLU A 387 8.69 -28.18 -10.41
N ALA A 388 9.73 -27.68 -9.76
CA ALA A 388 9.55 -26.75 -8.66
C ALA A 388 9.00 -25.42 -9.15
N LEU A 389 9.53 -24.94 -10.27
CA LEU A 389 9.03 -23.68 -10.82
C LEU A 389 7.57 -23.81 -11.21
N LYS A 390 7.21 -24.90 -11.89
CA LYS A 390 5.83 -25.08 -12.33
C LYS A 390 4.85 -25.04 -11.16
N GLY A 391 5.14 -25.81 -10.12
CA GLY A 391 4.27 -25.86 -8.96
C GLY A 391 3.90 -24.48 -8.47
N GLN A 392 4.85 -23.56 -8.56
CA GLN A 392 4.70 -22.25 -7.98
C GLN A 392 3.86 -21.35 -8.87
N ALA A 393 4.10 -21.45 -10.16
CA ALA A 393 3.41 -20.60 -11.12
C ALA A 393 1.91 -20.91 -11.20
N GLU A 394 1.56 -22.18 -10.98
CA GLU A 394 0.16 -22.61 -11.05
C GLU A 394 -0.58 -22.21 -9.79
N VAL A 395 0.10 -22.25 -8.66
CA VAL A 395 -0.51 -21.78 -7.42
C VAL A 395 -0.63 -20.25 -7.40
N ARG A 396 0.28 -19.54 -8.06
CA ARG A 396 0.05 -18.12 -8.31
C ARG A 396 -1.19 -17.88 -9.18
N ALA A 397 -1.31 -18.62 -10.27
CA ALA A 397 -2.46 -18.51 -11.15
C ALA A 397 -3.76 -18.75 -10.39
N LEU A 398 -3.77 -19.77 -9.55
CA LEU A 398 -4.95 -20.05 -8.72
C LEU A 398 -5.27 -18.84 -7.88
N GLU A 399 -4.28 -18.42 -7.09
CA GLU A 399 -4.40 -17.24 -6.26
C GLU A 399 -5.02 -16.08 -7.05
N ASN A 400 -4.45 -15.77 -8.21
CA ASN A 400 -4.93 -14.66 -9.06
C ASN A 400 -6.35 -14.86 -9.56
N THR A 401 -6.70 -16.11 -9.86
CA THR A 401 -8.05 -16.43 -10.32
C THR A 401 -9.08 -16.26 -9.18
N VAL A 402 -8.75 -16.78 -8.01
CA VAL A 402 -9.63 -16.62 -6.87
C VAL A 402 -9.84 -15.14 -6.54
N HIS A 403 -8.75 -14.37 -6.57
CA HIS A 403 -8.84 -12.92 -6.36
C HIS A 403 -9.86 -12.30 -7.30
N GLU A 404 -9.60 -12.39 -8.61
CA GLU A 404 -10.55 -11.95 -9.64
C GLU A 404 -12.00 -12.32 -9.33
N VAL A 405 -12.23 -13.59 -9.04
CA VAL A 405 -13.56 -14.11 -8.84
C VAL A 405 -14.23 -13.52 -7.61
N THR A 406 -13.50 -13.48 -6.49
CA THR A 406 -14.06 -12.92 -5.24
C THR A 406 -14.36 -11.42 -5.33
N THR A 407 -13.45 -10.63 -5.88
CA THR A 407 -13.74 -9.21 -5.97
C THR A 407 -14.94 -8.95 -6.88
N SER A 408 -15.24 -9.90 -7.77
CA SER A 408 -16.48 -9.85 -8.54
C SER A 408 -17.68 -10.16 -7.65
N ILE A 409 -17.52 -11.18 -6.80
CA ILE A 409 -18.57 -11.57 -5.88
C ILE A 409 -18.94 -10.39 -5.00
N GLY A 410 -17.92 -9.73 -4.45
CA GLY A 410 -18.12 -8.54 -3.64
C GLY A 410 -18.87 -7.44 -4.36
N LYS A 411 -18.42 -7.07 -5.55
CA LYS A 411 -19.13 -6.05 -6.33
C LYS A 411 -20.58 -6.44 -6.59
N ARG A 412 -20.87 -7.73 -6.66
CA ARG A 412 -22.26 -8.18 -6.89
C ARG A 412 -23.07 -8.32 -5.60
N ILE A 413 -22.39 -8.61 -4.49
CA ILE A 413 -23.06 -8.56 -3.18
C ILE A 413 -23.36 -7.10 -2.83
N PHE A 414 -22.35 -6.25 -2.95
CA PHE A 414 -22.54 -4.83 -2.65
C PHE A 414 -23.65 -4.22 -3.49
N ASP A 415 -23.57 -4.37 -4.82
CA ASP A 415 -24.53 -3.71 -5.69
C ASP A 415 -25.95 -4.17 -5.48
N HIS A 416 -26.10 -5.27 -4.74
CA HIS A 416 -27.42 -5.76 -4.39
C HIS A 416 -27.87 -5.06 -3.12
N ALA A 417 -27.04 -5.13 -2.09
CA ALA A 417 -27.37 -4.47 -0.84
C ALA A 417 -27.75 -3.02 -1.08
N ILE A 418 -26.80 -2.23 -1.56
CA ILE A 418 -27.05 -0.82 -1.77
C ILE A 418 -28.36 -0.54 -2.54
N ARG A 419 -28.70 -1.37 -3.51
CA ARG A 419 -29.81 -1.07 -4.42
C ARG A 419 -31.17 -1.46 -3.82
N TYR A 420 -31.13 -1.93 -2.57
CA TYR A 420 -32.33 -2.36 -1.83
C TYR A 420 -33.25 -1.22 -1.37
N PRO A 421 -34.58 -1.38 -1.57
CA PRO A 421 -35.28 -2.61 -1.99
C PRO A 421 -35.05 -2.97 -3.46
N GLU A 435 -25.69 -19.50 -6.18
CA GLU A 435 -24.74 -19.35 -7.27
C GLU A 435 -24.45 -17.87 -7.56
N LEU A 436 -23.57 -17.28 -6.76
CA LEU A 436 -23.08 -15.92 -6.98
C LEU A 436 -21.98 -15.96 -8.02
N LEU A 437 -21.59 -17.18 -8.39
CA LEU A 437 -20.61 -17.42 -9.42
C LEU A 437 -21.31 -17.62 -10.73
N LYS A 438 -21.08 -16.75 -11.70
CA LYS A 438 -21.60 -17.06 -13.03
C LYS A 438 -20.79 -18.24 -13.57
N SER A 439 -21.22 -18.82 -14.69
CA SER A 439 -20.50 -19.97 -15.21
C SER A 439 -19.14 -19.56 -15.81
N SER A 440 -19.02 -18.29 -16.16
CA SER A 440 -17.76 -17.75 -16.66
C SER A 440 -16.65 -17.91 -15.62
N ASP A 441 -17.00 -17.59 -14.37
CA ASP A 441 -16.08 -17.70 -13.25
C ASP A 441 -15.88 -19.17 -12.86
N LYS A 442 -16.92 -19.98 -13.07
CA LYS A 442 -16.82 -21.41 -12.80
C LYS A 442 -15.83 -22.12 -13.74
N VAL A 443 -15.78 -21.68 -14.99
CA VAL A 443 -14.87 -22.28 -15.95
C VAL A 443 -13.42 -22.04 -15.52
N MET A 444 -13.02 -20.77 -15.44
CA MET A 444 -11.64 -20.43 -15.05
C MET A 444 -11.19 -21.00 -13.70
N LEU A 445 -12.10 -21.09 -12.75
CA LEU A 445 -11.79 -21.73 -11.48
C LEU A 445 -11.41 -23.18 -11.72
N LYS A 446 -12.29 -23.90 -12.42
CA LYS A 446 -12.11 -25.33 -12.70
C LYS A 446 -10.75 -25.60 -13.35
N ARG A 447 -10.44 -24.85 -14.40
CA ARG A 447 -9.12 -24.94 -15.02
C ARG A 447 -7.94 -24.84 -14.02
N ARG A 448 -7.88 -23.78 -13.22
CA ARG A 448 -6.77 -23.63 -12.29
C ARG A 448 -6.66 -24.78 -11.30
N ILE A 449 -7.78 -25.17 -10.71
CA ILE A 449 -7.78 -26.33 -9.82
C ILE A 449 -7.18 -27.54 -10.52
N LEU A 450 -7.64 -27.82 -11.73
CA LEU A 450 -7.14 -28.95 -12.50
C LEU A 450 -5.62 -28.90 -12.71
N ALA A 451 -5.09 -27.74 -13.04
CA ALA A 451 -3.65 -27.62 -13.31
C ALA A 451 -2.79 -28.13 -12.16
N LEU A 452 -3.41 -28.23 -10.99
CA LEU A 452 -2.68 -28.54 -9.77
C LEU A 452 -2.47 -30.01 -9.59
N ARG A 453 -3.12 -30.80 -10.44
CA ARG A 453 -3.08 -32.26 -10.38
C ARG A 453 -1.64 -32.79 -10.41
N ARG A 454 -1.34 -33.66 -9.45
CA ARG A 454 -0.06 -34.37 -9.38
C ARG A 454 -0.11 -35.65 -10.22
N PRO A 455 0.78 -35.78 -11.22
CA PRO A 455 0.96 -37.04 -11.95
C PRO A 455 0.86 -38.25 -11.02
N GLU A 456 0.45 -39.39 -11.55
CA GLU A 456 0.17 -40.57 -10.73
C GLU A 456 1.34 -40.98 -9.82
N GLY A 457 1.18 -40.78 -8.51
CA GLY A 457 2.14 -41.25 -7.53
C GLY A 457 3.41 -40.42 -7.33
N GLN A 458 3.54 -39.35 -8.11
CA GLN A 458 4.69 -38.44 -7.99
C GLN A 458 4.63 -37.66 -6.67
N LEU A 459 5.78 -37.49 -6.03
CA LEU A 459 5.80 -36.84 -4.71
C LEU A 459 6.49 -35.49 -4.73
N PRO A 460 6.06 -34.60 -3.82
CA PRO A 460 6.68 -33.27 -3.77
C PRO A 460 8.18 -33.45 -3.61
N PRO A 461 8.97 -32.77 -4.43
CA PRO A 461 10.41 -33.02 -4.44
C PRO A 461 11.06 -32.74 -3.09
N ILE A 462 12.27 -33.23 -2.90
CA ILE A 462 13.03 -32.95 -1.68
C ILE A 462 14.12 -31.93 -2.00
N VAL A 463 14.10 -31.41 -3.22
CA VAL A 463 15.07 -30.43 -3.64
C VAL A 463 14.36 -29.42 -4.49
N THR A 464 14.72 -28.15 -4.35
CA THR A 464 14.15 -27.13 -5.19
C THR A 464 15.03 -26.92 -6.42
N HIS A 465 16.19 -27.57 -6.45
CA HIS A 465 17.22 -27.22 -7.41
C HIS A 465 17.81 -28.38 -8.23
N ASN A 466 18.31 -28.04 -9.41
CA ASN A 466 19.11 -28.98 -10.17
C ASN A 466 20.50 -29.05 -9.53
N MET A 467 20.79 -30.19 -8.91
CA MET A 467 22.10 -30.41 -8.33
C MET A 467 23.11 -30.73 -9.44
N VAL A 468 24.29 -30.11 -9.37
CA VAL A 468 25.38 -30.47 -10.27
C VAL A 468 25.80 -31.90 -9.97
N ASP A 469 26.09 -32.18 -8.71
CA ASP A 469 26.51 -33.53 -8.32
C ASP A 469 25.39 -34.25 -7.57
N ASP A 470 24.39 -34.70 -8.32
CA ASP A 470 23.17 -35.27 -7.74
C ASP A 470 23.38 -36.65 -7.05
N ALA A 471 24.28 -37.48 -7.62
CA ALA A 471 24.55 -38.82 -7.06
C ALA A 471 25.41 -38.85 -5.80
N ASN A 472 26.36 -37.92 -5.67
CA ASN A 472 27.28 -37.96 -4.53
C ASN A 472 26.91 -37.03 -3.37
N ASP A 473 26.14 -36.00 -3.67
CA ASP A 473 25.81 -35.00 -2.67
C ASP A 473 25.33 -35.59 -1.35
N LEU A 474 26.03 -35.29 -0.26
CA LEU A 474 25.75 -35.92 1.03
C LEU A 474 24.36 -35.65 1.58
N ILE A 475 23.94 -34.38 1.61
CA ILE A 475 22.59 -34.06 2.08
C ILE A 475 21.55 -34.92 1.34
N LEU A 476 21.61 -34.87 0.00
CA LEU A 476 20.67 -35.63 -0.82
C LEU A 476 20.69 -37.12 -0.48
N ASN A 477 21.87 -37.72 -0.49
CA ASN A 477 22.01 -39.13 -0.14
C ASN A 477 21.64 -39.50 1.30
N LYS A 478 21.71 -38.55 2.23
CA LYS A 478 21.27 -38.83 3.57
C LYS A 478 19.75 -38.97 3.56
N ILE A 479 19.06 -37.95 3.04
CA ILE A 479 17.60 -37.95 3.08
C ILE A 479 17.01 -39.12 2.29
N ARG A 480 17.74 -39.58 1.29
CA ARG A 480 17.37 -40.81 0.57
C ARG A 480 17.49 -42.01 1.49
N GLN A 481 18.67 -42.20 2.04
CA GLN A 481 18.91 -43.30 2.96
C GLN A 481 17.91 -43.38 4.13
N VAL A 482 17.46 -42.24 4.67
CA VAL A 482 16.45 -42.30 5.75
C VAL A 482 15.03 -42.30 5.21
N GLN A 483 14.90 -42.06 3.90
CA GLN A 483 13.61 -42.07 3.21
C GLN A 483 12.56 -41.10 3.73
N LEU A 484 12.94 -39.83 3.84
CA LEU A 484 11.96 -38.78 4.06
C LEU A 484 11.62 -38.21 2.69
N PHE A 485 10.61 -38.79 2.05
CA PHE A 485 10.33 -38.48 0.65
C PHE A 485 9.10 -37.61 0.44
N ASN A 486 8.50 -37.15 1.53
CA ASN A 486 7.36 -36.23 1.46
C ASN A 486 6.04 -36.91 1.12
N SER A 487 5.92 -38.16 1.55
CA SER A 487 4.66 -38.87 1.45
C SER A 487 3.65 -38.18 2.33
N PRO A 488 2.35 -38.50 2.14
CA PRO A 488 1.32 -37.94 3.02
C PRO A 488 1.34 -38.55 4.43
N SER A 489 1.83 -39.79 4.53
CA SER A 489 2.02 -40.43 5.84
C SER A 489 2.97 -39.60 6.68
N ASP A 490 4.15 -39.31 6.11
CA ASP A 490 5.24 -38.59 6.76
C ASP A 490 4.80 -37.26 7.37
N ARG A 491 5.04 -37.14 8.67
CA ARG A 491 4.58 -36.00 9.46
C ARG A 491 5.64 -34.88 9.50
N VAL A 492 6.83 -35.19 8.99
CA VAL A 492 7.85 -34.20 8.72
C VAL A 492 8.19 -34.24 7.23
N LYS A 493 8.00 -33.12 6.55
CA LYS A 493 8.43 -32.98 5.16
C LYS A 493 9.84 -32.38 5.08
N MET A 494 10.44 -32.47 3.90
CA MET A 494 11.85 -32.19 3.72
C MET A 494 12.11 -31.32 2.49
N ILE A 495 12.91 -30.27 2.63
CA ILE A 495 13.09 -29.31 1.54
C ILE A 495 14.50 -28.74 1.50
N PHE A 496 15.34 -29.32 0.65
CA PHE A 496 16.71 -28.89 0.46
C PHE A 496 16.83 -27.72 -0.55
N HIS A 497 17.16 -26.54 -0.05
CA HIS A 497 17.30 -25.36 -0.89
C HIS A 497 18.77 -24.94 -1.02
N PRO A 498 19.48 -25.52 -2.00
CA PRO A 498 20.94 -25.51 -2.05
C PRO A 498 21.51 -24.21 -2.60
N GLU A 499 21.03 -23.07 -2.10
CA GLU A 499 21.43 -21.77 -2.62
C GLU A 499 20.93 -20.67 -1.70
N PHE A 500 21.74 -19.62 -1.56
CA PHE A 500 21.35 -18.42 -0.80
C PHE A 500 19.93 -17.98 -1.10
N LEU A 501 19.18 -17.66 -0.06
CA LEU A 501 17.83 -17.16 -0.25
C LEU A 501 17.90 -15.71 -0.74
N ASN A 502 16.98 -15.35 -1.62
CA ASN A 502 17.00 -14.04 -2.23
C ASN A 502 15.59 -13.51 -2.44
N ALA A 503 15.32 -12.31 -1.92
CA ALA A 503 13.97 -11.78 -1.89
C ALA A 503 13.29 -11.87 -3.24
N ASN A 504 14.08 -11.65 -4.29
CA ASN A 504 13.52 -11.60 -5.64
C ASN A 504 13.69 -12.88 -6.42
N ASN A 505 13.31 -14.01 -5.80
CA ASN A 505 13.34 -15.32 -6.43
C ASN A 505 11.93 -15.79 -6.74
N PRO A 506 11.80 -16.71 -7.72
CA PRO A 506 10.53 -17.26 -8.22
C PRO A 506 9.94 -18.30 -7.30
N ILE A 507 10.74 -18.83 -6.38
CA ILE A 507 10.29 -19.92 -5.54
C ILE A 507 10.16 -19.54 -4.07
N LEU A 508 11.28 -19.35 -3.39
CA LEU A 508 11.20 -19.04 -1.96
C LEU A 508 11.54 -17.56 -1.75
N GLY A 509 10.60 -16.69 -2.18
CA GLY A 509 10.84 -15.25 -2.32
C GLY A 509 11.03 -14.46 -1.04
N LEU A 510 12.18 -14.67 -0.41
CA LEU A 510 12.48 -14.14 0.90
C LEU A 510 13.96 -13.89 0.99
N ASP A 511 14.35 -12.84 1.70
CA ASP A 511 15.75 -12.69 2.04
C ASP A 511 15.97 -13.54 3.26
N TYR A 512 17.19 -14.02 3.44
CA TYR A 512 17.50 -14.87 4.58
C TYR A 512 16.92 -14.27 5.87
N ASP A 513 17.11 -12.97 6.07
CA ASP A 513 16.65 -12.37 7.31
C ASP A 513 15.13 -12.48 7.49
N GLU A 514 14.37 -12.31 6.41
CA GLU A 514 12.90 -12.48 6.47
C GLU A 514 12.52 -13.93 6.76
N PHE A 515 13.16 -14.86 6.04
CA PHE A 515 12.95 -16.30 6.18
C PHE A 515 13.12 -16.79 7.62
N VAL A 516 14.20 -16.39 8.27
CA VAL A 516 14.45 -16.81 9.64
C VAL A 516 13.27 -16.36 10.52
N ARG A 517 12.84 -15.12 10.34
CA ARG A 517 11.77 -14.61 11.17
C ARG A 517 10.47 -15.33 10.93
N GLY A 518 10.33 -15.88 9.71
CA GLY A 518 9.14 -16.58 9.32
C GLY A 518 9.10 -17.99 9.85
N CYS A 519 10.24 -18.49 10.28
CA CYS A 519 10.28 -19.83 10.83
C CYS A 519 9.90 -19.90 12.29
N HIS A 520 10.00 -21.10 12.84
CA HIS A 520 9.60 -21.35 14.21
C HIS A 520 10.78 -21.73 15.09
N LEU A 521 11.69 -22.51 14.50
CA LEU A 521 12.82 -23.06 15.22
C LEU A 521 14.03 -23.17 14.28
N GLY A 522 15.22 -22.82 14.76
CA GLY A 522 16.44 -23.02 14.00
C GLY A 522 17.21 -24.17 14.61
N VAL A 523 17.77 -25.05 13.80
CA VAL A 523 18.41 -26.24 14.32
C VAL A 523 19.80 -26.39 13.75
N PHE A 524 20.79 -26.12 14.59
CA PHE A 524 22.19 -26.09 14.20
C PHE A 524 22.92 -27.04 15.12
N PRO A 525 23.02 -28.30 14.72
CA PRO A 525 23.60 -29.37 15.52
C PRO A 525 25.08 -29.53 15.22
N SER A 526 25.83 -28.45 15.39
CA SER A 526 27.20 -28.41 14.93
C SER A 526 28.11 -29.39 15.68
N TYR A 527 29.12 -29.87 14.97
CA TYR A 527 30.17 -30.66 15.58
C TYR A 527 31.45 -29.80 15.73
N TYR A 528 31.82 -29.07 14.67
CA TYR A 528 32.95 -28.16 14.74
C TYR A 528 32.59 -26.73 14.36
N GLU A 529 32.58 -25.86 15.37
CA GLU A 529 32.06 -24.53 15.18
C GLU A 529 32.64 -23.67 16.30
N PRO A 530 33.82 -23.08 16.03
CA PRO A 530 34.54 -22.29 17.04
C PRO A 530 33.71 -21.14 17.57
N TRP A 531 32.89 -20.51 16.72
CA TRP A 531 31.86 -19.63 17.27
C TRP A 531 30.44 -20.06 16.87
N GLY A 532 30.05 -19.79 15.62
CA GLY A 532 28.71 -20.07 15.18
C GLY A 532 27.88 -18.83 14.99
N TYR A 533 28.25 -18.03 14.00
CA TYR A 533 27.51 -16.82 13.73
C TYR A 533 26.06 -17.05 13.33
N THR A 534 25.76 -18.25 12.86
CA THR A 534 24.44 -18.57 12.29
C THR A 534 23.35 -18.83 13.34
N PRO A 535 23.65 -19.67 14.35
CA PRO A 535 22.77 -19.78 15.52
C PRO A 535 22.60 -18.46 16.21
N ALA A 536 23.64 -17.64 16.16
CA ALA A 536 23.75 -16.43 16.97
C ALA A 536 22.90 -15.29 16.47
N GLU A 537 22.68 -15.22 15.16
CA GLU A 537 21.82 -14.18 14.62
C GLU A 537 20.42 -14.73 14.42
N CYS A 538 20.27 -16.02 14.74
CA CYS A 538 18.95 -16.60 14.84
C CYS A 538 18.29 -16.06 16.10
N THR A 539 19.06 -16.11 17.18
CA THR A 539 18.62 -15.63 18.48
C THR A 539 18.38 -14.14 18.47
N VAL A 540 19.27 -13.38 17.85
CA VAL A 540 19.11 -11.94 17.82
C VAL A 540 17.86 -11.52 17.04
N MET A 541 17.46 -12.36 16.09
CA MET A 541 16.28 -12.07 15.29
C MET A 541 15.00 -12.40 16.04
N GLY A 542 15.13 -13.16 17.11
CA GLY A 542 14.01 -13.46 18.00
C GLY A 542 13.37 -14.82 17.77
N VAL A 543 14.20 -15.81 17.44
CA VAL A 543 13.73 -17.09 16.96
C VAL A 543 14.46 -18.20 17.67
N PRO A 544 13.71 -19.08 18.35
CA PRO A 544 14.24 -20.20 19.12
C PRO A 544 15.23 -21.01 18.32
N SER A 545 16.19 -21.63 18.99
CA SER A 545 17.26 -22.33 18.30
C SER A 545 17.80 -23.48 19.10
N ILE A 546 18.22 -24.51 18.40
CA ILE A 546 18.93 -25.62 18.99
C ILE A 546 20.37 -25.52 18.56
N THR A 547 21.28 -25.47 19.52
CA THR A 547 22.70 -25.52 19.20
C THR A 547 23.38 -26.55 20.08
N THR A 548 24.69 -26.43 20.25
CA THR A 548 25.47 -27.55 20.74
C THR A 548 26.54 -27.12 21.73
N ASN A 549 26.89 -28.00 22.66
CA ASN A 549 27.88 -27.64 23.66
C ASN A 549 29.34 -27.70 23.15
N VAL A 550 29.53 -28.15 21.90
CA VAL A 550 30.80 -28.04 21.22
C VAL A 550 30.78 -26.98 20.12
N SER A 551 29.78 -26.11 20.19
CA SER A 551 29.71 -24.95 19.34
C SER A 551 30.04 -23.77 20.22
N GLY A 552 30.97 -22.94 19.76
CA GLY A 552 31.36 -21.78 20.52
C GLY A 552 30.15 -21.10 21.11
N PHE A 553 29.27 -20.60 20.25
CA PHE A 553 28.12 -19.81 20.70
C PHE A 553 27.26 -20.67 21.62
N GLY A 554 27.22 -21.96 21.30
CA GLY A 554 26.54 -22.93 22.14
C GLY A 554 27.16 -22.97 23.54
N SER A 555 28.44 -23.30 23.63
CA SER A 555 29.13 -23.30 24.92
C SER A 555 29.03 -21.95 25.63
N TYR A 556 29.12 -20.86 24.88
CA TYR A 556 29.08 -19.55 25.49
C TYR A 556 27.70 -19.35 26.08
N MET A 557 26.70 -19.89 25.40
CA MET A 557 25.32 -19.69 25.81
C MET A 557 24.99 -20.55 27.05
N GLU A 558 25.48 -21.79 27.06
CA GLU A 558 25.32 -22.70 28.20
C GLU A 558 25.63 -22.03 29.55
N ASP A 559 26.49 -21.02 29.54
CA ASP A 559 26.87 -20.31 30.76
C ASP A 559 25.91 -19.19 31.14
N LEU A 560 25.62 -18.32 30.19
CA LEU A 560 24.75 -17.17 30.44
C LEU A 560 23.33 -17.53 30.95
N ALA A 566 16.36 -21.79 31.22
CA ALA A 566 17.30 -22.39 30.28
C ALA A 566 16.70 -22.55 28.86
N LYS A 567 16.00 -23.67 28.63
CA LYS A 567 15.29 -23.92 27.37
C LYS A 567 14.03 -23.06 27.23
N ASP A 568 13.59 -22.50 28.35
CA ASP A 568 12.38 -21.71 28.34
C ASP A 568 12.67 -20.37 27.68
N TYR A 569 13.95 -20.09 27.45
CA TYR A 569 14.37 -18.83 26.83
C TYR A 569 14.65 -18.99 25.34
N GLY A 570 14.31 -20.15 24.79
CA GLY A 570 14.42 -20.38 23.37
C GLY A 570 15.75 -20.94 22.94
N ILE A 571 16.53 -21.43 23.89
CA ILE A 571 17.81 -22.04 23.55
C ILE A 571 17.95 -23.44 24.06
N TYR A 572 18.17 -24.36 23.13
CA TYR A 572 18.37 -25.74 23.47
C TYR A 572 19.81 -26.09 23.19
N ILE A 573 20.45 -26.80 24.11
CA ILE A 573 21.82 -27.21 23.85
C ILE A 573 21.98 -28.73 23.89
N VAL A 574 22.02 -29.35 22.72
CA VAL A 574 22.37 -30.76 22.61
C VAL A 574 23.80 -30.99 23.06
N ASP A 575 24.01 -32.02 23.86
CA ASP A 575 25.33 -32.33 24.35
C ASP A 575 26.01 -33.28 23.37
N ARG A 576 26.84 -32.73 22.49
CA ARG A 576 27.60 -33.51 21.51
C ARG A 576 28.96 -33.95 22.05
N ARG A 577 29.30 -33.52 23.26
CA ARG A 577 30.64 -33.74 23.79
C ARG A 577 30.76 -35.03 24.61
N PHE A 578 29.81 -35.23 25.51
CA PHE A 578 29.90 -36.31 26.48
C PHE A 578 29.07 -37.56 26.12
N LYS A 579 27.79 -37.38 25.74
CA LYS A 579 26.96 -38.50 25.28
C LYS A 579 27.51 -39.11 24.00
N ALA A 580 27.25 -40.40 23.80
CA ALA A 580 27.68 -41.08 22.57
C ALA A 580 26.83 -40.58 21.40
N PRO A 581 27.38 -40.64 20.19
CA PRO A 581 26.66 -40.11 19.03
C PRO A 581 25.13 -40.35 19.07
N ASP A 582 24.73 -41.58 19.38
CA ASP A 582 23.33 -41.97 19.34
C ASP A 582 22.49 -41.26 20.41
N GLU A 583 22.95 -41.24 21.66
CA GLU A 583 22.20 -40.56 22.72
C GLU A 583 22.14 -39.07 22.43
N SER A 584 22.99 -38.62 21.52
CA SER A 584 22.99 -37.23 21.08
C SER A 584 21.86 -37.03 20.10
N VAL A 585 21.79 -37.94 19.12
CA VAL A 585 20.72 -37.92 18.14
C VAL A 585 19.37 -38.01 18.83
N GLU A 586 19.29 -38.76 19.92
CA GLU A 586 18.03 -38.93 20.62
C GLU A 586 17.60 -37.66 21.36
N GLN A 587 18.57 -36.95 21.93
CA GLN A 587 18.27 -35.71 22.66
C GLN A 587 17.76 -34.60 21.73
N LEU A 588 18.25 -34.63 20.48
CA LEU A 588 17.88 -33.61 19.50
C LEU A 588 16.43 -33.83 19.11
N VAL A 589 16.10 -35.11 18.89
CA VAL A 589 14.73 -35.52 18.64
C VAL A 589 13.82 -35.18 19.81
N ASP A 590 14.30 -35.46 21.02
CA ASP A 590 13.58 -35.10 22.24
C ASP A 590 13.25 -33.59 22.26
N TYR A 591 14.19 -32.74 21.87
CA TYR A 591 13.93 -31.30 21.87
C TYR A 591 12.90 -30.87 20.82
N MET A 592 13.05 -31.40 19.60
CA MET A 592 12.12 -31.10 18.52
C MET A 592 10.71 -31.47 18.98
N GLU A 593 10.53 -32.72 19.38
CA GLU A 593 9.24 -33.20 19.88
C GLU A 593 8.68 -32.22 20.90
N GLU A 594 9.38 -31.99 22.01
CA GLU A 594 8.89 -31.07 23.02
C GLU A 594 8.36 -29.79 22.37
N PHE A 595 9.09 -29.29 21.37
CA PHE A 595 8.77 -28.01 20.72
C PHE A 595 7.50 -28.07 19.87
N VAL A 596 7.29 -29.23 19.25
CA VAL A 596 6.04 -29.52 18.54
C VAL A 596 4.85 -29.56 19.50
N LYS A 597 4.93 -30.43 20.51
CA LYS A 597 3.83 -30.67 21.45
C LYS A 597 3.50 -29.45 22.30
N LYS A 598 3.89 -28.29 21.81
CA LYS A 598 3.80 -27.05 22.57
C LYS A 598 2.57 -26.26 22.15
N THR A 599 1.81 -25.79 23.12
CA THR A 599 0.61 -25.03 22.82
C THR A 599 0.96 -23.64 22.33
N ALA A 600 0.10 -23.08 21.46
CA ALA A 600 0.28 -21.73 20.93
C ALA A 600 0.61 -20.71 22.02
N ALA A 601 0.10 -20.95 23.21
CA ALA A 601 0.41 -20.10 24.36
C ALA A 601 1.89 -20.21 24.73
N GLN A 602 2.33 -21.42 25.07
CA GLN A 602 3.71 -21.63 25.50
C GLN A 602 4.72 -21.11 24.47
N ALA A 603 4.34 -21.18 23.21
CA ALA A 603 5.25 -20.83 22.14
C ALA A 603 5.34 -19.32 21.98
N ILE A 604 4.19 -18.65 22.05
CA ILE A 604 4.19 -17.20 21.94
C ILE A 604 5.04 -16.60 23.05
N ASN A 605 5.09 -17.30 24.18
CA ASN A 605 5.84 -16.84 25.34
C ASN A 605 7.34 -17.04 25.13
N GLN A 606 7.72 -18.26 24.78
CA GLN A 606 9.10 -18.58 24.47
C GLN A 606 9.69 -17.51 23.58
N ARG A 607 9.01 -17.21 22.48
CA ARG A 607 9.49 -16.20 21.53
C ARG A 607 9.63 -14.80 22.11
N ASN A 608 8.68 -14.40 22.96
CA ASN A 608 8.78 -13.13 23.65
C ASN A 608 10.01 -13.13 24.57
N ARG A 609 10.36 -14.31 25.08
CA ARG A 609 11.51 -14.43 25.96
C ARG A 609 12.85 -14.38 25.22
N THR A 610 12.97 -15.13 24.12
CA THR A 610 14.23 -15.19 23.37
C THR A 610 14.44 -13.87 22.65
N GLU A 611 13.34 -13.15 22.44
CA GLU A 611 13.33 -11.82 21.85
C GLU A 611 14.03 -10.83 22.80
N ARG A 612 14.17 -11.24 24.05
CA ARG A 612 14.81 -10.42 25.07
C ARG A 612 16.30 -10.73 25.20
N LEU A 613 16.66 -12.00 24.98
CA LEU A 613 18.06 -12.39 24.98
C LEU A 613 18.83 -11.60 23.93
N SER A 614 18.11 -11.13 22.92
CA SER A 614 18.66 -10.30 21.85
C SER A 614 19.80 -9.41 22.35
N ASP A 615 19.49 -8.55 23.32
CA ASP A 615 20.43 -7.50 23.74
C ASP A 615 21.69 -7.96 24.50
N LEU A 616 21.68 -9.19 25.01
CA LEU A 616 22.86 -9.70 25.72
C LEU A 616 23.95 -10.15 24.77
N LEU A 617 23.78 -9.87 23.49
CA LEU A 617 24.73 -10.35 22.47
C LEU A 617 25.29 -9.20 21.68
N ASP A 618 25.02 -7.98 22.15
CA ASP A 618 25.50 -6.77 21.48
C ASP A 618 26.93 -6.47 21.88
N TRP A 619 27.70 -5.92 20.96
CA TRP A 619 29.08 -5.60 21.27
C TRP A 619 29.14 -4.69 22.50
N LYS A 620 28.19 -3.75 22.62
CA LYS A 620 28.14 -2.86 23.77
C LYS A 620 28.33 -3.61 25.08
N ARG A 621 27.96 -4.90 25.10
CA ARG A 621 28.18 -5.74 26.28
C ARG A 621 29.30 -6.77 26.06
N MET A 622 29.29 -7.43 24.91
CA MET A 622 30.28 -8.47 24.67
C MET A 622 31.68 -7.85 24.56
N GLY A 623 31.71 -6.58 24.18
CA GLY A 623 32.94 -5.81 24.05
C GLY A 623 33.76 -5.74 25.32
N LEU A 624 33.11 -5.50 26.46
CA LEU A 624 33.79 -5.49 27.76
C LEU A 624 34.84 -6.60 27.88
N GLU A 625 34.63 -7.73 27.21
CA GLU A 625 35.56 -8.84 27.25
C GLU A 625 36.89 -8.50 26.57
N TYR A 626 36.84 -7.63 25.56
CA TYR A 626 38.04 -7.19 24.83
C TYR A 626 38.78 -6.17 25.66
N VAL A 627 37.99 -5.35 26.36
CA VAL A 627 38.52 -4.39 27.30
C VAL A 627 39.32 -5.15 28.37
N LYS A 628 38.73 -6.24 28.87
CA LYS A 628 39.40 -7.05 29.89
C LYS A 628 40.72 -7.61 29.40
N ALA A 629 40.81 -7.94 28.10
CA ALA A 629 42.05 -8.49 27.58
C ALA A 629 43.07 -7.41 27.29
N ARG A 630 42.60 -6.21 26.95
CA ARG A 630 43.53 -5.15 26.67
C ARG A 630 44.15 -4.70 27.99
N GLN A 631 43.33 -4.58 29.03
CA GLN A 631 43.84 -4.22 30.35
C GLN A 631 44.71 -5.29 30.99
N LEU A 632 44.41 -6.56 30.74
CA LEU A 632 45.29 -7.61 31.24
C LEU A 632 46.69 -7.47 30.63
N ALA A 633 46.76 -7.22 29.32
CA ALA A 633 48.05 -7.02 28.67
C ALA A 633 48.81 -5.87 29.35
N LEU A 634 48.12 -4.75 29.55
CA LEU A 634 48.72 -3.57 30.16
C LEU A 634 49.22 -3.79 31.60
N ARG A 635 48.48 -4.62 32.37
CA ARG A 635 48.85 -4.93 33.74
C ARG A 635 49.97 -5.98 33.80
N ARG A 636 50.16 -6.73 32.72
CA ARG A 636 51.26 -7.68 32.68
C ARG A 636 52.49 -7.04 32.05
N GLY A 637 52.26 -5.95 31.33
CA GLY A 637 53.35 -5.29 30.62
C GLY A 637 54.06 -4.32 31.54
N TYR A 638 53.27 -3.50 32.22
CA TYR A 638 53.81 -2.51 33.15
C TYR A 638 53.21 -2.70 34.54
N PRO A 639 53.65 -3.76 35.24
CA PRO A 639 53.13 -4.13 36.57
C PRO A 639 53.07 -2.93 37.48
N ASP A 640 54.08 -2.07 37.34
CA ASP A 640 54.32 -0.99 38.28
C ASP A 640 53.42 0.20 38.04
N GLN A 641 53.48 0.78 36.85
CA GLN A 641 52.62 1.90 36.49
C GLN A 641 51.14 1.53 36.69
N PHE A 642 50.83 0.25 36.51
CA PHE A 642 49.47 -0.25 36.69
C PHE A 642 49.10 -0.21 38.17
N ARG A 643 50.00 -0.70 39.01
CA ARG A 643 49.79 -0.72 40.45
C ARG A 643 49.42 0.67 40.94
N GLU A 644 50.12 1.67 40.40
CA GLU A 644 49.93 3.07 40.79
C GLU A 644 48.56 3.59 40.36
N LEU A 645 48.03 3.01 39.28
CA LEU A 645 46.81 3.51 38.67
C LEU A 645 45.54 2.93 39.30
N VAL A 646 45.72 2.03 40.27
CA VAL A 646 44.60 1.46 41.00
C VAL A 646 44.78 1.75 42.48
N GLY A 647 45.95 1.37 42.99
CA GLY A 647 46.28 1.52 44.39
C GLY A 647 46.85 0.21 44.91
N GLU A 648 46.50 -0.86 44.20
CA GLU A 648 46.83 -2.21 44.64
C GLU A 648 47.34 -3.07 43.51
N GLU A 649 47.89 -4.23 43.86
CA GLU A 649 48.35 -5.18 42.85
C GLU A 649 47.28 -6.24 42.53
N LEU A 650 46.43 -5.91 41.57
CA LEU A 650 45.38 -6.81 41.10
C LEU A 650 45.94 -8.09 40.49
N ASN A 651 45.14 -9.16 40.48
CA ASN A 651 45.57 -10.48 40.03
C ASN A 651 45.80 -10.62 38.50
N ASP A 652 46.86 -11.34 38.11
CA ASP A 652 47.30 -11.36 36.71
C ASP A 652 47.48 -12.75 36.05
N SER A 653 46.55 -13.65 36.26
CA SER A 653 46.60 -14.96 35.60
C SER A 653 45.44 -15.17 34.60
N ASN A 654 44.37 -14.40 34.77
CA ASN A 654 43.20 -14.42 33.89
C ASN A 654 42.75 -13.00 33.60
N MET A 655 41.83 -12.86 32.66
CA MET A 655 41.17 -11.58 32.47
C MET A 655 40.09 -11.46 33.54
N ASP A 656 39.53 -12.61 33.90
CA ASP A 656 38.47 -12.64 34.89
C ASP A 656 39.07 -12.40 36.27
N ALA A 657 40.25 -12.97 36.49
CA ALA A 657 40.97 -12.79 37.76
C ALA A 657 41.36 -11.33 37.97
N LEU A 658 41.30 -10.54 36.90
CA LEU A 658 41.69 -9.13 36.96
C LEU A 658 40.55 -8.19 37.35
N ALA A 659 39.34 -8.44 36.84
CA ALA A 659 38.21 -7.57 37.14
C ALA A 659 37.16 -8.29 37.99
N SER B 22 -40.38 -36.58 37.03
CA SER B 22 -40.97 -36.63 35.70
C SER B 22 -40.22 -35.74 34.71
N ARG B 23 -39.37 -34.85 35.23
CA ARG B 23 -38.74 -33.78 34.43
C ARG B 23 -37.22 -33.95 34.26
N ASP B 24 -36.69 -33.53 33.11
CA ASP B 24 -35.28 -33.78 32.76
C ASP B 24 -34.31 -32.60 32.96
N LEU B 25 -33.42 -32.74 33.94
CA LEU B 25 -32.49 -31.68 34.27
C LEU B 25 -31.40 -31.59 33.23
N GLN B 26 -30.80 -32.73 32.92
CA GLN B 26 -29.77 -32.83 31.90
C GLN B 26 -30.13 -31.97 30.68
N ASN B 27 -31.16 -32.33 29.92
CA ASN B 27 -31.53 -31.50 28.77
C ASN B 27 -32.76 -30.60 29.01
N HIS B 28 -32.49 -29.39 29.54
CA HIS B 28 -33.52 -28.43 29.94
C HIS B 28 -33.65 -27.24 28.99
N LEU B 29 -34.65 -26.39 29.23
CA LEU B 29 -34.80 -25.15 28.47
C LEU B 29 -34.20 -23.92 29.19
N LEU B 30 -33.81 -22.92 28.42
CA LEU B 30 -33.35 -21.66 28.98
C LEU B 30 -34.09 -20.49 28.36
N PHE B 31 -34.75 -19.70 29.19
CA PHE B 31 -35.33 -18.43 28.75
C PHE B 31 -34.63 -17.32 29.51
N GLU B 32 -34.11 -16.32 28.80
CA GLU B 32 -33.38 -15.21 29.39
C GLU B 32 -34.15 -13.92 29.11
N THR B 33 -34.66 -13.27 30.15
CA THR B 33 -35.56 -12.13 29.97
C THR B 33 -34.86 -10.87 30.45
N ALA B 34 -35.12 -9.76 29.77
CA ALA B 34 -34.45 -8.47 30.04
C ALA B 34 -35.05 -7.38 29.16
N THR B 35 -35.03 -6.14 29.63
CA THR B 35 -35.60 -5.02 28.89
C THR B 35 -34.79 -4.77 27.63
N GLU B 36 -33.50 -5.11 27.68
CA GLU B 36 -32.57 -4.73 26.63
C GLU B 36 -32.47 -5.66 25.39
N VAL B 37 -33.14 -6.82 25.40
CA VAL B 37 -32.79 -7.88 24.44
C VAL B 37 -32.65 -7.45 22.99
N ALA B 38 -33.61 -6.72 22.44
CA ALA B 38 -33.35 -6.32 21.06
C ALA B 38 -33.32 -4.81 20.91
N ASN B 39 -33.11 -4.11 22.01
CA ASN B 39 -32.92 -2.66 21.92
C ASN B 39 -31.89 -2.11 22.88
N ARG B 40 -30.83 -1.55 22.29
CA ARG B 40 -29.72 -0.97 23.03
C ARG B 40 -30.15 0.26 23.84
N VAL B 41 -30.36 0.02 25.13
CA VAL B 41 -30.95 0.97 26.03
C VAL B 41 -30.14 0.98 27.33
N GLY B 42 -29.34 -0.06 27.53
CA GLY B 42 -28.43 -0.09 28.67
C GLY B 42 -27.13 -0.84 28.40
N GLY B 43 -26.45 -1.21 29.48
CA GLY B 43 -25.27 -2.05 29.37
C GLY B 43 -25.60 -3.52 29.21
N ILE B 44 -26.74 -3.93 29.78
CA ILE B 44 -27.16 -5.32 29.75
C ILE B 44 -27.31 -5.81 28.29
N TYR B 45 -27.54 -4.87 27.39
CA TYR B 45 -27.67 -5.17 25.98
C TYR B 45 -26.38 -5.79 25.55
N SER B 46 -25.30 -5.08 25.78
CA SER B 46 -23.98 -5.57 25.39
C SER B 46 -23.62 -6.89 26.04
N VAL B 47 -24.11 -7.10 27.27
CA VAL B 47 -23.83 -8.36 27.94
C VAL B 47 -24.60 -9.50 27.28
N LEU B 48 -25.89 -9.32 27.10
CA LEU B 48 -26.67 -10.35 26.44
C LEU B 48 -26.08 -10.63 25.06
N LYS B 49 -25.81 -9.57 24.29
CA LYS B 49 -25.25 -9.67 22.94
C LYS B 49 -23.93 -10.45 22.87
N SER B 50 -22.96 -10.05 23.70
CA SER B 50 -21.66 -10.69 23.69
C SER B 50 -21.74 -12.14 24.18
N LYS B 51 -22.69 -12.41 25.07
CA LYS B 51 -22.85 -13.74 25.66
C LYS B 51 -23.64 -14.68 24.72
N ALA B 52 -24.31 -14.11 23.72
CA ALA B 52 -25.16 -14.88 22.82
C ALA B 52 -24.46 -16.10 22.21
N PRO B 53 -23.30 -15.89 21.54
CA PRO B 53 -22.60 -17.04 20.95
C PRO B 53 -22.43 -18.22 21.90
N ILE B 54 -21.65 -18.06 22.97
CA ILE B 54 -21.39 -19.18 23.88
C ILE B 54 -22.67 -19.88 24.39
N THR B 55 -23.74 -19.14 24.69
CA THR B 55 -24.92 -19.85 25.17
C THR B 55 -25.68 -20.57 24.03
N VAL B 56 -25.70 -19.96 22.84
CA VAL B 56 -26.33 -20.61 21.70
C VAL B 56 -25.55 -21.88 21.34
N ALA B 57 -24.25 -21.85 21.54
CA ALA B 57 -23.45 -23.04 21.29
C ALA B 57 -23.91 -24.21 22.17
N GLN B 58 -24.29 -23.90 23.40
CA GLN B 58 -24.72 -24.95 24.33
C GLN B 58 -26.19 -25.35 24.12
N TYR B 59 -27.08 -24.36 23.99
CA TYR B 59 -28.51 -24.61 24.05
C TYR B 59 -29.18 -24.75 22.69
N LYS B 60 -28.58 -24.10 21.70
CA LYS B 60 -29.12 -24.04 20.35
C LYS B 60 -30.52 -23.48 20.35
N ASP B 61 -31.52 -24.29 19.99
CA ASP B 61 -32.89 -23.80 19.94
C ASP B 61 -33.67 -24.06 21.23
N HIS B 62 -32.99 -24.64 22.21
CA HIS B 62 -33.54 -24.79 23.54
C HIS B 62 -33.50 -23.44 24.31
N TYR B 63 -32.70 -22.50 23.81
CA TYR B 63 -32.51 -21.19 24.42
C TYR B 63 -33.25 -20.11 23.63
N HIS B 64 -34.10 -19.35 24.31
CA HIS B 64 -34.78 -18.18 23.72
C HIS B 64 -34.52 -16.96 24.58
N LEU B 65 -34.43 -15.78 23.97
CA LEU B 65 -34.32 -14.55 24.75
C LEU B 65 -35.67 -13.89 24.67
N ILE B 66 -36.10 -13.24 25.76
CA ILE B 66 -37.41 -12.60 25.84
C ILE B 66 -37.27 -11.18 26.36
N GLY B 67 -37.98 -10.26 25.71
CA GLY B 67 -37.94 -8.86 26.10
C GLY B 67 -39.10 -8.16 25.43
N PRO B 68 -39.22 -6.85 25.66
CA PRO B 68 -40.39 -6.09 25.21
C PRO B 68 -40.14 -5.61 23.81
N LEU B 69 -41.16 -5.62 22.96
CA LEU B 69 -41.00 -5.19 21.58
C LEU B 69 -40.92 -3.68 21.44
N ASN B 70 -39.71 -3.16 21.26
CA ASN B 70 -39.53 -1.74 20.93
C ASN B 70 -39.86 -1.53 19.46
N LYS B 71 -40.96 -0.85 19.20
CA LYS B 71 -41.47 -0.76 17.81
C LYS B 71 -40.61 0.09 16.85
N ALA B 72 -39.75 0.96 17.36
CA ALA B 72 -38.94 1.84 16.49
C ALA B 72 -37.57 1.29 16.11
N THR B 73 -37.21 0.11 16.63
CA THR B 73 -35.88 -0.45 16.37
C THR B 73 -35.84 -1.95 16.02
N TYR B 74 -36.94 -2.66 16.15
CA TYR B 74 -36.87 -4.11 15.99
C TYR B 74 -36.57 -4.55 14.55
N GLN B 75 -36.99 -3.76 13.57
CA GLN B 75 -36.73 -4.06 12.16
C GLN B 75 -35.31 -3.71 11.69
N ASN B 76 -34.37 -3.67 12.63
CA ASN B 76 -32.98 -3.33 12.35
C ASN B 76 -32.12 -4.33 13.07
N GLU B 77 -32.76 -5.03 13.98
CA GLU B 77 -32.09 -5.90 14.93
C GLU B 77 -32.57 -7.33 14.77
N VAL B 78 -33.78 -7.49 14.23
CA VAL B 78 -34.45 -8.79 14.23
C VAL B 78 -34.77 -9.36 12.86
N ASP B 79 -34.31 -10.59 12.64
CA ASP B 79 -34.73 -11.40 11.52
C ASP B 79 -36.09 -12.00 11.89
N ILE B 80 -37.19 -11.28 11.67
CA ILE B 80 -38.50 -11.84 12.03
C ILE B 80 -38.82 -13.16 11.30
N LEU B 81 -39.28 -14.15 12.06
CA LEU B 81 -39.60 -15.45 11.49
C LEU B 81 -41.11 -15.73 11.54
N ASP B 82 -41.55 -16.73 10.78
CA ASP B 82 -42.93 -17.21 10.85
C ASP B 82 -42.98 -18.39 11.81
N TRP B 83 -43.51 -18.13 13.00
CA TRP B 83 -43.48 -19.10 14.09
C TRP B 83 -44.55 -20.19 13.92
N LYS B 84 -45.60 -19.86 13.15
CA LYS B 84 -46.70 -20.81 12.88
C LYS B 84 -46.29 -22.00 12.04
N LYS B 85 -45.38 -21.79 11.09
CA LYS B 85 -44.88 -22.88 10.25
C LYS B 85 -44.37 -24.05 11.09
N PRO B 86 -44.74 -25.29 10.73
CA PRO B 86 -44.24 -26.50 11.38
C PRO B 86 -42.71 -26.57 11.46
N GLU B 87 -42.02 -25.99 10.49
CA GLU B 87 -40.57 -26.06 10.43
C GLU B 87 -39.92 -25.16 11.48
N ALA B 88 -40.71 -24.21 11.99
CA ALA B 88 -40.23 -23.25 12.99
C ALA B 88 -39.62 -23.93 14.22
N PHE B 89 -40.32 -24.93 14.76
CA PHE B 89 -39.80 -25.65 15.91
C PHE B 89 -39.55 -27.12 15.63
N SER B 90 -38.70 -27.73 16.44
CA SER B 90 -38.50 -29.16 16.38
C SER B 90 -39.68 -29.78 17.07
N ASP B 91 -39.76 -31.11 17.03
CA ASP B 91 -40.85 -31.81 17.70
C ASP B 91 -40.77 -31.65 19.23
N GLU B 92 -39.60 -31.90 19.80
CA GLU B 92 -39.42 -31.79 21.25
C GLU B 92 -39.61 -30.34 21.73
N MET B 93 -39.66 -29.39 20.79
CA MET B 93 -39.88 -27.98 21.14
C MET B 93 -41.31 -27.50 20.85
N ARG B 94 -42.17 -28.41 20.42
CA ARG B 94 -43.58 -28.08 20.15
C ARG B 94 -44.29 -27.24 21.23
N PRO B 95 -43.99 -27.50 22.52
CA PRO B 95 -44.67 -26.75 23.59
C PRO B 95 -44.49 -25.23 23.52
N VAL B 96 -43.34 -24.78 23.02
CA VAL B 96 -43.12 -23.35 22.91
C VAL B 96 -44.05 -22.76 21.84
N GLN B 97 -44.24 -23.51 20.75
CA GLN B 97 -45.13 -23.08 19.68
C GLN B 97 -46.58 -23.05 20.14
N HIS B 98 -47.00 -24.12 20.80
CA HIS B 98 -48.37 -24.17 21.29
C HIS B 98 -48.56 -23.04 22.28
N ALA B 99 -47.49 -22.77 23.03
CA ALA B 99 -47.47 -21.70 24.04
C ALA B 99 -47.70 -20.30 23.44
N LEU B 100 -46.88 -19.95 22.45
CA LEU B 100 -47.05 -18.72 21.71
C LEU B 100 -48.46 -18.61 21.11
N GLN B 101 -49.08 -19.71 20.73
CA GLN B 101 -50.45 -19.58 20.18
C GLN B 101 -51.57 -19.21 21.19
N THR B 102 -51.55 -19.84 22.36
CA THR B 102 -52.46 -19.54 23.44
C THR B 102 -52.39 -18.04 23.74
N MET B 103 -51.16 -17.52 23.68
CA MET B 103 -50.86 -16.11 23.89
C MET B 103 -51.52 -15.32 22.76
N GLU B 104 -51.11 -15.69 21.55
CA GLU B 104 -51.69 -15.14 20.33
C GLU B 104 -53.21 -15.19 20.43
N SER B 105 -53.71 -16.32 20.93
CA SER B 105 -55.14 -16.53 21.15
C SER B 105 -55.73 -15.40 21.99
N ARG B 106 -55.19 -15.20 23.19
CA ARG B 106 -55.80 -14.29 24.15
C ARG B 106 -55.48 -12.82 23.82
N GLY B 107 -55.04 -12.56 22.59
CA GLY B 107 -54.79 -11.20 22.12
C GLY B 107 -53.39 -10.65 22.39
N VAL B 108 -52.45 -11.53 22.69
CA VAL B 108 -51.10 -11.09 23.01
C VAL B 108 -50.20 -11.10 21.77
N HIS B 109 -50.03 -9.94 21.16
CA HIS B 109 -49.20 -9.84 19.96
C HIS B 109 -47.70 -9.79 20.26
N PHE B 110 -46.96 -10.74 19.71
CA PHE B 110 -45.52 -10.72 19.84
C PHE B 110 -44.82 -10.79 18.49
N VAL B 111 -43.48 -10.73 18.53
CA VAL B 111 -42.62 -10.94 17.37
C VAL B 111 -41.66 -12.07 17.69
N TYR B 112 -41.60 -13.08 16.84
CA TYR B 112 -40.67 -14.17 17.04
C TYR B 112 -39.60 -14.02 15.99
N GLY B 113 -38.33 -14.17 16.37
CA GLY B 113 -37.28 -13.99 15.39
C GLY B 113 -35.87 -14.44 15.75
N ARG B 114 -34.94 -14.04 14.90
CA ARG B 114 -33.53 -14.16 15.21
C ARG B 114 -32.93 -12.76 15.45
N TRP B 115 -32.15 -12.66 16.52
CA TRP B 115 -31.48 -11.42 16.88
C TRP B 115 -30.20 -11.32 16.04
N LEU B 116 -30.18 -10.38 15.11
CA LEU B 116 -29.09 -10.29 14.14
C LEU B 116 -27.76 -9.90 14.80
N ILE B 117 -27.13 -10.87 15.44
CA ILE B 117 -25.84 -10.69 16.11
C ILE B 117 -25.13 -12.02 16.08
N GLU B 118 -23.81 -12.03 16.25
CA GLU B 118 -23.11 -13.30 16.32
C GLU B 118 -23.85 -14.19 17.32
N GLY B 119 -24.23 -15.38 16.85
CA GLY B 119 -25.00 -16.32 17.64
C GLY B 119 -26.43 -16.49 17.13
N ALA B 120 -26.96 -15.42 16.52
CA ALA B 120 -28.30 -15.42 15.98
C ALA B 120 -29.21 -16.25 16.89
N PRO B 121 -29.36 -15.79 18.15
CA PRO B 121 -30.17 -16.55 19.10
C PRO B 121 -31.64 -16.24 18.84
N LYS B 122 -32.53 -17.11 19.26
CA LYS B 122 -33.94 -16.82 19.00
C LYS B 122 -34.50 -15.89 20.05
N VAL B 123 -35.39 -15.01 19.63
CA VAL B 123 -35.97 -14.00 20.51
C VAL B 123 -37.48 -13.90 20.38
N ILE B 124 -38.12 -13.58 21.48
CA ILE B 124 -39.57 -13.42 21.50
C ILE B 124 -39.83 -12.02 22.01
N LEU B 125 -40.42 -11.16 21.21
CA LEU B 125 -40.59 -9.79 21.63
C LEU B 125 -42.05 -9.45 21.88
N PHE B 126 -42.48 -9.53 23.14
CA PHE B 126 -43.86 -9.21 23.50
C PHE B 126 -44.23 -7.75 23.29
N ASP B 127 -45.30 -7.51 22.52
CA ASP B 127 -45.71 -6.16 22.14
C ASP B 127 -46.54 -5.52 23.24
N LEU B 128 -45.90 -4.73 24.10
CA LEU B 128 -46.57 -4.15 25.25
C LEU B 128 -47.91 -3.43 24.99
N ASP B 129 -48.06 -2.79 23.82
CA ASP B 129 -49.34 -2.15 23.47
C ASP B 129 -50.47 -3.19 23.40
N SER B 130 -50.11 -4.41 22.99
CA SER B 130 -51.09 -5.47 22.74
C SER B 130 -51.61 -6.09 24.04
N VAL B 131 -51.16 -5.56 25.17
CA VAL B 131 -51.62 -6.07 26.45
C VAL B 131 -51.84 -4.91 27.44
N ARG B 132 -51.70 -3.68 26.93
CA ARG B 132 -51.89 -2.44 27.69
C ARG B 132 -53.32 -2.29 28.23
N GLY B 133 -54.23 -3.15 27.76
CA GLY B 133 -55.54 -3.23 28.35
C GLY B 133 -55.45 -3.72 29.80
N TYR B 134 -54.99 -4.97 29.95
CA TYR B 134 -54.83 -5.62 31.26
C TYR B 134 -54.01 -4.82 32.29
N SER B 135 -53.71 -3.56 31.99
CA SER B 135 -52.88 -2.75 32.86
C SER B 135 -53.41 -2.71 34.28
N ASN B 136 -54.57 -2.06 34.46
CA ASN B 136 -55.11 -1.88 35.80
C ASN B 136 -55.40 -3.18 36.52
N GLU B 137 -56.06 -4.11 35.83
CA GLU B 137 -56.29 -5.41 36.43
C GLU B 137 -54.98 -5.90 37.06
N TRP B 138 -53.87 -5.61 36.38
CA TRP B 138 -52.61 -6.23 36.74
C TRP B 138 -51.88 -5.47 37.86
N LYS B 139 -51.75 -4.16 37.71
CA LYS B 139 -51.20 -3.33 38.79
C LYS B 139 -51.85 -3.71 40.11
N GLY B 140 -53.18 -3.85 40.08
CA GLY B 140 -53.93 -4.33 41.21
C GLY B 140 -53.40 -5.65 41.73
N ASP B 141 -53.42 -6.69 40.88
CA ASP B 141 -53.02 -8.04 41.31
C ASP B 141 -51.60 -8.10 41.82
N LEU B 142 -50.80 -7.10 41.43
CA LEU B 142 -49.41 -7.01 41.90
C LEU B 142 -49.36 -6.56 43.37
N TRP B 143 -50.15 -5.53 43.68
CA TRP B 143 -50.27 -5.00 45.04
C TRP B 143 -50.88 -6.05 46.00
N SER B 144 -51.90 -6.77 45.54
CA SER B 144 -52.59 -7.77 46.36
C SER B 144 -51.68 -8.94 46.67
N LEU B 145 -50.51 -9.00 46.02
CA LEU B 145 -49.70 -10.20 46.10
C LEU B 145 -48.23 -9.95 46.46
N VAL B 146 -47.81 -8.69 46.40
CA VAL B 146 -46.45 -8.37 46.80
C VAL B 146 -46.32 -6.92 47.29
N GLY B 147 -47.44 -6.31 47.62
CA GLY B 147 -47.45 -4.98 48.21
C GLY B 147 -46.65 -3.98 47.40
N ILE B 148 -46.78 -4.09 46.08
CA ILE B 148 -46.07 -3.18 45.18
C ILE B 148 -47.00 -2.14 44.57
N PRO B 149 -46.77 -0.88 44.95
CA PRO B 149 -47.44 0.34 44.48
C PRO B 149 -47.04 0.59 43.04
N SER B 150 -47.81 1.42 42.34
CA SER B 150 -47.49 1.69 40.95
C SER B 150 -48.19 2.93 40.42
N PRO B 151 -47.67 4.12 40.79
CA PRO B 151 -48.25 5.38 40.28
C PRO B 151 -48.40 5.30 38.76
N GLU B 152 -49.29 6.11 38.19
CA GLU B 152 -49.56 5.99 36.75
C GLU B 152 -48.67 6.89 35.89
N ASN B 153 -47.92 7.77 36.54
CA ASN B 153 -47.00 8.65 35.82
C ASN B 153 -45.64 7.99 35.53
N ASP B 154 -45.40 6.83 36.12
CA ASP B 154 -44.16 6.08 35.84
C ASP B 154 -44.35 5.06 34.70
N PHE B 155 -43.81 5.41 33.54
CA PHE B 155 -43.95 4.61 32.33
C PHE B 155 -43.05 3.39 32.35
N GLU B 156 -41.82 3.59 32.82
CA GLU B 156 -40.87 2.50 32.99
C GLU B 156 -41.43 1.32 33.79
N THR B 157 -42.15 1.62 34.89
CA THR B 157 -42.70 0.54 35.72
C THR B 157 -43.95 -0.12 35.13
N ASN B 158 -44.82 0.67 34.49
CA ASN B 158 -45.99 0.07 33.83
C ASN B 158 -45.49 -1.02 32.88
N ASP B 159 -44.56 -0.60 32.03
CA ASP B 159 -43.95 -1.49 31.05
C ASP B 159 -43.28 -2.67 31.74
N ALA B 160 -42.63 -2.40 32.87
CA ALA B 160 -42.02 -3.46 33.66
C ALA B 160 -43.06 -4.47 34.19
N ILE B 161 -44.26 -3.98 34.53
CA ILE B 161 -45.33 -4.85 35.02
C ILE B 161 -45.99 -5.60 33.86
N LEU B 162 -46.30 -4.87 32.79
CA LEU B 162 -46.86 -5.47 31.58
C LEU B 162 -45.96 -6.62 31.13
N LEU B 163 -44.66 -6.34 31.06
CA LEU B 163 -43.68 -7.34 30.71
C LEU B 163 -43.77 -8.55 31.65
N GLY B 164 -43.90 -8.28 32.95
CA GLY B 164 -43.90 -9.34 33.95
C GLY B 164 -45.05 -10.30 33.74
N TYR B 165 -46.26 -9.76 33.81
CA TYR B 165 -47.43 -10.59 33.70
C TYR B 165 -47.38 -11.38 32.40
N THR B 166 -46.98 -10.71 31.33
CA THR B 166 -46.88 -11.36 30.04
C THR B 166 -45.91 -12.55 30.10
N VAL B 167 -44.73 -12.34 30.66
CA VAL B 167 -43.68 -13.37 30.71
C VAL B 167 -44.03 -14.54 31.65
N ALA B 168 -44.76 -14.25 32.72
CA ALA B 168 -45.21 -15.28 33.65
C ALA B 168 -46.35 -16.09 33.01
N TRP B 169 -47.27 -15.34 32.39
CA TRP B 169 -48.29 -15.90 31.52
C TRP B 169 -47.64 -16.88 30.54
N PHE B 170 -46.64 -16.38 29.82
CA PHE B 170 -45.95 -17.20 28.82
C PHE B 170 -45.30 -18.45 29.43
N LEU B 171 -44.71 -18.30 30.62
CA LEU B 171 -43.96 -19.42 31.24
C LEU B 171 -44.87 -20.46 31.90
N GLY B 172 -46.02 -20.00 32.41
CA GLY B 172 -47.07 -20.91 32.83
C GLY B 172 -47.37 -21.85 31.69
N GLU B 173 -47.93 -21.28 30.62
CA GLU B 173 -48.22 -22.04 29.41
C GLU B 173 -47.12 -23.02 29.04
N VAL B 174 -45.89 -22.53 28.96
CA VAL B 174 -44.78 -23.40 28.56
C VAL B 174 -44.67 -24.61 29.47
N ALA B 175 -44.63 -24.35 30.78
CA ALA B 175 -44.47 -25.38 31.80
C ALA B 175 -45.61 -26.39 31.70
N HIS B 176 -46.82 -25.87 31.62
CA HIS B 176 -48.01 -26.69 31.43
C HIS B 176 -47.86 -27.62 30.22
N LEU B 177 -47.58 -27.03 29.07
CA LEU B 177 -47.50 -27.77 27.82
C LEU B 177 -46.25 -28.63 27.70
N ASP B 178 -45.19 -28.29 28.44
CA ASP B 178 -43.93 -29.03 28.30
C ASP B 178 -43.71 -30.00 29.46
N SER B 179 -43.95 -31.29 29.21
CA SER B 179 -43.78 -32.30 30.26
C SER B 179 -42.40 -32.97 30.15
N GLN B 180 -41.62 -32.58 29.17
CA GLN B 180 -40.35 -33.24 28.92
C GLN B 180 -39.15 -32.54 29.56
N HIS B 181 -39.07 -31.22 29.39
CA HIS B 181 -37.89 -30.49 29.86
C HIS B 181 -38.06 -29.78 31.20
N ALA B 182 -36.98 -29.74 31.97
CA ALA B 182 -36.85 -28.76 33.06
C ALA B 182 -36.75 -27.36 32.47
N ILE B 183 -37.35 -26.38 33.11
CA ILE B 183 -37.33 -25.03 32.59
C ILE B 183 -36.59 -24.06 33.52
N VAL B 184 -35.42 -23.58 33.07
CA VAL B 184 -34.66 -22.56 33.78
C VAL B 184 -34.95 -21.21 33.15
N ALA B 185 -35.34 -20.25 33.98
CA ALA B 185 -35.70 -18.92 33.50
C ALA B 185 -34.92 -17.78 34.20
N HIS B 186 -34.11 -17.06 33.41
CA HIS B 186 -33.18 -16.03 33.87
C HIS B 186 -33.68 -14.61 33.58
N PHE B 187 -33.75 -13.77 34.63
CA PHE B 187 -34.19 -12.38 34.47
C PHE B 187 -33.07 -11.42 34.85
N HIS B 188 -32.91 -10.36 34.05
CA HIS B 188 -31.89 -9.34 34.31
C HIS B 188 -32.46 -7.97 34.65
N GLU B 189 -32.11 -7.48 35.83
CA GLU B 189 -32.40 -6.12 36.25
C GLU B 189 -33.87 -5.95 36.65
N TRP B 190 -34.15 -5.03 37.58
CA TRP B 190 -35.51 -4.91 38.11
C TRP B 190 -36.59 -4.78 37.03
N LEU B 191 -36.35 -3.93 36.03
CA LEU B 191 -37.28 -3.70 34.95
C LEU B 191 -37.83 -4.99 34.31
N ALA B 192 -37.13 -6.11 34.51
CA ALA B 192 -37.59 -7.39 33.99
C ALA B 192 -37.78 -8.41 35.11
N GLY B 193 -37.98 -7.92 36.32
CA GLY B 193 -38.06 -8.82 37.47
C GLY B 193 -39.45 -9.16 37.93
N VAL B 194 -40.44 -8.43 37.44
CA VAL B 194 -41.78 -8.60 37.98
C VAL B 194 -42.27 -10.04 37.83
N ALA B 195 -41.99 -10.66 36.69
CA ALA B 195 -42.36 -12.06 36.47
C ALA B 195 -41.94 -12.99 37.61
N LEU B 196 -40.97 -12.56 38.42
CA LEU B 196 -40.37 -13.42 39.44
C LEU B 196 -41.26 -13.74 40.66
N PRO B 197 -41.84 -12.71 41.27
CA PRO B 197 -42.81 -12.90 42.37
C PRO B 197 -44.01 -13.74 41.93
N LEU B 198 -44.58 -13.40 40.77
CA LEU B 198 -45.67 -14.17 40.19
C LEU B 198 -45.25 -15.62 40.05
N CYS B 199 -44.10 -15.85 39.42
CA CYS B 199 -43.62 -17.22 39.22
C CYS B 199 -43.61 -18.07 40.50
N ARG B 200 -43.15 -17.48 41.59
CA ARG B 200 -43.05 -18.22 42.85
C ARG B 200 -44.42 -18.44 43.50
N LYS B 201 -45.30 -17.45 43.41
CA LYS B 201 -46.64 -17.55 43.99
C LYS B 201 -47.49 -18.61 43.27
N ARG B 202 -47.64 -18.45 41.97
CA ARG B 202 -48.39 -19.39 41.16
C ARG B 202 -47.73 -20.78 41.12
N ARG B 203 -46.74 -20.99 41.97
CA ARG B 203 -46.00 -22.26 42.04
C ARG B 203 -45.71 -22.87 40.65
N ILE B 204 -45.49 -21.99 39.66
CA ILE B 204 -45.15 -22.41 38.30
C ILE B 204 -43.91 -23.31 38.25
N ASP B 205 -43.99 -24.41 37.49
CA ASP B 205 -42.86 -25.34 37.49
C ASP B 205 -41.66 -24.93 36.61
N VAL B 206 -41.05 -23.79 36.98
CA VAL B 206 -39.81 -23.34 36.39
C VAL B 206 -38.89 -22.90 37.52
N VAL B 207 -37.60 -23.22 37.41
CA VAL B 207 -36.61 -22.62 38.31
C VAL B 207 -36.13 -21.27 37.78
N THR B 208 -36.01 -20.29 38.68
CA THR B 208 -35.69 -18.94 38.27
C THR B 208 -34.39 -18.35 38.87
N ILE B 209 -33.74 -17.48 38.09
CA ILE B 209 -32.54 -16.77 38.51
C ILE B 209 -32.75 -15.27 38.31
N PHE B 210 -32.44 -14.47 39.32
CA PHE B 210 -32.47 -13.04 39.10
C PHE B 210 -31.08 -12.46 39.27
N THR B 211 -30.65 -11.69 38.27
CA THR B 211 -29.36 -11.01 38.31
C THR B 211 -29.57 -9.51 38.30
N THR B 212 -28.94 -8.82 39.24
CA THR B 212 -28.99 -7.36 39.27
C THR B 212 -27.61 -6.78 38.96
N HIS B 213 -27.58 -5.87 37.99
CA HIS B 213 -26.33 -5.29 37.50
C HIS B 213 -26.04 -3.96 38.17
N ALA B 214 -26.65 -3.75 39.33
CA ALA B 214 -26.59 -2.49 40.05
C ALA B 214 -27.68 -2.58 41.10
N THR B 215 -27.91 -1.50 41.84
CA THR B 215 -29.08 -1.43 42.71
C THR B 215 -29.67 -0.04 42.61
N LEU B 216 -30.97 0.08 42.78
CA LEU B 216 -31.61 1.37 42.63
C LEU B 216 -31.09 2.35 43.66
N LEU B 217 -31.04 1.89 44.91
CA LEU B 217 -30.49 2.70 45.98
C LEU B 217 -29.03 3.03 45.72
N GLY B 218 -28.32 2.07 45.14
CA GLY B 218 -26.91 2.24 44.83
C GLY B 218 -26.60 3.43 43.91
N ARG B 219 -27.20 3.44 42.72
CA ARG B 219 -26.99 4.52 41.75
C ARG B 219 -27.42 5.85 42.36
N TYR B 220 -28.52 5.83 43.09
CA TYR B 220 -29.14 7.06 43.61
C TYR B 220 -28.38 7.71 44.76
N LEU B 221 -27.80 6.89 45.64
CA LEU B 221 -27.03 7.42 46.77
C LEU B 221 -25.77 8.16 46.29
N CYS B 222 -25.11 7.60 45.29
CA CYS B 222 -23.83 8.14 44.81
C CYS B 222 -23.96 9.25 43.76
N ALA B 223 -25.16 9.81 43.63
CA ALA B 223 -25.42 10.88 42.65
C ALA B 223 -24.75 12.21 43.05
N SER B 224 -24.75 12.48 44.36
CA SER B 224 -24.17 13.70 44.89
C SER B 224 -22.66 13.56 45.17
N GLY B 225 -22.32 13.42 46.45
CA GLY B 225 -20.96 13.31 46.91
C GLY B 225 -20.89 13.46 48.42
N ASP B 228 -20.96 9.89 50.95
CA ASP B 228 -20.19 8.73 51.39
C ASP B 228 -21.05 7.48 51.30
N PHE B 229 -20.43 6.37 50.89
CA PHE B 229 -21.21 5.22 50.46
C PHE B 229 -20.74 3.88 50.98
N TYR B 230 -19.53 3.47 50.60
CA TYR B 230 -19.06 2.13 50.91
C TYR B 230 -18.73 1.95 52.39
N ASN B 231 -19.06 2.96 53.20
CA ASN B 231 -18.75 2.93 54.61
C ASN B 231 -19.99 2.84 55.47
N CYS B 232 -21.03 3.58 55.07
CA CYS B 232 -22.25 3.60 55.84
C CYS B 232 -23.51 3.26 55.02
N LEU B 233 -23.35 2.32 54.07
CA LEU B 233 -24.52 1.70 53.45
C LEU B 233 -25.03 0.63 54.39
N GLU B 234 -24.14 0.16 55.26
CA GLU B 234 -24.47 -0.85 56.25
C GLU B 234 -25.34 -0.29 57.35
N SER B 235 -25.75 0.99 57.21
CA SER B 235 -26.46 1.66 58.28
C SER B 235 -27.55 2.58 57.76
N VAL B 236 -27.91 2.41 56.50
CA VAL B 236 -28.96 3.24 55.94
C VAL B 236 -30.36 2.61 56.10
N ASP B 237 -31.37 3.45 56.32
CA ASP B 237 -32.75 3.00 56.32
C ASP B 237 -33.28 2.93 54.88
N VAL B 238 -33.31 1.72 54.34
CA VAL B 238 -33.62 1.49 52.93
C VAL B 238 -35.00 2.01 52.54
N ASP B 239 -36.00 1.76 53.37
CA ASP B 239 -37.35 2.24 53.08
C ASP B 239 -37.39 3.76 53.08
N HIS B 240 -36.57 4.38 53.93
CA HIS B 240 -36.61 5.84 54.04
C HIS B 240 -35.81 6.52 52.94
N GLU B 241 -34.69 5.93 52.58
CA GLU B 241 -33.87 6.54 51.54
C GLU B 241 -34.63 6.47 50.22
N ALA B 242 -35.14 5.28 49.92
CA ALA B 242 -35.94 5.07 48.73
C ALA B 242 -37.11 6.06 48.67
N GLY B 243 -37.86 6.13 49.76
CA GLY B 243 -38.97 7.06 49.83
C GLY B 243 -38.48 8.48 49.60
N ARG B 244 -37.25 8.75 50.04
CA ARG B 244 -36.63 10.05 49.88
C ARG B 244 -36.38 10.41 48.42
N PHE B 245 -36.00 9.41 47.63
CA PHE B 245 -35.66 9.63 46.23
C PHE B 245 -36.88 9.50 45.31
N GLY B 246 -38.03 9.19 45.90
CA GLY B 246 -39.25 8.98 45.13
C GLY B 246 -39.14 7.70 44.31
N ILE B 247 -38.54 6.70 44.93
CA ILE B 247 -38.10 5.49 44.26
C ILE B 247 -38.72 4.25 44.89
N TYR B 248 -39.54 4.46 45.91
CA TYR B 248 -40.00 3.34 46.73
C TYR B 248 -40.59 2.17 45.93
N HIS B 249 -41.52 2.46 45.01
CA HIS B 249 -42.17 1.38 44.27
C HIS B 249 -41.15 0.61 43.44
N ARG B 250 -40.36 1.35 42.67
CA ARG B 250 -39.24 0.76 41.96
C ARG B 250 -38.43 -0.14 42.90
N TYR B 251 -37.95 0.44 43.99
CA TYR B 251 -37.19 -0.31 44.99
C TYR B 251 -37.85 -1.65 45.35
N CYS B 252 -39.17 -1.64 45.56
CA CYS B 252 -39.86 -2.85 46.02
C CYS B 252 -39.82 -3.95 44.98
N ILE B 253 -39.95 -3.55 43.73
CA ILE B 253 -39.89 -4.47 42.60
C ILE B 253 -38.51 -5.11 42.59
N GLU B 254 -37.48 -4.30 42.81
CA GLU B 254 -36.13 -4.83 42.79
C GLU B 254 -35.94 -5.85 43.91
N ARG B 255 -36.42 -5.49 45.09
CA ARG B 255 -36.25 -6.33 46.26
C ARG B 255 -37.05 -7.62 46.12
N ALA B 256 -38.31 -7.47 45.69
CA ALA B 256 -39.23 -8.59 45.48
C ALA B 256 -38.65 -9.55 44.46
N ALA B 257 -37.93 -9.01 43.49
CA ALA B 257 -37.29 -9.83 42.47
C ALA B 257 -36.14 -10.64 43.06
N ALA B 258 -35.43 -10.06 44.00
CA ALA B 258 -34.25 -10.70 44.58
C ALA B 258 -34.60 -11.82 45.56
N HIS B 259 -35.80 -11.77 46.13
CA HIS B 259 -36.21 -12.75 47.14
C HIS B 259 -37.03 -13.92 46.59
N SER B 260 -37.82 -13.66 45.55
CA SER B 260 -38.64 -14.70 44.95
C SER B 260 -37.78 -15.65 44.15
N ALA B 261 -36.74 -15.11 43.52
CA ALA B 261 -35.87 -15.91 42.68
C ALA B 261 -35.28 -17.10 43.45
N ASP B 262 -35.08 -18.21 42.76
CA ASP B 262 -34.45 -19.37 43.38
C ASP B 262 -32.96 -19.14 43.57
N VAL B 263 -32.34 -18.48 42.58
CA VAL B 263 -30.94 -18.10 42.66
C VAL B 263 -30.79 -16.60 42.44
N PHE B 264 -30.29 -15.88 43.44
CA PHE B 264 -30.02 -14.43 43.32
C PHE B 264 -28.54 -14.13 43.06
N THR B 265 -28.24 -13.36 42.03
CA THR B 265 -26.84 -13.09 41.67
C THR B 265 -26.57 -11.63 41.34
N THR B 266 -25.30 -11.24 41.42
CA THR B 266 -24.87 -9.93 40.94
C THR B 266 -23.69 -10.10 39.99
N VAL B 267 -23.34 -9.02 39.29
CA VAL B 267 -22.25 -9.10 38.33
C VAL B 267 -20.89 -9.04 38.97
N SER B 268 -20.82 -8.59 40.22
CA SER B 268 -19.51 -8.42 40.85
C SER B 268 -19.55 -8.59 42.37
N GLN B 269 -18.38 -8.77 42.97
CA GLN B 269 -18.27 -8.84 44.42
C GLN B 269 -18.76 -7.58 45.08
N ILE B 270 -18.47 -6.43 44.49
CA ILE B 270 -18.76 -5.17 45.18
C ILE B 270 -20.24 -4.86 45.12
N THR B 271 -20.85 -5.20 43.99
CA THR B 271 -22.29 -5.06 43.85
C THR B 271 -22.98 -6.07 44.77
N ALA B 272 -22.32 -7.21 44.97
CA ALA B 272 -22.79 -8.22 45.92
C ALA B 272 -22.69 -7.73 47.38
N PHE B 273 -21.87 -6.72 47.62
CA PHE B 273 -21.82 -6.13 48.95
C PHE B 273 -22.99 -5.14 49.10
N GLU B 274 -23.11 -4.22 48.15
CA GLU B 274 -24.27 -3.35 48.06
C GLU B 274 -25.52 -4.11 48.38
N ALA B 275 -25.76 -5.12 47.53
CA ALA B 275 -27.01 -5.87 47.47
C ALA B 275 -27.39 -6.53 48.79
N GLU B 276 -26.51 -7.34 49.34
CA GLU B 276 -26.77 -7.94 50.64
C GLU B 276 -27.34 -6.94 51.67
N HIS B 277 -26.86 -5.69 51.66
CA HIS B 277 -27.32 -4.71 52.66
C HIS B 277 -28.42 -3.74 52.16
N LEU B 278 -28.46 -3.48 50.87
CA LEU B 278 -29.50 -2.61 50.31
C LEU B 278 -30.76 -3.39 49.90
N LEU B 279 -30.60 -4.69 49.60
CA LEU B 279 -31.72 -5.52 49.16
C LEU B 279 -32.12 -6.58 50.19
N LYS B 280 -31.18 -6.95 51.06
CA LYS B 280 -31.50 -7.79 52.20
C LYS B 280 -31.46 -9.28 51.88
N ARG B 281 -30.67 -9.64 50.87
CA ARG B 281 -30.40 -11.03 50.60
C ARG B 281 -29.00 -11.21 50.01
N LYS B 282 -28.18 -11.99 50.69
CA LYS B 282 -26.83 -12.21 50.24
C LYS B 282 -26.86 -13.00 48.94
N PRO B 283 -26.34 -12.41 47.85
CA PRO B 283 -26.29 -13.11 46.57
C PRO B 283 -25.60 -14.46 46.73
N ASP B 284 -26.08 -15.45 46.00
CA ASP B 284 -25.48 -16.78 46.07
C ASP B 284 -24.20 -16.81 45.26
N GLY B 285 -24.03 -15.86 44.35
CA GLY B 285 -22.89 -15.89 43.47
C GLY B 285 -22.74 -14.71 42.54
N ILE B 286 -21.65 -14.74 41.79
CA ILE B 286 -21.21 -13.63 40.96
C ILE B 286 -21.20 -14.04 39.50
N LEU B 287 -21.80 -13.21 38.64
CA LEU B 287 -21.85 -13.49 37.20
C LEU B 287 -21.16 -12.38 36.41
N PRO B 288 -19.82 -12.34 36.49
CA PRO B 288 -18.95 -11.29 35.96
C PRO B 288 -19.09 -11.19 34.45
N ASN B 289 -19.09 -9.98 33.89
CA ASN B 289 -19.26 -9.85 32.45
C ASN B 289 -17.99 -10.14 31.66
N GLY B 290 -18.03 -11.25 30.92
CA GLY B 290 -16.96 -11.62 30.01
C GLY B 290 -17.19 -10.89 28.70
N LEU B 291 -16.31 -11.13 27.73
CA LEU B 291 -16.37 -10.46 26.45
C LEU B 291 -16.15 -11.48 25.37
N ASN B 292 -16.43 -11.10 24.12
CA ASN B 292 -16.03 -11.92 22.99
C ASN B 292 -14.63 -11.48 22.55
N VAL B 293 -13.63 -11.89 23.30
CA VAL B 293 -12.23 -11.51 23.08
C VAL B 293 -11.79 -11.69 21.62
N ILE B 294 -12.28 -12.74 20.98
CA ILE B 294 -12.10 -12.95 19.54
C ILE B 294 -12.31 -11.64 18.77
N LYS B 295 -13.41 -10.96 19.06
CA LYS B 295 -13.86 -9.78 18.32
C LYS B 295 -12.98 -8.53 18.48
N PHE B 296 -11.94 -8.65 19.31
CA PHE B 296 -10.99 -7.54 19.48
C PHE B 296 -9.66 -7.78 18.79
N GLN B 297 -9.46 -8.98 18.28
CA GLN B 297 -8.19 -9.32 17.64
C GLN B 297 -8.37 -10.01 16.31
N LEU B 305 1.40 -3.16 15.84
CA LEU B 305 0.02 -2.64 15.99
C LEU B 305 -0.12 -1.51 17.03
N HIS B 306 0.58 -1.62 18.15
CA HIS B 306 0.69 -0.51 19.08
C HIS B 306 1.44 0.59 18.35
N ALA B 307 2.71 0.34 18.07
CA ALA B 307 3.53 1.28 17.31
C ALA B 307 2.72 2.00 16.23
N LEU B 308 2.01 1.24 15.40
CA LEU B 308 1.36 1.82 14.24
C LEU B 308 0.26 2.84 14.60
N LYS B 309 -0.44 2.60 15.70
CA LYS B 309 -1.50 3.52 16.13
C LYS B 309 -0.99 4.68 16.97
N LYS B 310 0.08 4.47 17.75
CA LYS B 310 0.74 5.54 18.47
C LYS B 310 1.23 6.65 17.52
N GLU B 311 1.64 6.25 16.33
CA GLU B 311 2.07 7.21 15.33
C GLU B 311 0.94 8.13 14.88
N LYS B 312 -0.30 7.68 15.04
CA LYS B 312 -1.46 8.50 14.70
C LYS B 312 -1.78 9.46 15.85
N ILE B 313 -1.38 9.05 17.06
CA ILE B 313 -1.55 9.86 18.26
C ILE B 313 -0.43 10.89 18.32
N ASN B 314 0.75 10.49 17.84
CA ASN B 314 1.85 11.43 17.71
C ASN B 314 1.49 12.49 16.69
N ASP B 315 0.80 12.08 15.63
CA ASP B 315 0.39 13.04 14.59
C ASP B 315 -0.57 14.10 15.18
N PHE B 316 -1.48 13.67 16.06
CA PHE B 316 -2.41 14.60 16.69
C PHE B 316 -1.67 15.54 17.64
N VAL B 317 -0.74 14.97 18.41
CA VAL B 317 0.00 15.72 19.40
C VAL B 317 0.85 16.80 18.75
N ARG B 318 1.43 16.49 17.60
CA ARG B 318 2.22 17.48 16.89
C ARG B 318 1.33 18.61 16.39
N GLY B 319 0.18 18.25 15.86
CA GLY B 319 -0.72 19.26 15.34
C GLY B 319 -1.38 20.09 16.43
N HIS B 320 -1.28 19.63 17.67
CA HIS B 320 -2.00 20.32 18.72
C HIS B 320 -1.05 21.20 19.50
N PHE B 321 0.21 20.80 19.54
CA PHE B 321 1.23 21.56 20.24
C PHE B 321 2.17 22.29 19.29
N HIS B 322 1.67 22.62 18.10
CA HIS B 322 2.50 23.30 17.12
C HIS B 322 2.81 24.68 17.67
N GLY B 323 4.07 25.08 17.61
CA GLY B 323 4.45 26.37 18.09
C GLY B 323 5.08 26.29 19.47
N CYS B 324 4.65 25.32 20.27
CA CYS B 324 5.36 25.06 21.52
C CYS B 324 5.55 23.56 21.77
N PHE B 325 6.03 22.88 20.75
CA PHE B 325 6.39 21.48 20.84
C PHE B 325 7.82 21.42 21.34
N ASP B 326 7.97 21.15 22.64
CA ASP B 326 9.25 21.28 23.29
C ASP B 326 9.63 20.03 24.06
N PHE B 327 8.98 18.91 23.75
CA PHE B 327 9.32 17.69 24.47
C PHE B 327 9.66 16.55 23.52
N ASP B 328 10.05 15.42 24.10
CA ASP B 328 10.52 14.26 23.35
C ASP B 328 9.42 13.19 23.21
N LEU B 329 8.91 13.03 21.98
CA LEU B 329 7.86 12.02 21.73
C LEU B 329 8.34 10.58 21.99
N ASP B 330 9.64 10.38 22.01
CA ASP B 330 10.24 9.08 22.32
C ASP B 330 10.36 8.93 23.84
N ASN B 331 9.88 9.93 24.56
CA ASN B 331 9.99 9.95 26.01
C ASN B 331 8.68 10.45 26.60
N THR B 332 7.65 10.46 25.78
CA THR B 332 6.31 10.83 26.23
C THR B 332 5.38 9.62 26.34
N LEU B 333 4.59 9.59 27.42
CA LEU B 333 3.64 8.51 27.66
C LEU B 333 2.21 9.00 27.54
N TYR B 334 1.34 8.15 27.00
CA TYR B 334 -0.07 8.47 26.89
C TYR B 334 -0.93 7.82 27.98
N PHE B 335 -1.68 8.65 28.69
CA PHE B 335 -2.66 8.21 29.68
C PHE B 335 -4.03 8.52 29.10
N PHE B 336 -5.03 7.73 29.46
CA PHE B 336 -6.37 8.04 29.03
C PHE B 336 -7.42 7.48 29.97
N ILE B 337 -8.54 8.19 30.06
CA ILE B 337 -9.74 7.71 30.72
C ILE B 337 -10.87 7.78 29.72
N ALA B 338 -11.84 6.88 29.86
CA ALA B 338 -13.01 6.85 28.98
C ALA B 338 -14.25 6.22 29.61
N GLY B 339 -15.36 6.39 28.89
CA GLY B 339 -16.63 5.95 29.39
C GLY B 339 -17.65 7.05 29.23
N ARG B 340 -18.82 6.82 29.82
CA ARG B 340 -19.89 7.78 29.85
C ARG B 340 -19.45 8.99 30.67
N TYR B 341 -20.01 10.15 30.37
CA TYR B 341 -19.70 11.33 31.18
C TYR B 341 -20.43 11.21 32.51
N GLU B 342 -19.81 10.49 33.45
CA GLU B 342 -20.26 10.46 34.83
C GLU B 342 -19.17 11.01 35.76
N TYR B 343 -19.22 12.32 36.01
CA TYR B 343 -18.10 13.02 36.62
C TYR B 343 -17.62 12.41 37.96
N LYS B 344 -18.55 12.12 38.85
CA LYS B 344 -18.16 11.53 40.14
C LYS B 344 -17.97 10.02 40.04
N ASN B 345 -18.95 9.34 39.46
CA ASN B 345 -18.99 7.88 39.39
C ASN B 345 -17.78 7.25 38.71
N LYS B 346 -17.37 7.80 37.57
CA LYS B 346 -16.21 7.27 36.85
C LYS B 346 -14.88 7.89 37.33
N GLY B 347 -14.96 8.77 38.32
CA GLY B 347 -13.78 9.31 38.97
C GLY B 347 -12.95 10.26 38.12
N ALA B 348 -13.62 11.01 37.25
CA ALA B 348 -12.94 11.96 36.40
C ALA B 348 -12.29 13.05 37.25
N ASP B 349 -12.93 13.37 38.37
CA ASP B 349 -12.37 14.30 39.34
C ASP B 349 -11.07 13.75 39.93
N MET B 350 -11.09 12.50 40.35
CA MET B 350 -9.92 11.89 40.91
C MET B 350 -8.81 11.69 39.88
N PHE B 351 -9.16 11.67 38.61
CA PHE B 351 -8.17 11.50 37.54
C PHE B 351 -7.43 12.84 37.37
N ILE B 352 -8.21 13.88 37.15
CA ILE B 352 -7.68 15.21 36.97
C ILE B 352 -6.88 15.61 38.18
N GLU B 353 -7.46 15.46 39.37
CA GLU B 353 -6.77 15.87 40.61
C GLU B 353 -5.45 15.13 40.76
N ALA B 354 -5.47 13.81 40.58
CA ALA B 354 -4.27 13.00 40.72
C ALA B 354 -3.25 13.36 39.63
N LEU B 355 -3.76 13.81 38.50
CA LEU B 355 -2.93 14.20 37.38
C LEU B 355 -2.14 15.46 37.75
N ALA B 356 -2.80 16.41 38.42
CA ALA B 356 -2.15 17.65 38.87
C ALA B 356 -0.98 17.41 39.85
N ARG B 357 -1.18 16.50 40.81
CA ARG B 357 -0.12 16.11 41.74
C ARG B 357 1.02 15.39 41.02
N LEU B 358 0.71 14.70 39.92
CA LEU B 358 1.76 13.99 39.17
C LEU B 358 2.64 15.01 38.47
N ASN B 359 2.08 16.19 38.25
CA ASN B 359 2.80 17.26 37.58
C ASN B 359 3.92 17.69 38.51
N TYR B 360 3.53 18.22 39.67
CA TYR B 360 4.45 18.46 40.77
C TYR B 360 5.56 17.41 40.83
N ARG B 361 5.19 16.19 41.17
CA ARG B 361 6.18 15.14 41.36
C ARG B 361 7.22 14.99 40.24
N LEU B 362 6.88 15.43 39.04
CA LEU B 362 7.80 15.31 37.90
C LEU B 362 8.55 16.63 37.67
N LYS B 363 7.95 17.74 38.09
CA LYS B 363 8.65 19.03 38.15
C LYS B 363 9.75 18.94 39.21
N VAL B 364 9.32 18.94 40.48
CA VAL B 364 10.20 18.78 41.65
C VAL B 364 11.30 17.74 41.48
N SER B 365 10.98 16.59 40.90
CA SER B 365 11.97 15.53 40.73
C SER B 365 12.81 15.78 39.48
N GLY B 366 12.55 16.93 38.84
CA GLY B 366 13.20 17.29 37.60
C GLY B 366 13.16 16.10 36.66
N SER B 367 11.97 15.72 36.23
CA SER B 367 11.84 14.53 35.39
C SER B 367 11.97 14.91 33.91
N LYS B 368 12.59 14.00 33.16
CA LYS B 368 12.81 14.18 31.73
C LYS B 368 11.54 13.85 30.91
N LYS B 369 10.81 12.83 31.35
CA LYS B 369 9.66 12.32 30.62
C LYS B 369 8.41 13.22 30.68
N THR B 370 7.52 13.04 29.71
CA THR B 370 6.30 13.83 29.60
C THR B 370 5.06 12.94 29.50
N VAL B 371 3.95 13.42 30.07
CA VAL B 371 2.70 12.68 30.02
C VAL B 371 1.56 13.47 29.38
N VAL B 372 1.11 13.07 28.21
CA VAL B 372 -0.09 13.68 27.65
C VAL B 372 -1.28 12.81 28.06
N ALA B 373 -2.30 13.41 28.68
CA ALA B 373 -3.42 12.64 29.22
C ALA B 373 -4.74 12.99 28.55
N PHE B 374 -5.38 12.01 27.92
CA PHE B 374 -6.62 12.25 27.20
C PHE B 374 -7.86 12.01 28.08
N ILE B 375 -8.89 12.83 27.90
CA ILE B 375 -10.20 12.53 28.51
C ILE B 375 -11.19 12.30 27.39
N VAL B 376 -11.70 11.08 27.28
CA VAL B 376 -12.58 10.79 26.18
C VAL B 376 -13.96 10.46 26.72
N MET B 377 -14.70 11.52 27.04
CA MET B 377 -16.04 11.41 27.61
C MET B 377 -17.01 12.32 26.88
N PRO B 378 -17.97 11.73 26.17
CA PRO B 378 -18.89 12.49 25.30
C PRO B 378 -19.71 13.52 26.07
N ALA B 379 -19.77 14.74 25.53
CA ALA B 379 -20.54 15.82 26.12
C ALA B 379 -21.14 16.68 25.02
N LYS B 380 -22.08 17.53 25.40
CA LYS B 380 -22.71 18.45 24.48
C LYS B 380 -21.65 19.33 23.85
N ASN B 381 -21.57 19.33 22.51
CA ASN B 381 -20.55 20.07 21.77
C ASN B 381 -21.02 20.57 20.40
N ASN B 382 -20.34 21.55 19.83
CA ASN B 382 -20.66 21.95 18.44
C ASN B 382 -19.58 21.55 17.41
N SER B 383 -18.91 20.43 17.67
CA SER B 383 -17.79 19.96 16.84
C SER B 383 -16.47 20.67 17.17
N PHE B 384 -15.47 20.42 16.34
CA PHE B 384 -14.10 20.84 16.63
C PHE B 384 -13.97 22.34 16.59
N THR B 385 -13.16 22.88 17.50
CA THR B 385 -12.86 24.31 17.53
C THR B 385 -12.09 24.69 16.29
N VAL B 386 -12.12 25.97 15.93
CA VAL B 386 -11.30 26.44 14.84
C VAL B 386 -9.82 26.26 15.19
N GLU B 387 -9.42 26.68 16.40
CA GLU B 387 -8.03 26.58 16.82
C GLU B 387 -7.46 25.17 16.58
N ALA B 388 -8.16 24.17 17.10
CA ALA B 388 -7.76 22.78 16.99
C ALA B 388 -7.62 22.32 15.54
N LEU B 389 -8.56 22.74 14.70
CA LEU B 389 -8.58 22.33 13.30
C LEU B 389 -7.46 22.92 12.44
N LYS B 390 -7.04 24.16 12.74
CA LYS B 390 -5.92 24.80 12.01
C LYS B 390 -4.59 24.12 12.32
N GLY B 391 -4.32 23.94 13.60
CA GLY B 391 -3.09 23.30 14.03
C GLY B 391 -2.86 21.95 13.38
N GLN B 392 -3.91 21.22 13.07
CA GLN B 392 -3.68 19.95 12.40
C GLN B 392 -3.38 20.22 10.94
N ALA B 393 -4.12 21.15 10.34
CA ALA B 393 -4.01 21.38 8.89
C ALA B 393 -2.64 21.94 8.50
N GLU B 394 -2.04 22.69 9.42
CA GLU B 394 -0.77 23.31 9.14
C GLU B 394 0.34 22.33 9.40
N VAL B 395 0.13 21.39 10.32
CA VAL B 395 1.11 20.33 10.49
C VAL B 395 0.95 19.23 9.42
N ARG B 396 -0.21 19.14 8.80
CA ARG B 396 -0.34 18.26 7.65
C ARG B 396 0.39 18.84 6.45
N ALA B 397 0.21 20.13 6.20
CA ALA B 397 0.93 20.81 5.13
C ALA B 397 2.45 20.75 5.33
N LEU B 398 2.89 20.77 6.59
CA LEU B 398 4.31 20.66 6.86
C LEU B 398 4.82 19.30 6.45
N GLU B 399 3.98 18.30 6.70
CA GLU B 399 4.33 16.91 6.46
C GLU B 399 4.36 16.65 4.96
N ASN B 400 3.44 17.28 4.24
CA ASN B 400 3.35 17.10 2.81
C ASN B 400 4.49 17.77 2.07
N THR B 401 4.96 18.88 2.64
CA THR B 401 6.02 19.66 2.05
C THR B 401 7.36 19.01 2.33
N VAL B 402 7.58 18.56 3.56
CA VAL B 402 8.80 17.84 3.84
C VAL B 402 8.85 16.59 2.95
N HIS B 403 7.69 16.01 2.63
CA HIS B 403 7.68 14.85 1.76
C HIS B 403 8.13 15.18 0.34
N GLU B 404 7.55 16.22 -0.24
CA GLU B 404 7.91 16.63 -1.59
C GLU B 404 9.41 16.90 -1.64
N VAL B 405 9.84 17.79 -0.76
CA VAL B 405 11.23 18.19 -0.65
C VAL B 405 12.14 16.98 -0.49
N THR B 406 11.81 16.08 0.43
CA THR B 406 12.73 14.96 0.64
C THR B 406 12.82 14.02 -0.54
N THR B 407 11.71 13.62 -1.18
CA THR B 407 11.84 12.70 -2.31
C THR B 407 12.63 13.34 -3.46
N SER B 408 12.52 14.66 -3.61
CA SER B 408 13.40 15.39 -4.54
C SER B 408 14.88 15.26 -4.18
N ILE B 409 15.21 15.40 -2.90
CA ILE B 409 16.57 15.18 -2.46
C ILE B 409 16.99 13.73 -2.77
N GLY B 410 16.11 12.77 -2.53
CA GLY B 410 16.36 11.40 -2.92
C GLY B 410 16.61 11.26 -4.40
N LYS B 411 15.70 11.78 -5.21
CA LYS B 411 15.91 11.74 -6.65
C LYS B 411 17.25 12.35 -7.03
N ARG B 412 17.64 13.46 -6.42
CA ARG B 412 18.91 14.11 -6.76
C ARG B 412 20.17 13.40 -6.25
N ILE B 413 20.09 12.75 -5.10
CA ILE B 413 21.21 11.95 -4.60
C ILE B 413 21.45 10.75 -5.50
N PHE B 414 20.37 10.10 -5.89
CA PHE B 414 20.42 8.92 -6.73
C PHE B 414 20.95 9.24 -8.14
N ASP B 415 20.33 10.22 -8.79
CA ASP B 415 20.72 10.59 -10.15
C ASP B 415 22.15 11.09 -10.15
N HIS B 416 22.74 11.19 -8.97
CA HIS B 416 24.12 11.57 -8.84
C HIS B 416 24.98 10.35 -8.66
N ALA B 417 24.57 9.48 -7.73
CA ALA B 417 25.31 8.27 -7.44
C ALA B 417 25.36 7.30 -8.63
N ILE B 418 24.25 7.16 -9.34
CA ILE B 418 24.22 6.26 -10.49
C ILE B 418 25.04 6.80 -11.67
N ARG B 419 25.01 8.13 -11.85
CA ARG B 419 25.56 8.80 -13.03
C ARG B 419 27.07 8.89 -12.95
N TYR B 420 27.62 8.24 -11.92
CA TYR B 420 29.06 8.24 -11.68
C TYR B 420 29.83 7.41 -12.70
N PRO B 421 31.05 7.85 -13.07
CA PRO B 421 31.75 9.03 -12.51
C PRO B 421 31.37 10.35 -13.19
N GLY B 434 26.10 20.00 0.66
CA GLY B 434 25.88 21.44 0.76
C GLY B 434 24.77 21.95 -0.17
N GLU B 435 23.67 22.42 0.41
CA GLU B 435 22.50 22.87 -0.35
C GLU B 435 22.10 21.98 -1.53
N LEU B 436 21.56 20.81 -1.20
CA LEU B 436 20.87 19.96 -2.17
C LEU B 436 19.48 20.53 -2.35
N LEU B 437 19.13 21.44 -1.45
CA LEU B 437 17.86 22.14 -1.48
C LEU B 437 17.99 23.38 -2.35
N LYS B 438 17.35 23.37 -3.52
CA LYS B 438 17.31 24.59 -4.32
C LYS B 438 16.42 25.65 -3.65
N SER B 439 16.61 26.92 -4.01
CA SER B 439 15.85 27.99 -3.36
C SER B 439 14.33 27.82 -3.54
N SER B 440 13.93 27.17 -4.63
CA SER B 440 12.53 26.84 -4.85
C SER B 440 11.98 26.11 -3.62
N ASP B 441 12.67 25.04 -3.22
CA ASP B 441 12.25 24.21 -2.10
C ASP B 441 12.29 24.95 -0.76
N LYS B 442 13.38 25.70 -0.52
CA LYS B 442 13.53 26.48 0.72
C LYS B 442 12.35 27.43 0.96
N VAL B 443 11.89 28.08 -0.11
CA VAL B 443 10.78 29.02 -0.04
C VAL B 443 9.54 28.45 0.63
N MET B 444 9.01 27.35 0.09
CA MET B 444 7.84 26.69 0.70
C MET B 444 8.11 26.12 2.09
N LEU B 445 9.28 25.51 2.29
CA LEU B 445 9.67 25.01 3.61
C LEU B 445 9.63 26.10 4.68
N LYS B 446 10.10 27.29 4.32
CA LYS B 446 10.13 28.43 5.24
C LYS B 446 8.68 28.79 5.60
N ARG B 447 7.84 28.87 4.56
CA ARG B 447 6.45 29.25 4.73
C ARG B 447 5.67 28.32 5.66
N ARG B 448 5.87 27.03 5.51
CA ARG B 448 5.20 26.07 6.35
C ARG B 448 5.65 26.19 7.80
N ILE B 449 6.94 26.39 8.01
CA ILE B 449 7.44 26.53 9.37
C ILE B 449 6.90 27.80 10.01
N LEU B 450 6.84 28.87 9.22
CA LEU B 450 6.35 30.15 9.71
C LEU B 450 4.87 30.09 10.08
N ALA B 451 4.10 29.24 9.41
CA ALA B 451 2.68 29.13 9.72
C ALA B 451 2.44 28.44 11.08
N LEU B 452 3.47 27.78 11.59
CA LEU B 452 3.33 27.00 12.82
C LEU B 452 3.37 27.86 14.05
N ARG B 453 3.54 29.17 13.85
CA ARG B 453 3.82 30.13 14.93
C ARG B 453 2.62 30.32 15.84
N ARG B 454 2.84 30.15 17.15
CA ARG B 454 1.84 30.51 18.15
C ARG B 454 1.79 32.04 18.37
N PRO B 455 0.57 32.63 18.33
CA PRO B 455 0.37 34.01 18.81
C PRO B 455 1.02 34.20 20.18
N GLU B 456 1.63 35.36 20.42
CA GLU B 456 2.36 35.62 21.67
C GLU B 456 1.64 35.09 22.92
N GLY B 457 2.29 34.16 23.64
CA GLY B 457 1.79 33.70 24.93
C GLY B 457 0.54 32.82 24.96
N GLN B 458 0.06 32.39 23.79
CA GLN B 458 -1.08 31.47 23.69
C GLN B 458 -0.65 30.02 23.96
N LEU B 459 -1.50 29.27 24.66
CA LEU B 459 -1.16 27.91 25.07
C LEU B 459 -2.06 26.88 24.38
N PRO B 460 -1.52 25.68 24.12
CA PRO B 460 -2.29 24.61 23.47
C PRO B 460 -3.54 24.29 24.28
N PRO B 461 -4.70 24.24 23.60
CA PRO B 461 -6.00 24.10 24.26
C PRO B 461 -6.07 22.90 25.19
N ILE B 462 -7.05 22.88 26.06
CA ILE B 462 -7.31 21.71 26.89
C ILE B 462 -8.56 21.00 26.37
N VAL B 463 -9.17 21.53 25.32
CA VAL B 463 -10.35 20.91 24.73
C VAL B 463 -10.21 20.98 23.24
N THR B 464 -10.72 19.97 22.55
CA THR B 464 -10.63 19.91 21.10
C THR B 464 -11.91 20.41 20.42
N HIS B 465 -12.94 20.61 21.22
CA HIS B 465 -14.27 20.97 20.72
C HIS B 465 -14.84 22.27 21.28
N ASN B 466 -15.80 22.84 20.58
CA ASN B 466 -16.62 23.88 21.18
C ASN B 466 -17.59 23.21 22.15
N MET B 467 -17.44 23.52 23.44
CA MET B 467 -18.38 23.05 24.44
C MET B 467 -19.73 23.79 24.36
N VAL B 468 -20.80 23.08 24.70
CA VAL B 468 -22.13 23.66 24.69
C VAL B 468 -22.41 24.34 26.02
N ASP B 469 -21.82 23.81 27.08
CA ASP B 469 -21.90 24.41 28.40
C ASP B 469 -20.48 24.62 28.90
N ASP B 470 -19.76 25.50 28.21
CA ASP B 470 -18.38 25.79 28.55
C ASP B 470 -18.17 26.22 30.01
N ALA B 471 -19.14 26.93 30.57
CA ALA B 471 -18.96 27.56 31.87
C ALA B 471 -19.13 26.61 33.04
N ASN B 472 -20.10 25.69 32.92
CA ASN B 472 -20.42 24.76 33.99
C ASN B 472 -19.80 23.38 33.89
N ASP B 473 -19.34 23.02 32.69
CA ASP B 473 -18.79 21.69 32.49
C ASP B 473 -17.89 21.22 33.65
N LEU B 474 -18.29 20.14 34.30
CA LEU B 474 -17.52 19.65 35.43
C LEU B 474 -16.06 19.33 35.09
N ILE B 475 -15.81 18.77 33.91
CA ILE B 475 -14.45 18.38 33.53
C ILE B 475 -13.58 19.60 33.33
N LEU B 476 -14.06 20.55 32.52
CA LEU B 476 -13.31 21.79 32.29
C LEU B 476 -12.96 22.54 33.59
N ASN B 477 -13.97 22.85 34.40
CA ASN B 477 -13.77 23.56 35.65
C ASN B 477 -12.80 22.91 36.64
N LYS B 478 -12.65 21.59 36.56
CA LYS B 478 -11.69 20.91 37.42
C LYS B 478 -10.27 21.05 36.90
N ILE B 479 -10.09 21.00 35.58
CA ILE B 479 -8.75 21.19 35.03
C ILE B 479 -8.37 22.67 35.05
N ARG B 480 -9.37 23.54 35.00
CA ARG B 480 -9.16 24.98 35.23
C ARG B 480 -8.68 25.19 36.66
N GLN B 481 -9.41 24.63 37.61
CA GLN B 481 -9.11 24.80 39.02
C GLN B 481 -7.70 24.32 39.43
N VAL B 482 -7.17 23.31 38.74
CA VAL B 482 -5.83 22.83 39.08
C VAL B 482 -4.77 23.42 38.15
N GLN B 483 -5.24 24.15 37.13
CA GLN B 483 -4.37 24.86 36.21
C GLN B 483 -3.36 23.99 35.47
N LEU B 484 -3.86 22.90 34.89
CA LEU B 484 -3.09 22.14 33.93
C LEU B 484 -3.43 22.72 32.58
N PHE B 485 -2.81 23.84 32.24
CA PHE B 485 -3.17 24.54 31.01
C PHE B 485 -2.21 24.30 29.83
N ASN B 486 -1.26 23.38 30.00
CA ASN B 486 -0.37 22.94 28.92
C ASN B 486 0.82 23.85 28.66
N SER B 487 1.32 24.48 29.72
CA SER B 487 2.52 25.28 29.63
C SER B 487 3.67 24.34 29.36
N PRO B 488 4.80 24.87 28.87
CA PRO B 488 5.99 24.05 28.62
C PRO B 488 6.67 23.62 29.91
N SER B 489 6.37 24.33 30.99
CA SER B 489 6.86 23.93 32.31
C SER B 489 6.17 22.62 32.69
N ASP B 490 4.85 22.61 32.53
CA ASP B 490 4.00 21.46 32.88
C ASP B 490 4.41 20.15 32.21
N ARG B 491 4.67 19.13 33.02
CA ARG B 491 5.18 17.87 32.55
C ARG B 491 4.07 16.86 32.25
N VAL B 492 2.84 17.24 32.57
CA VAL B 492 1.66 16.49 32.15
C VAL B 492 0.73 17.40 31.36
N LYS B 493 0.65 17.20 30.06
CA LYS B 493 -0.31 17.92 29.24
C LYS B 493 -1.70 17.30 29.37
N MET B 494 -2.71 18.06 28.97
CA MET B 494 -4.10 17.72 29.22
C MET B 494 -4.96 17.92 27.96
N ILE B 495 -5.70 16.89 27.54
CA ILE B 495 -6.53 17.01 26.33
C ILE B 495 -7.90 16.35 26.55
N PHE B 496 -8.95 17.16 26.49
CA PHE B 496 -10.31 16.67 26.73
C PHE B 496 -11.02 16.59 25.38
N HIS B 497 -11.29 15.36 24.94
CA HIS B 497 -11.97 15.08 23.67
C HIS B 497 -13.41 14.65 23.96
N PRO B 498 -14.32 15.63 24.02
CA PRO B 498 -15.70 15.46 24.47
C PRO B 498 -16.57 14.84 23.39
N GLU B 499 -16.13 13.72 22.83
CA GLU B 499 -16.82 13.10 21.72
C GLU B 499 -16.34 11.68 21.58
N PHE B 500 -17.14 10.86 20.89
CA PHE B 500 -16.69 9.53 20.50
C PHE B 500 -15.57 9.64 19.47
N LEU B 501 -14.56 8.80 19.61
CA LEU B 501 -13.48 8.77 18.64
C LEU B 501 -13.95 8.16 17.31
N ASN B 502 -13.43 8.70 16.23
CA ASN B 502 -13.80 8.22 14.91
C ASN B 502 -12.62 8.28 13.97
N ALA B 503 -12.37 7.19 13.26
CA ALA B 503 -11.13 7.06 12.50
C ALA B 503 -11.09 8.04 11.34
N ASN B 504 -12.26 8.50 10.91
CA ASN B 504 -12.31 9.54 9.89
C ASN B 504 -12.79 10.87 10.48
N ASN B 505 -12.04 11.35 11.47
CA ASN B 505 -12.23 12.69 11.98
C ASN B 505 -11.00 13.49 11.56
N PRO B 506 -11.16 14.81 11.38
CA PRO B 506 -10.05 15.70 11.03
C PRO B 506 -8.99 15.79 12.13
N ILE B 507 -9.35 15.50 13.38
CA ILE B 507 -8.41 15.76 14.44
C ILE B 507 -7.76 14.53 15.06
N LEU B 508 -8.55 13.70 15.72
CA LEU B 508 -8.01 12.49 16.31
C LEU B 508 -8.45 11.28 15.46
N GLY B 509 -7.83 11.13 14.29
CA GLY B 509 -8.26 10.19 13.27
C GLY B 509 -8.07 8.71 13.57
N LEU B 510 -8.63 8.27 14.69
CA LEU B 510 -8.57 6.89 15.12
C LEU B 510 -9.97 6.41 15.46
N ASP B 511 -10.18 5.09 15.45
CA ASP B 511 -11.39 4.55 16.07
C ASP B 511 -11.00 4.28 17.52
N TYR B 512 -11.99 4.14 18.39
CA TYR B 512 -11.71 3.97 19.80
C TYR B 512 -10.67 2.87 20.01
N ASP B 513 -10.94 1.71 19.42
CA ASP B 513 -10.08 0.54 19.60
C ASP B 513 -8.64 0.79 19.16
N GLU B 514 -8.46 1.50 18.05
CA GLU B 514 -7.14 1.93 17.62
C GLU B 514 -6.48 2.78 18.70
N PHE B 515 -7.20 3.81 19.16
CA PHE B 515 -6.69 4.76 20.15
C PHE B 515 -6.25 4.08 21.44
N VAL B 516 -7.08 3.17 21.95
CA VAL B 516 -6.74 2.49 23.18
C VAL B 516 -5.36 1.82 23.04
N ARG B 517 -5.17 1.10 21.93
CA ARG B 517 -3.94 0.38 21.62
C ARG B 517 -2.76 1.32 21.50
N GLY B 518 -2.93 2.37 20.70
CA GLY B 518 -1.91 3.39 20.56
C GLY B 518 -1.50 4.05 21.87
N CYS B 519 -2.22 3.75 22.95
CA CYS B 519 -1.91 4.37 24.22
C CYS B 519 -0.97 3.50 25.02
N HIS B 520 -0.65 3.98 26.22
CA HIS B 520 0.32 3.34 27.09
C HIS B 520 -0.36 2.80 28.34
N LEU B 521 -1.31 3.59 28.85
CA LEU B 521 -1.98 3.26 30.09
C LEU B 521 -3.41 3.82 30.11
N GLY B 522 -4.36 2.97 30.48
CA GLY B 522 -5.71 3.42 30.75
C GLY B 522 -5.82 3.66 32.25
N VAL B 523 -6.55 4.71 32.63
CA VAL B 523 -6.75 5.02 34.04
C VAL B 523 -8.23 5.21 34.27
N PHE B 524 -8.82 4.41 35.15
CA PHE B 524 -10.26 4.50 35.42
C PHE B 524 -10.55 4.45 36.93
N PRO B 525 -10.44 5.62 37.59
CA PRO B 525 -10.61 5.73 39.04
C PRO B 525 -12.07 5.78 39.45
N SER B 526 -12.77 4.67 39.24
CA SER B 526 -14.21 4.61 39.44
C SER B 526 -14.63 4.58 40.93
N TYR B 527 -15.69 5.32 41.26
CA TYR B 527 -16.32 5.22 42.58
C TYR B 527 -17.53 4.30 42.49
N TYR B 528 -18.42 4.58 41.55
CA TYR B 528 -19.56 3.71 41.34
C TYR B 528 -19.58 3.08 39.94
N GLU B 529 -19.34 1.77 39.90
CA GLU B 529 -19.17 1.09 38.63
C GLU B 529 -19.39 -0.40 38.84
N PRO B 530 -20.65 -0.83 38.74
CA PRO B 530 -20.97 -2.19 39.16
C PRO B 530 -20.20 -3.23 38.35
N TRP B 531 -19.93 -2.96 37.09
CA TRP B 531 -18.97 -3.79 36.37
C TRP B 531 -17.76 -3.00 35.86
N GLY B 532 -17.97 -2.19 34.83
CA GLY B 532 -16.88 -1.42 34.29
C GLY B 532 -16.30 -2.07 33.05
N TYR B 533 -17.10 -2.04 31.98
CA TYR B 533 -16.68 -2.60 30.71
C TYR B 533 -15.49 -1.87 30.11
N THR B 534 -15.33 -0.60 30.42
CA THR B 534 -14.34 0.23 29.73
C THR B 534 -12.90 -0.13 30.12
N PRO B 535 -12.64 -0.31 31.42
CA PRO B 535 -11.37 -0.87 31.87
C PRO B 535 -11.14 -2.28 31.33
N ALA B 536 -12.22 -3.04 31.24
CA ALA B 536 -12.10 -4.45 30.95
C ALA B 536 -11.74 -4.65 29.50
N GLU B 537 -12.29 -3.84 28.62
CA GLU B 537 -11.94 -4.01 27.22
C GLU B 537 -10.65 -3.26 26.95
N CYS B 538 -10.15 -2.60 27.99
CA CYS B 538 -8.82 -2.04 27.91
C CYS B 538 -7.84 -3.19 28.05
N THR B 539 -7.96 -3.93 29.15
CA THR B 539 -7.18 -5.14 29.35
C THR B 539 -7.14 -6.04 28.12
N VAL B 540 -8.32 -6.43 27.66
CA VAL B 540 -8.45 -7.29 26.49
C VAL B 540 -7.55 -6.86 25.34
N MET B 541 -7.53 -5.57 25.04
CA MET B 541 -6.73 -5.06 23.92
C MET B 541 -5.21 -5.11 24.17
N GLY B 542 -4.80 -5.46 25.38
CA GLY B 542 -3.39 -5.62 25.71
C GLY B 542 -2.78 -4.41 26.41
N VAL B 543 -3.62 -3.56 26.97
CA VAL B 543 -3.17 -2.28 27.51
C VAL B 543 -3.34 -2.21 29.04
N PRO B 544 -2.26 -1.84 29.74
CA PRO B 544 -2.25 -1.78 31.21
C PRO B 544 -3.28 -0.78 31.65
N SER B 545 -3.99 -1.07 32.74
CA SER B 545 -5.02 -0.18 33.27
C SER B 545 -4.84 0.04 34.74
N ILE B 546 -5.45 1.10 35.24
CA ILE B 546 -5.59 1.32 36.66
C ILE B 546 -7.08 1.32 36.92
N THR B 547 -7.51 0.53 37.88
CA THR B 547 -8.91 0.53 38.30
C THR B 547 -9.04 0.55 39.82
N THR B 548 -10.10 -0.03 40.35
CA THR B 548 -10.51 0.31 41.70
C THR B 548 -11.24 -0.84 42.38
N ASN B 549 -11.13 -0.93 43.70
CA ASN B 549 -11.73 -2.06 44.41
C ASN B 549 -13.20 -1.86 44.79
N VAL B 550 -13.79 -0.76 44.31
CA VAL B 550 -15.23 -0.59 44.35
C VAL B 550 -15.79 -0.61 42.93
N SER B 551 -14.91 -0.86 41.98
CA SER B 551 -15.32 -1.14 40.61
C SER B 551 -15.49 -2.64 40.47
N GLY B 552 -16.64 -3.05 39.92
CA GLY B 552 -16.90 -4.44 39.62
C GLY B 552 -15.70 -5.16 39.04
N PHE B 553 -15.27 -4.74 37.85
CA PHE B 553 -14.17 -5.38 37.13
C PHE B 553 -12.90 -5.34 37.96
N GLY B 554 -12.71 -4.25 38.69
CA GLY B 554 -11.59 -4.10 39.58
C GLY B 554 -11.57 -5.24 40.60
N SER B 555 -12.58 -5.27 41.46
CA SER B 555 -12.68 -6.31 42.48
C SER B 555 -12.50 -7.71 41.88
N TYR B 556 -13.10 -7.96 40.73
CA TYR B 556 -13.05 -9.31 40.19
C TYR B 556 -11.63 -9.68 39.82
N MET B 557 -10.89 -8.68 39.36
CA MET B 557 -9.49 -8.82 38.98
C MET B 557 -8.58 -8.87 40.22
N GLU B 558 -9.02 -8.21 41.30
CA GLU B 558 -8.27 -8.22 42.56
C GLU B 558 -8.27 -9.61 43.21
N ASP B 559 -9.29 -10.41 42.89
CA ASP B 559 -9.37 -11.77 43.36
C ASP B 559 -8.44 -12.66 42.56
N LEU B 560 -7.89 -12.11 41.48
CA LEU B 560 -7.16 -12.92 40.52
C LEU B 560 -5.74 -12.40 40.20
N ALA B 566 0.54 -9.37 40.42
CA ALA B 566 -0.49 -8.34 40.58
C ALA B 566 -0.33 -7.15 39.61
N LYS B 567 0.53 -6.21 39.97
CA LYS B 567 0.80 -5.05 39.11
C LYS B 567 1.83 -5.42 38.04
N ASP B 568 2.30 -6.66 38.07
CA ASP B 568 3.28 -7.12 37.11
C ASP B 568 2.58 -7.57 35.82
N TYR B 569 1.26 -7.71 35.91
CA TYR B 569 0.47 -8.08 34.74
C TYR B 569 -0.24 -6.88 34.16
N GLY B 570 0.20 -5.69 34.57
CA GLY B 570 -0.33 -4.47 34.01
C GLY B 570 -1.71 -4.15 34.55
N ILE B 571 -2.03 -4.66 35.73
CA ILE B 571 -3.27 -4.29 36.39
C ILE B 571 -3.05 -3.63 37.75
N TYR B 572 -3.38 -2.36 37.82
CA TYR B 572 -3.20 -1.58 39.04
C TYR B 572 -4.57 -1.35 39.68
N ILE B 573 -4.70 -1.71 40.96
CA ILE B 573 -5.94 -1.46 41.68
C ILE B 573 -5.78 -0.46 42.83
N VAL B 574 -6.44 0.69 42.69
CA VAL B 574 -6.50 1.71 43.75
C VAL B 574 -7.58 1.40 44.78
N ASP B 575 -7.22 1.43 46.05
CA ASP B 575 -8.17 1.18 47.10
C ASP B 575 -9.03 2.40 47.39
N ARG B 576 -10.15 2.54 46.67
CA ARG B 576 -11.05 3.65 46.90
C ARG B 576 -12.07 3.34 48.00
N ARG B 577 -11.95 2.17 48.60
CA ARG B 577 -12.96 1.64 49.52
C ARG B 577 -12.64 1.90 51.01
N PHE B 578 -11.38 1.68 51.37
CA PHE B 578 -10.98 1.72 52.79
C PHE B 578 -10.12 2.92 53.19
N LYS B 579 -9.27 3.39 52.27
CA LYS B 579 -8.47 4.59 52.50
C LYS B 579 -9.36 5.82 52.34
N ALA B 580 -9.01 6.90 53.04
CA ALA B 580 -9.78 8.14 52.96
C ALA B 580 -9.56 8.75 51.58
N PRO B 581 -10.49 9.63 51.14
CA PRO B 581 -10.40 10.14 49.76
C PRO B 581 -8.97 10.48 49.37
N ASP B 582 -8.30 11.22 50.24
CA ASP B 582 -6.98 11.78 49.94
C ASP B 582 -5.86 10.75 49.82
N GLU B 583 -5.88 9.70 50.63
CA GLU B 583 -4.88 8.64 50.50
C GLU B 583 -5.14 7.79 49.25
N SER B 584 -6.34 7.91 48.71
CA SER B 584 -6.65 7.25 47.45
C SER B 584 -5.97 8.03 46.35
N VAL B 585 -6.21 9.34 46.33
CA VAL B 585 -5.60 10.21 45.35
C VAL B 585 -4.10 9.93 45.29
N GLU B 586 -3.46 9.92 46.45
CA GLU B 586 -2.01 9.72 46.50
C GLU B 586 -1.60 8.38 45.93
N GLN B 587 -2.36 7.32 46.25
CA GLN B 587 -2.03 5.99 45.72
C GLN B 587 -2.15 6.01 44.19
N LEU B 588 -3.11 6.77 43.69
CA LEU B 588 -3.30 6.89 42.25
C LEU B 588 -2.08 7.60 41.62
N VAL B 589 -1.63 8.67 42.28
CA VAL B 589 -0.40 9.36 41.91
C VAL B 589 0.84 8.43 42.00
N ASP B 590 1.01 7.76 43.13
CA ASP B 590 2.08 6.77 43.28
C ASP B 590 2.14 5.79 42.12
N TYR B 591 0.99 5.25 41.70
CA TYR B 591 0.97 4.29 40.59
C TYR B 591 1.43 4.94 39.28
N MET B 592 0.87 6.11 38.95
CA MET B 592 1.27 6.80 37.73
C MET B 592 2.78 7.07 37.73
N GLU B 593 3.31 7.48 38.87
CA GLU B 593 4.73 7.77 38.98
C GLU B 593 5.50 6.51 38.60
N GLU B 594 5.32 5.45 39.36
CA GLU B 594 6.09 4.24 39.13
C GLU B 594 6.03 3.84 37.66
N PHE B 595 4.88 4.12 37.04
CA PHE B 595 4.69 3.75 35.64
C PHE B 595 5.56 4.57 34.70
N VAL B 596 5.71 5.85 35.02
CA VAL B 596 6.56 6.74 34.25
C VAL B 596 8.02 6.31 34.35
N LYS B 597 8.49 6.12 35.59
CA LYS B 597 9.88 5.76 35.85
C LYS B 597 10.19 4.30 35.50
N LYS B 598 9.57 3.80 34.43
CA LYS B 598 9.73 2.42 34.02
C LYS B 598 10.55 2.40 32.73
N THR B 599 11.59 1.60 32.69
CA THR B 599 12.39 1.48 31.46
C THR B 599 11.55 0.83 30.37
N ALA B 600 11.82 1.16 29.11
CA ALA B 600 11.03 0.63 27.99
C ALA B 600 11.15 -0.91 27.80
N ALA B 601 11.96 -1.55 28.64
CA ALA B 601 12.04 -3.01 28.68
C ALA B 601 11.07 -3.57 29.74
N GLN B 602 11.07 -2.96 30.93
CA GLN B 602 10.11 -3.36 31.96
C GLN B 602 8.71 -3.20 31.36
N ALA B 603 8.53 -2.14 30.59
CA ALA B 603 7.24 -1.78 30.05
C ALA B 603 6.79 -2.77 28.99
N ILE B 604 7.71 -3.16 28.12
CA ILE B 604 7.43 -4.15 27.08
C ILE B 604 7.05 -5.50 27.67
N ASN B 605 7.67 -5.82 28.80
CA ASN B 605 7.35 -7.05 29.51
C ASN B 605 5.95 -7.02 30.10
N GLN B 606 5.58 -5.91 30.72
CA GLN B 606 4.25 -5.70 31.29
C GLN B 606 3.16 -5.88 30.22
N ARG B 607 3.32 -5.17 29.11
CA ARG B 607 2.38 -5.31 27.99
C ARG B 607 2.23 -6.73 27.46
N ASN B 608 3.32 -7.47 27.44
CA ASN B 608 3.30 -8.87 27.00
C ASN B 608 2.60 -9.72 28.04
N ARG B 609 2.70 -9.32 29.29
CA ARG B 609 1.99 -9.98 30.36
C ARG B 609 0.48 -9.73 30.32
N THR B 610 0.06 -8.45 30.29
CA THR B 610 -1.38 -8.15 30.25
C THR B 610 -2.03 -8.77 29.00
N GLU B 611 -1.26 -8.83 27.91
CA GLU B 611 -1.74 -9.42 26.66
C GLU B 611 -2.13 -10.89 26.85
N ARG B 612 -1.72 -11.45 27.97
CA ARG B 612 -2.02 -12.83 28.31
C ARG B 612 -3.22 -12.96 29.25
N LEU B 613 -3.52 -11.88 29.99
CA LEU B 613 -4.74 -11.82 30.80
C LEU B 613 -5.95 -11.76 29.88
N SER B 614 -5.75 -11.13 28.73
CA SER B 614 -6.75 -11.08 27.66
C SER B 614 -7.75 -12.25 27.65
N ASP B 615 -7.27 -13.48 27.49
CA ASP B 615 -8.17 -14.62 27.25
C ASP B 615 -8.97 -15.14 28.46
N LEU B 616 -8.62 -14.71 29.67
CA LEU B 616 -9.36 -15.08 30.88
C LEU B 616 -10.65 -14.27 31.05
N LEU B 617 -10.88 -13.37 30.10
CA LEU B 617 -12.05 -12.52 30.17
C LEU B 617 -13.03 -12.91 29.09
N ASP B 618 -12.77 -14.04 28.45
CA ASP B 618 -13.67 -14.54 27.41
C ASP B 618 -14.83 -15.38 27.97
N TRP B 619 -16.00 -15.23 27.35
CA TRP B 619 -17.18 -15.98 27.74
C TRP B 619 -16.93 -17.48 27.83
N LYS B 620 -16.06 -18.01 26.95
CA LYS B 620 -15.66 -19.42 27.01
C LYS B 620 -15.22 -19.79 28.41
N ARG B 621 -14.59 -18.85 29.10
CA ARG B 621 -14.22 -19.04 30.48
C ARG B 621 -15.27 -18.49 31.43
N MET B 622 -15.73 -17.27 31.18
CA MET B 622 -16.56 -16.57 32.16
C MET B 622 -17.96 -17.19 32.23
N GLY B 623 -18.33 -17.82 31.11
CA GLY B 623 -19.61 -18.50 30.98
C GLY B 623 -19.84 -19.57 32.04
N LEU B 624 -18.77 -20.25 32.45
CA LEU B 624 -18.87 -21.26 33.50
C LEU B 624 -19.73 -20.75 34.65
N GLU B 625 -19.75 -19.44 34.83
CA GLU B 625 -20.44 -18.85 35.98
C GLU B 625 -21.95 -18.85 35.82
N TYR B 626 -22.43 -18.63 34.60
CA TYR B 626 -23.87 -18.79 34.31
C TYR B 626 -24.28 -20.26 34.45
N VAL B 627 -23.44 -21.14 33.91
CA VAL B 627 -23.62 -22.57 34.10
C VAL B 627 -23.80 -22.96 35.57
N LYS B 628 -22.83 -22.56 36.39
CA LYS B 628 -22.84 -22.87 37.81
C LYS B 628 -24.15 -22.44 38.44
N ALA B 629 -24.69 -21.32 37.97
CA ALA B 629 -25.89 -20.73 38.57
C ALA B 629 -27.15 -21.44 38.11
N ARG B 630 -27.24 -21.66 36.80
CA ARG B 630 -28.37 -22.38 36.25
C ARG B 630 -28.51 -23.72 36.97
N GLN B 631 -27.40 -24.43 37.11
CA GLN B 631 -27.42 -25.72 37.82
C GLN B 631 -27.89 -25.62 39.26
N LEU B 632 -27.38 -24.63 40.00
CA LEU B 632 -27.83 -24.40 41.36
C LEU B 632 -29.35 -24.15 41.39
N ALA B 633 -29.86 -23.49 40.36
CA ALA B 633 -31.29 -23.32 40.21
C ALA B 633 -31.97 -24.69 40.14
N LEU B 634 -31.34 -25.60 39.41
CA LEU B 634 -31.88 -26.95 39.21
C LEU B 634 -31.65 -27.90 40.41
N ARG B 635 -30.52 -27.77 41.11
CA ARG B 635 -30.29 -28.50 42.36
C ARG B 635 -31.20 -28.01 43.48
N ARG B 636 -31.66 -26.76 43.41
CA ARG B 636 -32.55 -26.23 44.43
C ARG B 636 -34.02 -26.47 44.14
N GLY B 637 -34.36 -26.56 42.85
CA GLY B 637 -35.75 -26.69 42.43
C GLY B 637 -36.26 -28.12 42.46
N TYR B 638 -35.35 -29.06 42.19
CA TYR B 638 -35.68 -30.48 42.15
C TYR B 638 -34.58 -31.28 42.85
N PRO B 639 -34.52 -31.19 44.19
CA PRO B 639 -33.42 -31.77 44.97
C PRO B 639 -33.22 -33.24 44.68
N ASP B 640 -34.34 -33.91 44.47
CA ASP B 640 -34.36 -35.36 44.42
C ASP B 640 -33.89 -35.87 43.06
N GLN B 641 -34.44 -35.34 41.99
CA GLN B 641 -34.00 -35.73 40.64
C GLN B 641 -32.52 -35.40 40.44
N PHE B 642 -32.05 -34.41 41.19
CA PHE B 642 -30.65 -33.97 41.14
C PHE B 642 -29.74 -34.98 41.85
N ARG B 643 -30.10 -35.28 43.10
CA ARG B 643 -29.37 -36.27 43.89
C ARG B 643 -29.14 -37.55 43.08
N GLU B 644 -30.17 -37.94 42.33
CA GLU B 644 -30.13 -39.16 41.49
C GLU B 644 -29.14 -39.00 40.34
N LEU B 645 -28.96 -37.77 39.89
CA LEU B 645 -28.18 -37.48 38.70
C LEU B 645 -26.70 -37.31 39.02
N VAL B 646 -26.34 -37.32 40.29
CA VAL B 646 -24.94 -37.21 40.70
C VAL B 646 -24.49 -38.40 41.55
N GLY B 647 -25.37 -38.86 42.45
CA GLY B 647 -25.06 -39.96 43.33
C GLY B 647 -25.07 -39.53 44.77
N GLU B 648 -24.98 -38.22 44.98
CA GLU B 648 -24.96 -37.65 46.32
C GLU B 648 -25.79 -36.38 46.36
N GLU B 649 -26.01 -35.88 47.57
CA GLU B 649 -26.64 -34.58 47.76
C GLU B 649 -25.57 -33.50 47.92
N LEU B 650 -25.27 -32.80 46.82
CA LEU B 650 -24.30 -31.70 46.83
C LEU B 650 -24.83 -30.45 47.55
N ASN B 651 -23.91 -29.63 48.07
CA ASN B 651 -24.28 -28.44 48.83
C ASN B 651 -24.96 -27.35 47.97
N ASP B 652 -26.03 -26.77 48.50
CA ASP B 652 -26.89 -25.88 47.72
C ASP B 652 -27.06 -24.48 48.32
N SER B 653 -26.03 -23.97 48.97
CA SER B 653 -26.10 -22.65 49.62
C SER B 653 -25.39 -21.53 48.85
N ASN B 654 -24.35 -21.89 48.11
CA ASN B 654 -23.71 -20.98 47.16
C ASN B 654 -23.62 -21.68 45.83
N MET B 655 -23.24 -20.92 44.80
CA MET B 655 -22.94 -21.52 43.51
C MET B 655 -21.56 -22.15 43.61
N ASP B 656 -20.75 -21.62 44.52
CA ASP B 656 -19.40 -22.14 44.76
C ASP B 656 -19.48 -23.39 45.64
N ALA B 657 -20.43 -23.41 46.57
CA ALA B 657 -20.66 -24.57 47.40
C ALA B 657 -20.95 -25.80 46.55
N LEU B 658 -21.47 -25.56 45.35
CA LEU B 658 -21.84 -26.63 44.44
C LEU B 658 -20.62 -27.26 43.75
N ALA B 659 -19.60 -26.43 43.49
CA ALA B 659 -18.43 -26.89 42.73
C ALA B 659 -17.15 -26.83 43.55
N SER C 22 17.86 60.55 -22.06
CA SER C 22 19.02 60.11 -21.30
C SER C 22 18.68 58.87 -20.46
N ARG C 23 17.60 58.19 -20.81
CA ARG C 23 16.98 57.19 -19.92
C ARG C 23 16.59 55.90 -20.65
N ASP C 24 17.08 54.77 -20.16
CA ASP C 24 17.02 53.49 -20.90
C ASP C 24 15.66 52.80 -20.91
N LEU C 25 15.01 52.77 -22.07
CA LEU C 25 13.68 52.18 -22.19
C LEU C 25 13.74 50.65 -22.16
N GLN C 26 14.79 50.08 -22.73
CA GLN C 26 14.90 48.63 -22.79
C GLN C 26 15.08 48.02 -21.39
N ASN C 27 16.15 48.38 -20.67
CA ASN C 27 16.28 47.84 -19.31
C ASN C 27 15.78 48.81 -18.21
N HIS C 28 14.51 48.63 -17.87
CA HIS C 28 13.78 49.55 -17.00
C HIS C 28 13.35 48.81 -15.73
N LEU C 29 12.94 49.57 -14.72
CA LEU C 29 12.45 48.98 -13.47
C LEU C 29 10.92 48.95 -13.39
N LEU C 30 10.40 47.91 -12.73
CA LEU C 30 8.97 47.74 -12.52
C LEU C 30 8.61 47.77 -11.04
N PHE C 31 7.71 48.68 -10.65
CA PHE C 31 7.16 48.66 -9.29
C PHE C 31 5.69 48.38 -9.42
N GLU C 32 5.22 47.33 -8.76
CA GLU C 32 3.79 47.01 -8.83
C GLU C 32 3.17 47.15 -7.45
N THR C 33 2.25 48.11 -7.32
CA THR C 33 1.65 48.51 -6.05
C THR C 33 0.20 48.02 -5.96
N ALA C 34 -0.15 47.43 -4.83
CA ALA C 34 -1.54 47.05 -4.54
C ALA C 34 -1.72 46.85 -3.03
N THR C 35 -2.94 46.94 -2.54
CA THR C 35 -3.17 46.72 -1.11
C THR C 35 -2.89 45.27 -0.75
N GLU C 36 -2.95 44.40 -1.75
CA GLU C 36 -2.88 42.98 -1.47
C GLU C 36 -1.50 42.34 -1.45
N VAL C 37 -0.42 43.08 -1.69
CA VAL C 37 0.85 42.38 -1.92
C VAL C 37 1.13 41.24 -0.95
N ALA C 38 1.54 41.48 0.28
CA ALA C 38 1.74 40.28 1.10
C ALA C 38 0.64 40.10 2.13
N ASN C 39 -0.61 40.29 1.68
CA ASN C 39 -1.76 40.00 2.52
C ASN C 39 -3.06 39.71 1.77
N ARG C 40 -3.63 38.56 2.13
CA ARG C 40 -4.79 38.00 1.46
C ARG C 40 -6.06 38.70 1.93
N VAL C 41 -6.51 39.64 1.13
CA VAL C 41 -7.60 40.54 1.50
C VAL C 41 -8.48 40.77 0.26
N GLY C 42 -8.25 39.99 -0.78
CA GLY C 42 -9.02 40.14 -2.01
C GLY C 42 -8.58 39.18 -3.10
N GLY C 43 -9.27 39.21 -4.23
CA GLY C 43 -8.85 38.43 -5.37
C GLY C 43 -7.46 38.86 -5.82
N ILE C 44 -7.23 40.17 -5.92
CA ILE C 44 -5.95 40.69 -6.40
C ILE C 44 -4.71 39.97 -5.83
N TYR C 45 -4.77 39.55 -4.58
CA TYR C 45 -3.69 38.78 -4.01
C TYR C 45 -3.33 37.62 -4.95
N SER C 46 -4.35 36.90 -5.40
CA SER C 46 -4.14 35.73 -6.24
C SER C 46 -3.51 36.08 -7.60
N VAL C 47 -3.96 37.18 -8.19
CA VAL C 47 -3.37 37.63 -9.44
C VAL C 47 -1.90 37.92 -9.23
N LEU C 48 -1.60 38.84 -8.32
CA LEU C 48 -0.21 39.22 -8.04
C LEU C 48 0.67 38.04 -7.62
N LYS C 49 0.10 37.04 -6.94
CA LYS C 49 0.86 35.88 -6.50
C LYS C 49 1.22 34.95 -7.65
N SER C 50 0.26 34.68 -8.52
CA SER C 50 0.44 33.68 -9.55
C SER C 50 1.20 34.25 -10.74
N LYS C 51 1.17 35.57 -10.89
CA LYS C 51 1.82 36.23 -12.03
C LYS C 51 3.26 36.47 -11.67
N ALA C 52 3.58 36.25 -10.39
CA ALA C 52 4.92 36.47 -9.87
C ALA C 52 5.98 35.74 -10.69
N PRO C 53 5.94 34.40 -10.72
CA PRO C 53 7.01 33.61 -11.33
C PRO C 53 7.33 34.05 -12.76
N ILE C 54 6.31 34.42 -13.52
CA ILE C 54 6.55 34.88 -14.87
C ILE C 54 7.18 36.28 -14.90
N THR C 55 6.78 37.18 -14.01
CA THR C 55 7.43 38.49 -14.01
C THR C 55 8.83 38.47 -13.38
N VAL C 56 9.05 37.62 -12.40
CA VAL C 56 10.37 37.46 -11.80
C VAL C 56 11.37 36.82 -12.76
N ALA C 57 10.86 36.16 -13.80
CA ALA C 57 11.74 35.54 -14.77
C ALA C 57 12.21 36.62 -15.73
N GLN C 58 11.35 37.60 -15.94
CA GLN C 58 11.62 38.62 -16.92
C GLN C 58 12.44 39.78 -16.35
N TYR C 59 12.29 40.04 -15.05
CA TYR C 59 12.85 41.25 -14.47
C TYR C 59 13.90 40.96 -13.44
N LYS C 60 13.80 39.80 -12.81
CA LYS C 60 14.66 39.48 -11.68
C LYS C 60 14.63 40.59 -10.63
N ASP C 61 15.80 41.11 -10.26
CA ASP C 61 15.83 42.06 -9.18
C ASP C 61 15.51 43.51 -9.60
N HIS C 62 14.97 43.67 -10.80
CA HIS C 62 14.50 44.98 -11.26
C HIS C 62 12.99 45.09 -11.05
N TYR C 63 12.45 44.25 -10.19
CA TYR C 63 11.02 44.20 -9.96
C TYR C 63 10.75 44.12 -8.47
N HIS C 64 9.98 45.07 -7.97
CA HIS C 64 9.58 45.08 -6.58
C HIS C 64 8.06 45.22 -6.54
N LEU C 65 7.41 44.44 -5.67
CA LEU C 65 6.02 44.71 -5.35
C LEU C 65 5.99 45.63 -4.10
N ILE C 66 5.05 46.57 -4.10
CA ILE C 66 4.85 47.50 -2.99
C ILE C 66 3.43 47.39 -2.39
N GLY C 67 3.35 47.36 -1.07
CA GLY C 67 2.06 47.32 -0.40
C GLY C 67 2.10 47.92 0.99
N PRO C 68 0.92 48.13 1.58
CA PRO C 68 0.88 48.49 3.00
C PRO C 68 1.31 47.29 3.79
N LEU C 69 2.18 47.48 4.79
CA LEU C 69 2.48 46.41 5.73
C LEU C 69 1.26 46.04 6.57
N ASN C 70 1.09 44.76 6.84
CA ASN C 70 0.00 44.32 7.69
C ASN C 70 0.58 43.60 8.88
N LYS C 71 0.85 44.34 9.95
CA LYS C 71 1.64 43.82 11.08
C LYS C 71 1.10 42.53 11.72
N ALA C 72 -0.08 42.10 11.30
CA ALA C 72 -0.65 40.87 11.84
C ALA C 72 -0.15 39.61 11.11
N THR C 73 0.00 39.72 9.79
CA THR C 73 0.19 38.55 8.94
C THR C 73 1.48 38.51 8.14
N TYR C 74 2.27 39.58 8.16
CA TYR C 74 3.44 39.67 7.29
C TYR C 74 4.58 38.72 7.72
N GLN C 75 4.48 38.16 8.91
CA GLN C 75 5.49 37.22 9.37
C GLN C 75 5.14 35.76 9.02
N ASN C 76 4.10 35.57 8.22
CA ASN C 76 3.83 34.26 7.67
C ASN C 76 4.04 34.33 6.18
N GLU C 77 4.14 35.55 5.67
CA GLU C 77 4.18 35.80 4.24
C GLU C 77 5.55 36.21 3.76
N VAL C 78 6.37 36.73 4.67
CA VAL C 78 7.59 37.37 4.22
C VAL C 78 8.84 36.90 4.92
N ASP C 79 9.85 36.65 4.10
CA ASP C 79 11.21 36.37 4.54
C ASP C 79 11.89 37.73 4.61
N ILE C 80 12.08 38.24 5.82
CA ILE C 80 12.55 39.63 5.92
C ILE C 80 14.07 39.77 5.83
N LEU C 81 14.51 40.56 4.86
CA LEU C 81 15.91 40.72 4.51
C LEU C 81 16.55 41.89 5.22
N ASP C 82 17.88 41.92 5.25
CA ASP C 82 18.57 43.13 5.67
C ASP C 82 18.88 43.96 4.44
N TRP C 83 18.17 45.08 4.30
CA TRP C 83 18.30 45.89 3.10
C TRP C 83 19.47 46.86 3.26
N LYS C 84 19.87 47.11 4.51
CA LYS C 84 21.00 47.99 4.76
C LYS C 84 22.33 47.37 4.33
N LYS C 85 22.45 46.05 4.43
CA LYS C 85 23.65 45.37 3.95
C LYS C 85 23.98 45.82 2.54
N PRO C 86 25.26 46.04 2.25
CA PRO C 86 25.71 46.32 0.88
C PRO C 86 25.23 45.27 -0.12
N GLU C 87 25.34 43.99 0.21
CA GLU C 87 24.99 42.92 -0.73
C GLU C 87 23.51 42.90 -1.13
N ALA C 88 22.68 43.64 -0.41
CA ALA C 88 21.22 43.56 -0.60
C ALA C 88 20.81 43.91 -2.02
N PHE C 89 21.57 44.81 -2.65
CA PHE C 89 21.29 45.22 -4.01
C PHE C 89 22.54 45.15 -4.88
N SER C 90 22.32 44.97 -6.19
CA SER C 90 23.38 45.05 -7.17
C SER C 90 23.89 46.48 -7.22
N ASP C 91 24.98 46.72 -7.95
CA ASP C 91 25.42 48.08 -8.14
C ASP C 91 24.40 48.89 -8.93
N GLU C 92 23.75 48.27 -9.90
CA GLU C 92 22.87 49.05 -10.76
C GLU C 92 21.51 49.31 -10.08
N MET C 93 21.24 48.55 -9.03
CA MET C 93 20.02 48.74 -8.25
C MET C 93 20.23 49.60 -6.98
N ARG C 94 21.46 50.08 -6.76
CA ARG C 94 21.78 50.90 -5.60
C ARG C 94 20.74 51.98 -5.37
N PRO C 95 20.29 52.65 -6.44
CA PRO C 95 19.33 53.74 -6.23
C PRO C 95 18.13 53.36 -5.39
N VAL C 96 17.55 52.18 -5.57
CA VAL C 96 16.44 51.76 -4.72
C VAL C 96 16.89 51.73 -3.25
N GLN C 97 18.07 51.17 -3.00
CA GLN C 97 18.63 51.11 -1.65
C GLN C 97 18.78 52.48 -1.03
N HIS C 98 19.25 53.45 -1.81
CA HIS C 98 19.41 54.81 -1.32
C HIS C 98 18.06 55.52 -1.11
N ALA C 99 17.08 55.21 -1.97
CA ALA C 99 15.73 55.73 -1.77
C ALA C 99 15.16 55.23 -0.46
N LEU C 100 15.35 53.94 -0.20
CA LEU C 100 14.93 53.33 1.05
C LEU C 100 15.70 53.93 2.22
N GLN C 101 17.00 54.16 2.01
CA GLN C 101 17.83 54.91 2.94
C GLN C 101 17.17 56.25 3.31
N THR C 102 16.78 57.02 2.28
CA THR C 102 16.12 58.31 2.47
C THR C 102 14.80 58.21 3.23
N MET C 103 13.91 57.32 2.78
CA MET C 103 12.64 57.11 3.45
C MET C 103 12.83 56.94 4.95
N GLU C 104 13.90 56.28 5.35
CA GLU C 104 14.10 56.04 6.78
C GLU C 104 14.83 57.18 7.50
N SER C 105 15.47 58.06 6.73
CA SER C 105 15.85 59.37 7.23
C SER C 105 14.63 60.07 7.78
N ARG C 106 13.57 60.02 6.98
CA ARG C 106 12.38 60.82 7.20
C ARG C 106 11.47 60.20 8.24
N GLY C 107 11.88 59.05 8.77
CA GLY C 107 11.11 58.33 9.76
C GLY C 107 10.01 57.44 9.19
N VAL C 108 10.08 57.14 7.90
CA VAL C 108 9.17 56.19 7.29
C VAL C 108 9.73 54.79 7.49
N HIS C 109 8.95 53.91 8.12
CA HIS C 109 9.39 52.55 8.37
C HIS C 109 8.87 51.58 7.33
N PHE C 110 9.54 50.44 7.22
CA PHE C 110 9.15 49.47 6.22
C PHE C 110 9.74 48.08 6.44
N VAL C 111 9.21 47.12 5.71
CA VAL C 111 9.79 45.80 5.67
C VAL C 111 10.28 45.62 4.26
N TYR C 112 11.57 45.32 4.12
CA TYR C 112 12.12 44.89 2.85
C TYR C 112 12.31 43.40 2.94
N GLY C 113 11.79 42.66 1.97
CA GLY C 113 11.95 41.22 2.02
C GLY C 113 11.51 40.44 0.80
N ARG C 114 11.41 39.15 1.00
CA ARG C 114 11.01 38.25 -0.07
C ARG C 114 9.65 37.68 0.24
N TRP C 115 8.78 37.73 -0.76
CA TRP C 115 7.44 37.18 -0.62
C TRP C 115 7.52 35.66 -0.78
N LEU C 116 7.16 34.94 0.28
CA LEU C 116 7.32 33.49 0.35
C LEU C 116 6.30 32.78 -0.52
N ILE C 117 6.38 33.03 -1.82
CA ILE C 117 5.56 32.34 -2.81
C ILE C 117 6.47 31.92 -3.96
N GLU C 118 6.02 30.97 -4.77
CA GLU C 118 6.81 30.57 -5.93
C GLU C 118 7.08 31.81 -6.75
N GLY C 119 8.35 32.12 -6.96
CA GLY C 119 8.77 33.34 -7.63
C GLY C 119 9.65 34.11 -6.68
N ALA C 120 9.20 34.17 -5.42
CA ALA C 120 9.94 34.82 -4.35
C ALA C 120 10.39 36.23 -4.71
N PRO C 121 9.45 37.05 -5.24
CA PRO C 121 9.77 38.42 -5.65
C PRO C 121 10.09 39.28 -4.44
N LYS C 122 10.81 40.35 -4.68
CA LYS C 122 11.18 41.23 -3.59
C LYS C 122 10.04 42.21 -3.36
N VAL C 123 9.77 42.51 -2.09
CA VAL C 123 8.62 43.33 -1.73
C VAL C 123 9.07 44.49 -0.87
N ILE C 124 8.34 45.60 -0.97
CA ILE C 124 8.53 46.69 -0.02
C ILE C 124 7.20 46.97 0.66
N LEU C 125 7.13 46.70 1.95
CA LEU C 125 5.90 46.87 2.71
C LEU C 125 6.07 48.09 3.60
N PHE C 126 5.44 49.19 3.22
CA PHE C 126 5.55 50.44 3.96
C PHE C 126 4.64 50.43 5.19
N ASP C 127 5.22 50.72 6.34
CA ASP C 127 4.47 50.69 7.59
C ASP C 127 3.73 51.99 7.79
N LEU C 128 2.46 52.01 7.42
CA LEU C 128 1.69 53.24 7.42
C LEU C 128 1.56 53.83 8.80
N ASP C 129 1.89 53.07 9.84
CA ASP C 129 1.88 53.62 11.20
C ASP C 129 2.91 54.72 11.37
N SER C 130 3.96 54.65 10.57
CA SER C 130 5.09 55.52 10.75
C SER C 130 4.87 56.83 10.02
N VAL C 131 3.74 56.95 9.36
CA VAL C 131 3.54 58.08 8.50
C VAL C 131 2.14 58.62 8.73
N ARG C 132 1.51 58.13 9.80
CA ARG C 132 0.14 58.47 10.09
C ARG C 132 -0.04 59.91 10.58
N GLY C 133 1.03 60.51 11.07
CA GLY C 133 0.96 61.87 11.57
C GLY C 133 0.68 62.85 10.44
N TYR C 134 1.25 62.53 9.29
CA TYR C 134 1.08 63.38 8.12
C TYR C 134 -0.36 63.30 7.61
N SER C 135 -1.18 62.46 8.25
CA SER C 135 -2.56 62.28 7.80
C SER C 135 -3.37 63.56 7.54
N ASN C 136 -3.40 64.49 8.49
CA ASN C 136 -4.12 65.75 8.30
C ASN C 136 -3.52 66.58 7.16
N GLU C 137 -2.21 66.75 7.19
CA GLU C 137 -1.58 67.56 6.17
C GLU C 137 -1.92 67.00 4.80
N TRP C 138 -1.76 65.69 4.65
CA TRP C 138 -1.93 65.01 3.36
C TRP C 138 -3.39 65.00 2.88
N LYS C 139 -4.32 64.73 3.79
CA LYS C 139 -5.74 64.75 3.44
C LYS C 139 -6.09 66.10 2.83
N GLY C 140 -5.67 67.17 3.50
CA GLY C 140 -5.88 68.52 3.04
C GLY C 140 -5.23 68.82 1.70
N ASP C 141 -3.98 68.37 1.53
CA ASP C 141 -3.31 68.48 0.24
C ASP C 141 -4.11 67.82 -0.89
N LEU C 142 -4.53 66.59 -0.66
CA LEU C 142 -5.28 65.84 -1.67
C LEU C 142 -6.54 66.61 -2.11
N TRP C 143 -7.23 67.20 -1.14
CA TRP C 143 -8.44 67.98 -1.43
C TRP C 143 -8.16 69.14 -2.36
N SER C 144 -7.24 70.03 -1.97
CA SER C 144 -6.96 71.19 -2.82
C SER C 144 -6.26 70.83 -4.13
N LEU C 145 -5.80 69.59 -4.26
CA LEU C 145 -5.10 69.18 -5.47
C LEU C 145 -5.97 68.41 -6.46
N VAL C 146 -6.77 67.47 -5.96
CA VAL C 146 -7.60 66.64 -6.83
C VAL C 146 -9.07 66.68 -6.44
N GLY C 147 -9.37 67.43 -5.37
CA GLY C 147 -10.73 67.58 -4.94
C GLY C 147 -11.29 66.27 -4.42
N ILE C 148 -10.43 65.45 -3.84
CA ILE C 148 -10.87 64.23 -3.18
C ILE C 148 -11.21 64.50 -1.72
N PRO C 149 -12.49 64.36 -1.37
CA PRO C 149 -12.95 64.52 0.01
C PRO C 149 -12.45 63.33 0.82
N SER C 150 -12.42 63.44 2.16
CA SER C 150 -11.89 62.36 2.98
C SER C 150 -12.51 62.30 4.37
N PRO C 151 -13.69 61.69 4.48
CA PRO C 151 -14.30 61.53 5.81
C PRO C 151 -13.30 60.88 6.78
N GLU C 152 -13.46 61.13 8.08
CA GLU C 152 -12.52 60.56 9.05
C GLU C 152 -12.93 59.19 9.57
N ASN C 153 -14.16 58.77 9.27
CA ASN C 153 -14.65 57.48 9.74
C ASN C 153 -14.40 56.35 8.74
N ASP C 154 -13.86 56.74 7.58
CA ASP C 154 -13.57 55.81 6.50
C ASP C 154 -12.14 55.28 6.55
N PHE C 155 -11.86 54.36 7.46
CA PHE C 155 -10.50 53.89 7.71
C PHE C 155 -9.75 53.42 6.45
N GLU C 156 -10.49 52.89 5.49
CA GLU C 156 -9.88 52.36 4.27
C GLU C 156 -9.36 53.44 3.32
N THR C 157 -10.00 54.61 3.27
CA THR C 157 -9.43 55.67 2.45
C THR C 157 -8.38 56.44 3.25
N ASN C 158 -8.49 56.43 4.56
CA ASN C 158 -7.40 56.94 5.37
C ASN C 158 -6.10 56.22 5.01
N ASP C 159 -6.16 54.89 4.97
CA ASP C 159 -5.00 54.05 4.64
C ASP C 159 -4.55 54.25 3.21
N ALA C 160 -5.53 54.41 2.33
CA ALA C 160 -5.25 54.56 0.91
C ALA C 160 -4.52 55.86 0.65
N ILE C 161 -4.83 56.89 1.42
CA ILE C 161 -4.17 58.17 1.30
C ILE C 161 -2.75 58.10 1.85
N LEU C 162 -2.59 57.59 3.05
CA LEU C 162 -1.28 57.39 3.62
C LEU C 162 -0.39 56.61 2.66
N LEU C 163 -0.93 55.52 2.10
CA LEU C 163 -0.19 54.69 1.15
C LEU C 163 0.22 55.45 -0.12
N GLY C 164 -0.74 56.13 -0.73
CA GLY C 164 -0.47 56.86 -1.94
C GLY C 164 0.64 57.88 -1.76
N TYR C 165 0.53 58.71 -0.74
CA TYR C 165 1.54 59.74 -0.51
C TYR C 165 2.90 59.12 -0.28
N THR C 166 2.94 57.99 0.41
CA THR C 166 4.20 57.32 0.67
C THR C 166 4.80 56.76 -0.60
N VAL C 167 3.99 56.10 -1.42
CA VAL C 167 4.49 55.46 -2.63
C VAL C 167 4.97 56.51 -3.64
N ALA C 168 4.19 57.58 -3.80
CA ALA C 168 4.63 58.74 -4.57
C ALA C 168 5.99 59.28 -4.07
N TRP C 169 6.07 59.50 -2.76
CA TRP C 169 7.33 59.84 -2.09
C TRP C 169 8.49 58.92 -2.50
N PHE C 170 8.30 57.62 -2.33
CA PHE C 170 9.33 56.64 -2.70
C PHE C 170 9.71 56.75 -4.16
N LEU C 171 8.72 56.85 -5.05
CA LEU C 171 8.97 56.91 -6.49
C LEU C 171 9.72 58.19 -6.87
N GLY C 172 9.37 59.29 -6.23
CA GLY C 172 10.07 60.55 -6.41
C GLY C 172 11.54 60.37 -6.11
N GLU C 173 11.86 59.77 -4.96
CA GLU C 173 13.24 59.50 -4.57
C GLU C 173 13.96 58.65 -5.58
N VAL C 174 13.27 57.63 -6.10
CA VAL C 174 13.91 56.69 -7.00
C VAL C 174 14.10 57.35 -8.35
N ALA C 175 13.16 58.21 -8.73
CA ALA C 175 13.30 58.96 -9.97
C ALA C 175 14.54 59.84 -9.87
N HIS C 176 14.77 60.33 -8.65
CA HIS C 176 15.85 61.27 -8.39
C HIS C 176 17.21 60.58 -8.34
N LEU C 177 17.32 59.49 -7.59
CA LEU C 177 18.61 58.86 -7.36
C LEU C 177 19.03 57.99 -8.54
N ASP C 178 18.08 57.74 -9.44
CA ASP C 178 18.32 56.84 -10.57
C ASP C 178 18.18 57.54 -11.91
N SER C 179 19.25 57.51 -12.69
CA SER C 179 19.27 58.17 -13.99
C SER C 179 19.51 57.17 -15.11
N GLN C 180 19.72 55.90 -14.76
CA GLN C 180 19.97 54.88 -15.78
C GLN C 180 18.70 54.30 -16.41
N HIS C 181 17.75 53.90 -15.57
CA HIS C 181 16.55 53.20 -16.00
C HIS C 181 15.32 54.09 -16.18
N ALA C 182 14.47 53.71 -17.13
CA ALA C 182 13.10 54.22 -17.15
C ALA C 182 12.36 53.49 -16.03
N ILE C 183 11.36 54.14 -15.46
CA ILE C 183 10.71 53.56 -14.29
C ILE C 183 9.23 53.39 -14.53
N VAL C 184 8.80 52.13 -14.56
CA VAL C 184 7.39 51.80 -14.73
C VAL C 184 6.65 51.54 -13.42
N ALA C 185 5.72 52.43 -13.09
CA ALA C 185 4.88 52.27 -11.90
C ALA C 185 3.50 51.72 -12.25
N HIS C 186 3.24 50.46 -11.90
CA HIS C 186 1.94 49.82 -12.10
C HIS C 186 1.13 49.66 -10.80
N PHE C 187 -0.09 50.20 -10.78
CA PHE C 187 -0.97 50.18 -9.60
C PHE C 187 -2.28 49.42 -9.80
N HIS C 188 -2.64 48.60 -8.82
CA HIS C 188 -3.88 47.81 -8.85
C HIS C 188 -4.93 48.26 -7.81
N GLU C 189 -6.05 48.78 -8.32
CA GLU C 189 -7.28 49.01 -7.56
C GLU C 189 -7.27 50.35 -6.83
N TRP C 190 -8.45 50.94 -6.62
CA TRP C 190 -8.52 52.30 -6.10
C TRP C 190 -7.79 52.47 -4.77
N LEU C 191 -7.96 51.48 -3.89
CA LEU C 191 -7.26 51.42 -2.62
C LEU C 191 -5.75 51.61 -2.75
N ALA C 192 -5.23 51.51 -3.97
CA ALA C 192 -3.80 51.69 -4.19
C ALA C 192 -3.56 52.70 -5.30
N GLY C 193 -4.51 53.61 -5.50
CA GLY C 193 -4.44 54.53 -6.61
C GLY C 193 -4.14 55.99 -6.28
N VAL C 194 -4.02 56.32 -5.00
CA VAL C 194 -3.83 57.71 -4.65
C VAL C 194 -2.48 58.26 -5.17
N ALA C 195 -1.47 57.40 -5.28
CA ALA C 195 -0.17 57.83 -5.78
C ALA C 195 -0.24 58.40 -7.20
N LEU C 196 -1.25 57.98 -7.96
CA LEU C 196 -1.34 58.35 -9.37
C LEU C 196 -1.59 59.83 -9.59
N PRO C 197 -2.65 60.39 -9.01
CA PRO C 197 -2.85 61.86 -9.10
C PRO C 197 -1.60 62.63 -8.69
N LEU C 198 -0.99 62.28 -7.57
CA LEU C 198 0.24 62.94 -7.15
C LEU C 198 1.35 62.80 -8.19
N CYS C 199 1.47 61.62 -8.80
CA CYS C 199 2.58 61.38 -9.71
C CYS C 199 2.50 62.26 -10.94
N ARG C 200 1.31 62.39 -11.50
CA ARG C 200 1.07 63.16 -12.72
C ARG C 200 1.20 64.66 -12.42
N LYS C 201 0.66 65.06 -11.27
CA LYS C 201 0.57 66.45 -10.89
C LYS C 201 1.94 66.97 -10.41
N ARG C 202 2.76 66.08 -9.87
CA ARG C 202 4.11 66.47 -9.44
C ARG C 202 5.12 66.25 -10.54
N ARG C 203 4.63 65.80 -11.70
CA ARG C 203 5.48 65.56 -12.85
C ARG C 203 6.70 64.70 -12.48
N ILE C 204 6.49 63.70 -11.63
CA ILE C 204 7.51 62.69 -11.32
C ILE C 204 7.96 62.02 -12.59
N ASP C 205 9.27 61.81 -12.74
CA ASP C 205 9.73 61.11 -13.93
C ASP C 205 9.59 59.58 -13.86
N VAL C 206 8.34 59.12 -13.93
CA VAL C 206 8.01 57.71 -14.07
C VAL C 206 6.80 57.60 -15.01
N VAL C 207 6.54 56.41 -15.53
CA VAL C 207 5.36 56.18 -16.37
C VAL C 207 4.40 55.24 -15.66
N THR C 208 3.13 55.61 -15.62
CA THR C 208 2.19 54.94 -14.73
C THR C 208 1.09 54.11 -15.40
N ILE C 209 0.77 52.98 -14.79
CA ILE C 209 -0.28 52.10 -15.27
C ILE C 209 -1.32 51.88 -14.16
N PHE C 210 -2.59 52.15 -14.44
CA PHE C 210 -3.65 51.83 -13.50
C PHE C 210 -4.54 50.74 -14.07
N THR C 211 -4.78 49.70 -13.28
CA THR C 211 -5.66 48.58 -13.65
C THR C 211 -6.76 48.38 -12.62
N THR C 212 -8.01 48.58 -13.03
CA THR C 212 -9.11 48.31 -12.13
C THR C 212 -9.69 46.90 -12.36
N HIS C 213 -9.99 46.19 -11.27
CA HIS C 213 -10.40 44.80 -11.33
C HIS C 213 -11.91 44.66 -11.14
N ALA C 214 -12.54 45.80 -10.88
CA ALA C 214 -14.00 45.93 -10.80
C ALA C 214 -14.20 47.42 -10.87
N THR C 215 -15.43 47.89 -10.80
CA THR C 215 -15.60 49.30 -10.50
C THR C 215 -16.33 49.39 -9.19
N LEU C 216 -16.28 50.57 -8.58
CA LEU C 216 -16.98 50.78 -7.33
C LEU C 216 -18.47 50.85 -7.57
N LEU C 217 -18.88 51.65 -8.56
CA LEU C 217 -20.29 51.75 -8.89
C LEU C 217 -20.80 50.41 -9.41
N GLY C 218 -19.98 49.74 -10.22
CA GLY C 218 -20.28 48.39 -10.64
C GLY C 218 -20.76 47.54 -9.48
N ARG C 219 -19.94 47.41 -8.45
CA ARG C 219 -20.27 46.52 -7.34
C ARG C 219 -21.53 46.94 -6.60
N TYR C 220 -21.67 48.25 -6.35
CA TYR C 220 -22.76 48.77 -5.54
C TYR C 220 -24.08 48.80 -6.32
N LEU C 221 -24.02 49.15 -7.60
CA LEU C 221 -25.24 49.16 -8.40
C LEU C 221 -25.89 47.77 -8.43
N CYS C 222 -25.03 46.74 -8.56
CA CYS C 222 -25.47 45.36 -8.67
C CYS C 222 -25.63 44.65 -7.32
N ALA C 223 -25.68 45.42 -6.24
CA ALA C 223 -25.78 44.81 -4.91
C ALA C 223 -27.16 44.24 -4.61
N SER C 224 -28.19 44.81 -5.24
CA SER C 224 -29.58 44.39 -5.05
C SER C 224 -30.12 43.43 -6.14
N GLY C 225 -30.25 43.92 -7.37
CA GLY C 225 -30.79 43.11 -8.46
C GLY C 225 -32.14 43.61 -8.95
N ASP C 228 -31.31 45.79 -12.90
CA ASP C 228 -30.84 45.86 -14.29
C ASP C 228 -29.66 46.81 -14.36
N PHE C 229 -28.66 46.42 -15.16
CA PHE C 229 -27.35 47.06 -15.07
C PHE C 229 -26.70 47.23 -16.44
N TYR C 230 -26.44 46.11 -17.10
CA TYR C 230 -25.72 46.14 -18.37
C TYR C 230 -26.47 46.86 -19.47
N ASN C 231 -27.75 47.12 -19.23
CA ASN C 231 -28.56 47.84 -20.20
C ASN C 231 -28.59 49.34 -19.95
N CYS C 232 -28.88 49.75 -18.71
CA CYS C 232 -28.94 51.18 -18.44
C CYS C 232 -27.89 51.67 -17.43
N LEU C 233 -26.62 51.30 -17.65
CA LEU C 233 -25.54 51.96 -16.93
C LEU C 233 -24.97 53.06 -17.81
N GLU C 234 -25.25 52.94 -19.11
CA GLU C 234 -24.86 53.98 -20.05
C GLU C 234 -25.67 55.23 -19.76
N SER C 235 -26.67 55.09 -18.89
CA SER C 235 -27.62 56.17 -18.65
C SER C 235 -27.76 56.53 -17.16
N VAL C 236 -26.67 56.40 -16.41
CA VAL C 236 -26.72 56.74 -14.98
C VAL C 236 -25.80 57.91 -14.60
N ASP C 237 -26.25 58.67 -13.61
CA ASP C 237 -25.56 59.85 -13.14
C ASP C 237 -24.54 59.46 -12.07
N VAL C 238 -23.30 59.26 -12.49
CA VAL C 238 -22.26 58.74 -11.60
C VAL C 238 -22.13 59.49 -10.28
N ASP C 239 -22.07 60.81 -10.34
CA ASP C 239 -21.88 61.61 -9.13
C ASP C 239 -23.05 61.45 -8.17
N HIS C 240 -24.26 61.45 -8.71
CA HIS C 240 -25.44 61.28 -7.86
C HIS C 240 -25.45 59.90 -7.23
N GLU C 241 -25.29 58.88 -8.06
CA GLU C 241 -25.31 57.51 -7.57
C GLU C 241 -24.25 57.27 -6.50
N ALA C 242 -23.03 57.70 -6.79
CA ALA C 242 -21.94 57.57 -5.83
C ALA C 242 -22.37 58.15 -4.49
N GLY C 243 -23.02 59.31 -4.53
CA GLY C 243 -23.50 59.98 -3.33
C GLY C 243 -24.56 59.23 -2.57
N ARG C 244 -25.47 58.59 -3.31
CA ARG C 244 -26.55 57.79 -2.74
C ARG C 244 -26.04 56.51 -2.07
N PHE C 245 -24.87 56.04 -2.50
CA PHE C 245 -24.30 54.84 -1.90
C PHE C 245 -23.35 55.16 -0.74
N GLY C 246 -22.93 56.43 -0.65
CA GLY C 246 -22.03 56.85 0.40
C GLY C 246 -20.58 56.67 0.00
N ILE C 247 -20.32 56.82 -1.29
CA ILE C 247 -19.06 56.38 -1.87
C ILE C 247 -18.38 57.49 -2.67
N TYR C 248 -18.91 58.71 -2.60
CA TYR C 248 -18.39 59.75 -3.48
C TYR C 248 -16.87 59.86 -3.41
N HIS C 249 -16.31 59.78 -2.21
CA HIS C 249 -14.89 60.00 -2.01
C HIS C 249 -14.06 58.82 -2.48
N ARG C 250 -14.54 57.62 -2.21
CA ARG C 250 -13.93 56.43 -2.79
C ARG C 250 -14.03 56.55 -4.30
N TYR C 251 -15.21 56.90 -4.80
CA TYR C 251 -15.43 57.04 -6.23
C TYR C 251 -14.49 58.07 -6.83
N CYS C 252 -14.26 59.17 -6.12
CA CYS C 252 -13.28 60.18 -6.55
C CYS C 252 -11.85 59.66 -6.66
N ILE C 253 -11.39 58.87 -5.68
CA ILE C 253 -10.06 58.28 -5.75
C ILE C 253 -9.91 57.41 -6.99
N GLU C 254 -10.89 56.56 -7.22
CA GLU C 254 -10.87 55.63 -8.35
C GLU C 254 -10.87 56.36 -9.69
N ARG C 255 -11.84 57.25 -9.88
CA ARG C 255 -11.90 58.08 -11.07
C ARG C 255 -10.63 58.93 -11.27
N ALA C 256 -10.03 59.40 -10.18
CA ALA C 256 -8.83 60.22 -10.29
C ALA C 256 -7.65 59.35 -10.70
N ALA C 257 -7.70 58.11 -10.26
CA ALA C 257 -6.68 57.14 -10.62
C ALA C 257 -6.70 56.92 -12.13
N ALA C 258 -7.85 56.48 -12.63
CA ALA C 258 -8.01 56.15 -14.06
C ALA C 258 -7.56 57.27 -14.99
N HIS C 259 -7.90 58.50 -14.62
CA HIS C 259 -7.60 59.61 -15.49
C HIS C 259 -6.13 60.03 -15.42
N SER C 260 -5.50 59.92 -14.25
CA SER C 260 -4.12 60.42 -14.06
C SER C 260 -3.05 59.46 -14.54
N ALA C 261 -3.44 58.19 -14.73
CA ALA C 261 -2.52 57.18 -15.23
C ALA C 261 -2.24 57.36 -16.72
N ASP C 262 -0.97 57.24 -17.10
CA ASP C 262 -0.63 57.19 -18.52
C ASP C 262 -1.48 56.11 -19.20
N VAL C 263 -1.44 54.90 -18.66
CA VAL C 263 -2.18 53.77 -19.22
C VAL C 263 -3.21 53.25 -18.24
N PHE C 264 -4.46 53.19 -18.69
CA PHE C 264 -5.57 52.65 -17.91
C PHE C 264 -6.01 51.33 -18.53
N THR C 265 -6.34 50.37 -17.69
CA THR C 265 -6.79 49.06 -18.16
C THR C 265 -7.76 48.44 -17.18
N THR C 266 -8.39 47.35 -17.59
CA THR C 266 -9.23 46.54 -16.71
C THR C 266 -8.86 45.09 -16.95
N VAL C 267 -9.45 44.16 -16.20
CA VAL C 267 -9.03 42.76 -16.28
C VAL C 267 -9.77 41.99 -17.38
N SER C 268 -10.79 42.60 -17.95
CA SER C 268 -11.66 41.91 -18.89
C SER C 268 -12.41 42.90 -19.78
N GLN C 269 -12.97 42.40 -20.88
CA GLN C 269 -13.74 43.25 -21.78
C GLN C 269 -15.06 43.76 -21.18
N ILE C 270 -15.69 42.95 -20.34
CA ILE C 270 -16.97 43.35 -19.77
C ILE C 270 -16.74 44.44 -18.76
N THR C 271 -15.68 44.29 -17.95
CA THR C 271 -15.34 45.32 -16.96
C THR C 271 -14.96 46.66 -17.64
N ALA C 272 -14.35 46.57 -18.81
CA ALA C 272 -14.02 47.73 -19.64
C ALA C 272 -15.26 48.49 -20.15
N PHE C 273 -16.38 47.79 -20.26
CA PHE C 273 -17.65 48.44 -20.58
C PHE C 273 -18.15 49.31 -19.40
N GLU C 274 -18.16 48.74 -18.19
CA GLU C 274 -18.42 49.51 -16.97
C GLU C 274 -17.48 50.70 -16.90
N ALA C 275 -16.19 50.39 -16.93
CA ALA C 275 -15.14 51.38 -16.80
C ALA C 275 -15.34 52.60 -17.70
N GLU C 276 -15.43 52.37 -19.00
CA GLU C 276 -15.59 53.48 -19.95
C GLU C 276 -16.76 54.41 -19.65
N HIS C 277 -17.90 53.87 -19.23
CA HIS C 277 -19.07 54.73 -18.96
C HIS C 277 -19.20 55.16 -17.51
N LEU C 278 -18.55 54.45 -16.59
CA LEU C 278 -18.71 54.74 -15.18
C LEU C 278 -17.56 55.58 -14.63
N LEU C 279 -16.36 55.35 -15.14
CA LEU C 279 -15.19 56.10 -14.70
C LEU C 279 -14.84 57.20 -15.70
N LYS C 280 -15.47 57.14 -16.86
CA LYS C 280 -15.35 58.17 -17.88
C LYS C 280 -14.03 58.15 -18.64
N ARG C 281 -13.48 56.97 -18.87
CA ARG C 281 -12.31 56.84 -19.73
C ARG C 281 -12.17 55.46 -20.32
N LYS C 282 -12.21 55.38 -21.65
CA LYS C 282 -12.08 54.11 -22.34
C LYS C 282 -10.74 53.48 -21.99
N PRO C 283 -10.77 52.27 -21.41
CA PRO C 283 -9.54 51.51 -21.15
C PRO C 283 -8.71 51.35 -22.42
N ASP C 284 -7.40 51.51 -22.29
CA ASP C 284 -6.45 51.33 -23.39
C ASP C 284 -6.28 49.85 -23.76
N GLY C 285 -6.70 48.95 -22.89
CA GLY C 285 -6.61 47.53 -23.18
C GLY C 285 -7.08 46.61 -22.08
N ILE C 286 -6.82 45.32 -22.25
CA ILE C 286 -7.30 44.29 -21.34
C ILE C 286 -6.17 43.48 -20.71
N LEU C 287 -6.30 43.20 -19.42
CA LEU C 287 -5.27 42.49 -18.70
C LEU C 287 -5.87 41.28 -18.00
N PRO C 288 -6.24 40.27 -18.80
CA PRO C 288 -6.91 39.05 -18.37
C PRO C 288 -6.09 38.35 -17.33
N ASN C 289 -6.73 37.74 -16.34
CA ASN C 289 -6.01 36.98 -15.32
C ASN C 289 -5.70 35.55 -15.77
N GLY C 290 -4.41 35.25 -15.89
CA GLY C 290 -3.96 33.93 -16.22
C GLY C 290 -3.75 33.14 -14.95
N LEU C 291 -3.13 31.96 -15.08
CA LEU C 291 -2.91 31.07 -13.94
C LEU C 291 -1.60 30.32 -14.09
N ASN C 292 -1.13 29.76 -12.97
CA ASN C 292 0.04 28.92 -13.01
C ASN C 292 -0.35 27.46 -13.25
N VAL C 293 -0.77 27.18 -14.48
CA VAL C 293 -1.30 25.86 -14.87
C VAL C 293 -0.49 24.67 -14.34
N ILE C 294 0.83 24.76 -14.44
CA ILE C 294 1.73 23.77 -13.85
C ILE C 294 1.17 23.26 -12.54
N LYS C 295 0.93 24.21 -11.65
CA LYS C 295 0.53 23.98 -10.27
C LYS C 295 -0.74 23.11 -10.14
N PHE C 296 -1.42 22.87 -11.26
CA PHE C 296 -2.65 22.08 -11.23
C PHE C 296 -2.43 20.61 -11.55
N GLN C 297 -1.76 20.34 -12.66
CA GLN C 297 -1.58 18.96 -13.13
C GLN C 297 -0.22 18.38 -12.76
N ASN C 304 -8.59 9.43 -16.79
CA ASN C 304 -7.61 8.98 -15.82
C ASN C 304 -8.00 9.48 -14.43
N LEU C 305 -7.38 10.58 -14.02
CA LEU C 305 -7.68 11.28 -12.77
C LEU C 305 -9.19 11.41 -12.55
N HIS C 306 -9.88 11.92 -13.56
CA HIS C 306 -11.32 12.10 -13.46
C HIS C 306 -12.02 10.90 -12.83
N ALA C 307 -12.09 9.79 -13.56
CA ALA C 307 -12.74 8.56 -13.08
C ALA C 307 -12.39 8.18 -11.63
N LEU C 308 -11.11 8.24 -11.28
CA LEU C 308 -10.66 7.97 -9.91
C LEU C 308 -11.36 8.88 -8.91
N LYS C 309 -11.54 10.14 -9.28
CA LYS C 309 -12.16 11.10 -8.39
C LYS C 309 -13.68 10.96 -8.38
N LYS C 310 -14.26 10.63 -9.53
CA LYS C 310 -15.69 10.33 -9.59
C LYS C 310 -16.13 9.22 -8.63
N GLU C 311 -15.23 8.28 -8.32
CA GLU C 311 -15.59 7.19 -7.42
C GLU C 311 -15.85 7.71 -6.02
N LYS C 312 -15.00 8.61 -5.55
CA LYS C 312 -15.19 9.18 -4.21
C LYS C 312 -16.51 9.95 -4.14
N ILE C 313 -16.84 10.66 -5.21
CA ILE C 313 -18.15 11.31 -5.29
C ILE C 313 -19.24 10.25 -5.25
N ASN C 314 -19.05 9.17 -6.02
CA ASN C 314 -20.02 8.07 -6.02
C ASN C 314 -20.20 7.49 -4.62
N ASP C 315 -19.12 7.41 -3.86
CA ASP C 315 -19.24 6.95 -2.47
C ASP C 315 -20.13 7.91 -1.69
N PHE C 316 -20.05 9.20 -2.01
CA PHE C 316 -20.93 10.16 -1.35
C PHE C 316 -22.38 9.92 -1.71
N VAL C 317 -22.68 9.88 -3.01
CA VAL C 317 -24.05 9.69 -3.48
C VAL C 317 -24.72 8.45 -2.90
N ARG C 318 -23.94 7.39 -2.73
CA ARG C 318 -24.47 6.17 -2.15
C ARG C 318 -24.89 6.36 -0.70
N GLY C 319 -23.98 6.88 0.11
CA GLY C 319 -24.28 7.24 1.50
C GLY C 319 -25.37 8.28 1.68
N HIS C 320 -25.62 9.11 0.67
CA HIS C 320 -26.66 10.11 0.79
C HIS C 320 -28.05 9.60 0.40
N PHE C 321 -28.10 8.75 -0.63
CA PHE C 321 -29.36 8.23 -1.11
C PHE C 321 -29.66 6.83 -0.61
N HIS C 322 -28.87 6.36 0.36
CA HIS C 322 -29.10 5.05 0.95
C HIS C 322 -30.57 4.89 1.33
N GLY C 323 -31.23 3.86 0.83
CA GLY C 323 -32.61 3.63 1.19
C GLY C 323 -33.59 4.01 0.08
N CYS C 324 -33.13 4.83 -0.86
CA CYS C 324 -33.86 4.99 -2.11
C CYS C 324 -32.88 5.24 -3.26
N PHE C 325 -31.93 4.33 -3.39
CA PHE C 325 -30.97 4.37 -4.48
C PHE C 325 -31.52 3.59 -5.67
N ASP C 326 -32.30 4.28 -6.49
CA ASP C 326 -33.03 3.66 -7.58
C ASP C 326 -32.61 4.20 -8.93
N PHE C 327 -31.37 4.65 -9.04
CA PHE C 327 -30.83 5.07 -10.33
C PHE C 327 -29.45 4.46 -10.60
N ASP C 328 -28.97 4.67 -11.82
CA ASP C 328 -27.78 3.98 -12.29
C ASP C 328 -26.59 4.93 -12.34
N LEU C 329 -25.62 4.74 -11.45
CA LEU C 329 -24.49 5.67 -11.39
C LEU C 329 -23.73 5.77 -12.73
N ASP C 330 -23.81 4.72 -13.55
CA ASP C 330 -23.14 4.71 -14.86
C ASP C 330 -23.93 5.52 -15.88
N ASN C 331 -25.05 6.07 -15.42
CA ASN C 331 -25.91 6.86 -16.29
C ASN C 331 -26.29 8.16 -15.57
N THR C 332 -25.46 8.55 -14.62
CA THR C 332 -25.67 9.78 -13.86
C THR C 332 -24.56 10.80 -14.07
N LEU C 333 -24.96 12.05 -14.25
CA LEU C 333 -24.01 13.14 -14.44
C LEU C 333 -23.97 14.10 -13.25
N TYR C 334 -22.75 14.52 -12.87
CA TYR C 334 -22.53 15.42 -11.73
C TYR C 334 -22.35 16.87 -12.16
N PHE C 335 -23.35 17.70 -11.89
CA PHE C 335 -23.26 19.14 -12.15
C PHE C 335 -22.83 19.88 -10.89
N PHE C 336 -21.98 20.90 -11.04
CA PHE C 336 -21.61 21.68 -9.86
C PHE C 336 -21.53 23.19 -10.11
N ILE C 337 -22.02 23.96 -9.14
CA ILE C 337 -21.66 25.36 -9.03
C ILE C 337 -20.87 25.52 -7.71
N ALA C 338 -19.87 26.40 -7.72
CA ALA C 338 -19.11 26.70 -6.51
C ALA C 338 -18.68 28.16 -6.54
N GLY C 339 -18.28 28.68 -5.39
CA GLY C 339 -17.80 30.05 -5.29
C GLY C 339 -18.41 30.75 -4.10
N ARG C 340 -18.21 32.06 -4.02
CA ARG C 340 -18.67 32.86 -2.89
C ARG C 340 -20.21 32.92 -2.82
N TYR C 341 -20.78 32.73 -1.62
CA TYR C 341 -22.23 32.77 -1.47
C TYR C 341 -22.79 34.15 -1.85
N GLU C 342 -22.83 34.42 -3.15
CA GLU C 342 -23.42 35.65 -3.68
C GLU C 342 -24.62 35.27 -4.53
N TYR C 343 -25.74 35.02 -3.87
CA TYR C 343 -26.94 34.51 -4.51
C TYR C 343 -27.15 35.00 -5.94
N LYS C 344 -27.66 36.22 -6.10
CA LYS C 344 -27.92 36.74 -7.43
C LYS C 344 -26.65 36.86 -8.27
N ASN C 345 -25.60 37.44 -7.70
CA ASN C 345 -24.39 37.75 -8.45
C ASN C 345 -23.70 36.56 -9.07
N LYS C 346 -23.52 35.51 -8.28
CA LYS C 346 -22.89 34.29 -8.81
C LYS C 346 -23.92 33.39 -9.53
N GLY C 347 -25.18 33.82 -9.53
CA GLY C 347 -26.22 33.17 -10.29
C GLY C 347 -26.78 31.88 -9.71
N ALA C 348 -26.79 31.76 -8.40
CA ALA C 348 -27.35 30.57 -7.79
C ALA C 348 -28.83 30.49 -8.16
N ASP C 349 -29.47 31.64 -8.31
CA ASP C 349 -30.85 31.66 -8.75
C ASP C 349 -31.02 30.97 -10.10
N MET C 350 -30.52 31.57 -11.16
CA MET C 350 -30.57 30.94 -12.48
C MET C 350 -30.26 29.46 -12.41
N PHE C 351 -29.08 29.11 -11.90
CA PHE C 351 -28.68 27.72 -11.74
C PHE C 351 -29.83 26.87 -11.21
N ILE C 352 -30.42 27.26 -10.09
CA ILE C 352 -31.51 26.46 -9.50
C ILE C 352 -32.81 26.44 -10.33
N GLU C 353 -33.20 27.59 -10.87
CA GLU C 353 -34.35 27.68 -11.77
C GLU C 353 -34.07 26.90 -13.05
N ALA C 354 -32.95 27.18 -13.71
CA ALA C 354 -32.61 26.44 -14.92
C ALA C 354 -32.62 24.94 -14.65
N LEU C 355 -32.34 24.59 -13.40
CA LEU C 355 -32.25 23.19 -13.00
C LEU C 355 -33.65 22.57 -12.91
N ALA C 356 -34.59 23.31 -12.35
CA ALA C 356 -35.98 22.86 -12.31
C ALA C 356 -36.53 22.62 -13.70
N ARG C 357 -36.29 23.58 -14.60
CA ARG C 357 -36.73 23.49 -15.97
C ARG C 357 -36.13 22.27 -16.67
N LEU C 358 -34.93 21.89 -16.23
CA LEU C 358 -34.30 20.69 -16.77
C LEU C 358 -34.97 19.41 -16.25
N ASN C 359 -35.52 19.48 -15.04
CA ASN C 359 -36.20 18.33 -14.48
C ASN C 359 -37.39 18.01 -15.34
N TYR C 360 -38.20 19.03 -15.59
CA TYR C 360 -39.38 18.89 -16.45
C TYR C 360 -38.97 18.21 -17.74
N ARG C 361 -38.13 18.87 -18.54
CA ARG C 361 -37.68 18.32 -19.81
C ARG C 361 -37.31 16.83 -19.76
N LEU C 362 -36.52 16.45 -18.76
CA LEU C 362 -36.06 15.07 -18.64
C LEU C 362 -37.19 14.10 -18.25
N LYS C 363 -38.11 14.55 -17.41
CA LYS C 363 -39.27 13.76 -17.03
C LYS C 363 -40.16 13.56 -18.27
N VAL C 364 -40.44 14.67 -18.94
CA VAL C 364 -41.35 14.74 -20.08
C VAL C 364 -40.83 13.90 -21.25
N SER C 365 -39.58 14.09 -21.62
CA SER C 365 -38.95 13.28 -22.67
C SER C 365 -38.73 11.85 -22.18
N GLY C 366 -39.24 11.56 -20.99
CA GLY C 366 -39.02 10.28 -20.35
C GLY C 366 -37.56 9.87 -20.43
N SER C 367 -36.68 10.69 -19.86
CA SER C 367 -35.23 10.45 -19.91
C SER C 367 -34.82 9.34 -18.93
N LYS C 368 -33.71 8.70 -19.24
CA LYS C 368 -33.20 7.58 -18.46
C LYS C 368 -32.00 8.01 -17.60
N LYS C 369 -31.46 9.18 -17.94
CA LYS C 369 -30.27 9.68 -17.26
C LYS C 369 -30.65 10.45 -16.00
N THR C 370 -29.70 10.57 -15.07
CA THR C 370 -29.93 11.31 -13.85
C THR C 370 -28.85 12.36 -13.61
N VAL C 371 -29.26 13.58 -13.31
CA VAL C 371 -28.29 14.62 -12.96
C VAL C 371 -28.28 14.92 -11.45
N VAL C 372 -27.17 14.60 -10.78
CA VAL C 372 -26.99 15.05 -9.40
C VAL C 372 -26.21 16.36 -9.35
N ALA C 373 -26.87 17.44 -8.96
CA ALA C 373 -26.27 18.77 -8.97
C ALA C 373 -25.80 19.21 -7.59
N PHE C 374 -24.54 19.62 -7.47
CA PHE C 374 -23.95 20.07 -6.20
C PHE C 374 -23.76 21.58 -6.12
N ILE C 375 -24.26 22.19 -5.06
CA ILE C 375 -23.97 23.60 -4.79
C ILE C 375 -23.03 23.66 -3.61
N VAL C 376 -21.81 24.14 -3.91
CA VAL C 376 -20.78 24.35 -2.90
C VAL C 376 -20.54 25.86 -2.70
N MET C 377 -21.31 26.45 -1.79
CA MET C 377 -21.26 27.88 -1.42
C MET C 377 -21.29 28.05 0.10
N PRO C 378 -20.12 28.36 0.67
CA PRO C 378 -19.88 28.55 2.12
C PRO C 378 -20.91 29.46 2.75
N ALA C 379 -21.68 28.94 3.70
CA ALA C 379 -22.71 29.68 4.42
C ALA C 379 -22.64 29.38 5.91
N LYS C 380 -23.30 30.19 6.74
CA LYS C 380 -23.29 29.96 8.18
C LYS C 380 -23.96 28.64 8.61
N ASN C 381 -23.18 27.76 9.24
CA ASN C 381 -23.66 26.44 9.61
C ASN C 381 -23.09 25.88 10.91
N ASN C 382 -23.69 24.78 11.37
CA ASN C 382 -23.22 24.05 12.55
C ASN C 382 -22.80 22.62 12.21
N SER C 383 -21.75 22.52 11.39
CA SER C 383 -21.27 21.26 10.83
C SER C 383 -22.41 20.40 10.26
N PHE C 384 -22.14 19.10 10.09
CA PHE C 384 -23.03 18.19 9.35
C PHE C 384 -24.27 17.82 10.16
N THR C 385 -25.34 17.44 9.45
CA THR C 385 -26.57 17.01 10.12
C THR C 385 -26.39 15.60 10.64
N VAL C 386 -27.18 15.24 11.67
CA VAL C 386 -27.18 13.88 12.21
C VAL C 386 -27.45 12.87 11.10
N GLU C 387 -28.46 13.18 10.30
CA GLU C 387 -28.87 12.34 9.19
C GLU C 387 -27.76 12.12 8.16
N ALA C 388 -27.37 13.21 7.49
CA ALA C 388 -26.37 13.14 6.44
C ALA C 388 -25.18 12.35 6.93
N LEU C 389 -24.84 12.53 8.21
CA LEU C 389 -23.75 11.79 8.88
C LEU C 389 -23.99 10.28 9.05
N LYS C 390 -25.20 9.90 9.46
CA LYS C 390 -25.53 8.48 9.65
C LYS C 390 -25.61 7.81 8.28
N GLY C 391 -26.13 8.56 7.32
CA GLY C 391 -26.18 8.09 5.95
C GLY C 391 -24.88 7.45 5.54
N GLN C 392 -23.77 8.12 5.78
CA GLN C 392 -22.50 7.60 5.30
C GLN C 392 -21.98 6.49 6.21
N ALA C 393 -22.35 6.54 7.48
CA ALA C 393 -21.79 5.60 8.44
C ALA C 393 -22.32 4.21 8.14
N GLU C 394 -23.58 4.13 7.74
CA GLU C 394 -24.19 2.83 7.52
C GLU C 394 -23.72 2.27 6.19
N VAL C 395 -23.58 3.12 5.19
CA VAL C 395 -23.03 2.69 3.91
C VAL C 395 -21.52 2.40 3.99
N ARG C 396 -20.80 3.12 4.84
CA ARG C 396 -19.40 2.78 5.10
C ARG C 396 -19.31 1.41 5.77
N ALA C 397 -20.19 1.16 6.72
CA ALA C 397 -20.19 -0.09 7.45
C ALA C 397 -20.61 -1.25 6.53
N LEU C 398 -21.53 -0.98 5.60
CA LEU C 398 -21.90 -1.99 4.63
C LEU C 398 -20.68 -2.37 3.82
N GLU C 399 -19.88 -1.36 3.47
CA GLU C 399 -18.68 -1.58 2.67
C GLU C 399 -17.76 -2.55 3.39
N ASN C 400 -17.43 -2.24 4.64
CA ASN C 400 -16.60 -3.15 5.43
C ASN C 400 -17.13 -4.58 5.48
N THR C 401 -18.40 -4.73 5.86
CA THR C 401 -18.96 -6.05 6.00
C THR C 401 -18.85 -6.83 4.68
N VAL C 402 -19.26 -6.20 3.57
CA VAL C 402 -19.13 -6.88 2.29
C VAL C 402 -17.67 -7.23 2.05
N HIS C 403 -16.76 -6.32 2.39
CA HIS C 403 -15.35 -6.65 2.25
C HIS C 403 -14.93 -7.87 3.07
N GLU C 404 -15.24 -7.87 4.37
CA GLU C 404 -14.97 -9.03 5.21
C GLU C 404 -15.53 -10.29 4.58
N VAL C 405 -16.82 -10.25 4.25
CA VAL C 405 -17.52 -11.43 3.75
C VAL C 405 -16.86 -11.97 2.49
N THR C 406 -16.51 -11.08 1.55
CA THR C 406 -15.97 -11.57 0.30
C THR C 406 -14.53 -12.05 0.41
N THR C 407 -13.78 -11.60 1.41
CA THR C 407 -12.44 -12.15 1.57
C THR C 407 -12.50 -13.47 2.32
N SER C 408 -13.56 -13.67 3.10
CA SER C 408 -13.80 -14.96 3.71
C SER C 408 -14.16 -15.96 2.64
N ILE C 409 -15.17 -15.61 1.84
CA ILE C 409 -15.53 -16.40 0.67
C ILE C 409 -14.26 -16.73 -0.10
N GLY C 410 -13.43 -15.72 -0.33
CA GLY C 410 -12.20 -15.88 -1.06
C GLY C 410 -11.30 -16.96 -0.48
N LYS C 411 -11.18 -16.97 0.83
CA LYS C 411 -10.26 -17.91 1.47
C LYS C 411 -10.83 -19.32 1.46
N ARG C 412 -12.15 -19.43 1.36
CA ARG C 412 -12.79 -20.74 1.32
C ARG C 412 -12.68 -21.38 -0.07
N ILE C 413 -12.94 -20.60 -1.12
CA ILE C 413 -12.76 -21.07 -2.48
C ILE C 413 -11.31 -21.49 -2.65
N PHE C 414 -10.38 -20.68 -2.15
CA PHE C 414 -8.97 -20.99 -2.29
C PHE C 414 -8.56 -22.25 -1.56
N ASP C 415 -9.16 -22.53 -0.41
CA ASP C 415 -8.83 -23.74 0.29
C ASP C 415 -9.33 -24.98 -0.45
N HIS C 416 -10.63 -25.01 -0.73
CA HIS C 416 -11.20 -26.05 -1.57
C HIS C 416 -10.22 -26.28 -2.73
N ALA C 417 -9.89 -25.22 -3.46
CA ALA C 417 -9.12 -25.39 -4.68
C ALA C 417 -7.75 -26.00 -4.43
N ILE C 418 -7.12 -25.65 -3.33
CA ILE C 418 -5.77 -26.13 -3.08
C ILE C 418 -5.84 -27.53 -2.49
N ARG C 419 -7.05 -28.04 -2.39
CA ARG C 419 -7.30 -29.39 -1.90
C ARG C 419 -7.60 -30.49 -2.95
N TYR C 420 -8.35 -30.18 -4.03
CA TYR C 420 -8.68 -31.24 -4.99
C TYR C 420 -7.47 -32.14 -4.97
N PRO C 421 -7.69 -33.44 -4.77
CA PRO C 421 -9.05 -34.00 -4.66
C PRO C 421 -9.67 -33.78 -3.28
N GLY C 434 -24.34 -21.75 -4.80
CA GLY C 434 -24.72 -22.74 -3.81
C GLY C 434 -24.20 -22.47 -2.40
N GLU C 435 -24.61 -21.34 -1.83
CA GLU C 435 -24.31 -20.99 -0.44
C GLU C 435 -22.85 -21.18 -0.02
N LEU C 436 -22.02 -20.21 -0.39
CA LEU C 436 -20.62 -20.14 0.04
C LEU C 436 -20.52 -19.38 1.36
N LEU C 437 -21.51 -18.51 1.57
CA LEU C 437 -21.66 -17.74 2.80
C LEU C 437 -22.15 -18.67 3.88
N LYS C 438 -21.42 -18.77 4.98
CA LYS C 438 -22.00 -19.46 6.13
C LYS C 438 -23.02 -18.55 6.82
N SER C 439 -23.82 -19.12 7.72
CA SER C 439 -24.89 -18.34 8.35
C SER C 439 -24.41 -17.21 9.28
N SER C 440 -23.17 -17.29 9.75
CA SER C 440 -22.60 -16.17 10.49
C SER C 440 -22.50 -14.91 9.63
N ASP C 441 -22.26 -15.11 8.33
CA ASP C 441 -22.07 -14.02 7.38
C ASP C 441 -23.38 -13.43 6.93
N LYS C 442 -24.42 -14.26 6.88
CA LYS C 442 -25.73 -13.81 6.43
C LYS C 442 -26.33 -12.91 7.50
N VAL C 443 -25.89 -13.11 8.74
CA VAL C 443 -26.37 -12.28 9.82
C VAL C 443 -25.80 -10.88 9.73
N MET C 444 -24.47 -10.75 9.72
CA MET C 444 -23.90 -9.40 9.63
C MET C 444 -24.29 -8.65 8.35
N LEU C 445 -24.61 -9.38 7.29
CA LEU C 445 -25.03 -8.76 6.04
C LEU C 445 -26.44 -8.24 6.13
N LYS C 446 -27.33 -9.06 6.67
CA LYS C 446 -28.73 -8.70 6.80
C LYS C 446 -28.82 -7.42 7.64
N ARG C 447 -28.03 -7.37 8.71
CA ARG C 447 -28.04 -6.20 9.56
C ARG C 447 -27.68 -4.94 8.79
N ARG C 448 -26.55 -4.99 8.07
CA ARG C 448 -26.07 -3.85 7.31
C ARG C 448 -27.06 -3.39 6.25
N ILE C 449 -27.65 -4.36 5.56
CA ILE C 449 -28.65 -4.05 4.56
C ILE C 449 -29.87 -3.37 5.19
N LEU C 450 -30.28 -3.88 6.36
CA LEU C 450 -31.46 -3.38 7.07
C LEU C 450 -31.24 -1.96 7.57
N ALA C 451 -30.03 -1.68 8.00
CA ALA C 451 -29.70 -0.35 8.47
C ALA C 451 -29.99 0.72 7.42
N LEU C 452 -30.04 0.34 6.16
CA LEU C 452 -30.19 1.29 5.04
C LEU C 452 -31.60 1.83 4.84
N ARG C 453 -32.54 1.36 5.66
CA ARG C 453 -33.95 1.68 5.45
C ARG C 453 -34.24 3.13 5.80
N ARG C 454 -34.84 3.85 4.87
CA ARG C 454 -35.39 5.18 5.15
C ARG C 454 -36.69 5.06 5.98
N PRO C 455 -36.81 5.87 7.05
CA PRO C 455 -38.12 5.94 7.72
C PRO C 455 -39.16 6.41 6.70
N GLU C 456 -40.37 5.84 6.74
CA GLU C 456 -41.41 6.10 5.75
C GLU C 456 -41.41 7.50 5.09
N GLY C 457 -41.31 7.51 3.77
CA GLY C 457 -41.53 8.71 2.98
C GLY C 457 -40.51 9.83 3.14
N GLN C 458 -39.56 9.63 4.06
CA GLN C 458 -38.40 10.53 4.21
C GLN C 458 -37.52 10.51 2.95
N LEU C 459 -37.32 11.68 2.34
CA LEU C 459 -36.50 11.77 1.15
C LEU C 459 -35.07 12.18 1.47
N PRO C 460 -34.12 11.90 0.56
CA PRO C 460 -32.72 12.32 0.75
C PRO C 460 -32.59 13.84 0.84
N PRO C 461 -32.00 14.33 1.94
CA PRO C 461 -31.97 15.76 2.25
C PRO C 461 -31.44 16.57 1.07
N ILE C 462 -31.78 17.85 0.99
CA ILE C 462 -31.23 18.71 -0.05
C ILE C 462 -30.04 19.51 0.49
N VAL C 463 -29.69 19.25 1.75
CA VAL C 463 -28.59 19.94 2.41
C VAL C 463 -27.81 18.95 3.25
N THR C 464 -26.55 19.25 3.50
CA THR C 464 -25.69 18.31 4.19
C THR C 464 -25.36 18.79 5.60
N HIS C 465 -25.70 20.04 5.86
CA HIS C 465 -25.38 20.68 7.14
C HIS C 465 -26.59 21.24 7.85
N ASN C 466 -26.44 21.44 9.15
CA ASN C 466 -27.38 22.22 9.93
C ASN C 466 -27.18 23.70 9.59
N MET C 467 -28.24 24.36 9.11
CA MET C 467 -28.15 25.79 8.80
C MET C 467 -28.35 26.64 10.06
N VAL C 468 -27.70 27.79 10.09
CA VAL C 468 -27.91 28.72 11.19
C VAL C 468 -29.22 29.44 10.90
N ASP C 469 -29.29 30.03 9.73
CA ASP C 469 -30.46 30.78 9.34
C ASP C 469 -31.27 29.95 8.33
N ASP C 470 -31.83 28.85 8.81
CA ASP C 470 -32.45 27.86 7.92
C ASP C 470 -33.64 28.42 7.13
N ALA C 471 -34.57 29.08 7.83
CA ALA C 471 -35.81 29.52 7.21
C ALA C 471 -35.64 30.57 6.13
N ASN C 472 -34.58 31.38 6.25
CA ASN C 472 -34.39 32.55 5.40
C ASN C 472 -33.33 32.42 4.33
N ASP C 473 -32.54 31.35 4.40
CA ASP C 473 -31.48 31.12 3.43
C ASP C 473 -32.00 31.08 1.99
N LEU C 474 -31.28 31.74 1.09
CA LEU C 474 -31.78 31.96 -0.26
C LEU C 474 -31.70 30.73 -1.14
N ILE C 475 -30.60 29.98 -1.01
CA ILE C 475 -30.40 28.73 -1.72
C ILE C 475 -31.51 27.73 -1.36
N LEU C 476 -31.57 27.35 -0.08
CA LEU C 476 -32.62 26.45 0.41
C LEU C 476 -34.01 26.90 0.00
N ASN C 477 -34.38 28.12 0.37
CA ASN C 477 -35.69 28.68 -0.02
C ASN C 477 -35.96 28.74 -1.52
N LYS C 478 -34.92 28.78 -2.36
CA LYS C 478 -35.17 28.75 -3.80
C LYS C 478 -35.46 27.33 -4.26
N ILE C 479 -34.58 26.39 -3.89
CA ILE C 479 -34.85 25.01 -4.24
C ILE C 479 -36.17 24.58 -3.61
N ARG C 480 -36.46 25.08 -2.41
CA ARG C 480 -37.76 24.84 -1.76
C ARG C 480 -38.89 25.38 -2.63
N GLN C 481 -38.66 26.54 -3.23
CA GLN C 481 -39.66 27.15 -4.11
C GLN C 481 -39.88 26.36 -5.41
N VAL C 482 -38.82 25.89 -6.06
CA VAL C 482 -39.00 25.12 -7.31
C VAL C 482 -39.23 23.63 -7.05
N GLN C 483 -39.29 23.26 -5.77
CA GLN C 483 -39.65 21.90 -5.38
C GLN C 483 -38.78 20.82 -6.03
N LEU C 484 -37.48 20.89 -5.82
CA LEU C 484 -36.60 19.79 -6.16
C LEU C 484 -36.24 19.10 -4.87
N PHE C 485 -36.88 17.98 -4.57
CA PHE C 485 -36.74 17.39 -3.23
C PHE C 485 -36.10 16.01 -3.25
N ASN C 486 -35.48 15.67 -4.37
CA ASN C 486 -34.82 14.37 -4.50
C ASN C 486 -35.77 13.19 -4.40
N SER C 487 -36.94 13.33 -5.04
CA SER C 487 -37.91 12.25 -5.15
C SER C 487 -37.52 11.36 -6.31
N PRO C 488 -37.84 10.06 -6.22
CA PRO C 488 -37.44 9.09 -7.25
C PRO C 488 -37.92 9.52 -8.64
N SER C 489 -39.09 10.14 -8.67
CA SER C 489 -39.63 10.73 -9.88
C SER C 489 -38.63 11.70 -10.51
N ASP C 490 -37.96 12.49 -9.66
CA ASP C 490 -37.05 13.58 -10.06
C ASP C 490 -35.75 13.11 -10.72
N ARG C 491 -35.53 13.61 -11.93
CA ARG C 491 -34.37 13.20 -12.69
C ARG C 491 -33.14 14.06 -12.34
N VAL C 492 -33.38 15.18 -11.68
CA VAL C 492 -32.30 15.97 -11.13
C VAL C 492 -32.36 15.94 -9.60
N LYS C 493 -31.34 15.36 -8.98
CA LYS C 493 -31.19 15.41 -7.54
C LYS C 493 -30.47 16.70 -7.19
N MET C 494 -30.61 17.12 -5.93
CA MET C 494 -30.09 18.42 -5.46
C MET C 494 -29.35 18.28 -4.14
N ILE C 495 -28.06 18.59 -4.15
CA ILE C 495 -27.27 18.58 -2.91
C ILE C 495 -26.64 19.93 -2.67
N PHE C 496 -27.03 20.59 -1.58
CA PHE C 496 -26.42 21.88 -1.18
C PHE C 496 -25.39 21.64 -0.07
N HIS C 497 -24.16 22.13 -0.29
CA HIS C 497 -23.06 21.89 0.65
C HIS C 497 -22.40 23.23 1.03
N PRO C 498 -22.90 23.84 2.12
CA PRO C 498 -22.65 25.25 2.49
C PRO C 498 -21.32 25.47 3.21
N GLU C 499 -20.33 24.64 2.95
CA GLU C 499 -19.04 24.72 3.61
C GLU C 499 -17.98 24.54 2.56
N PHE C 500 -16.72 24.67 2.94
CA PHE C 500 -15.63 24.39 2.02
C PHE C 500 -15.39 22.89 1.97
N LEU C 501 -14.84 22.41 0.86
CA LEU C 501 -14.51 20.98 0.74
C LEU C 501 -13.15 20.58 1.35
N ASN C 502 -13.19 19.55 2.18
CA ASN C 502 -11.99 19.06 2.87
C ASN C 502 -11.81 17.55 2.73
N ALA C 503 -10.62 17.12 2.35
CA ALA C 503 -10.36 15.71 2.03
C ALA C 503 -10.62 14.82 3.24
N ASN C 504 -10.48 15.41 4.42
CA ASN C 504 -10.69 14.70 5.68
C ASN C 504 -12.05 15.04 6.32
N ASN C 505 -13.11 15.02 5.52
CA ASN C 505 -14.44 15.23 6.04
C ASN C 505 -15.24 13.94 5.99
N PRO C 506 -16.05 13.69 7.02
CA PRO C 506 -16.79 12.42 7.08
C PRO C 506 -17.72 12.27 5.89
N ILE C 507 -18.10 13.38 5.26
CA ILE C 507 -19.16 13.34 4.26
C ILE C 507 -18.65 13.32 2.81
N LEU C 508 -18.22 14.46 2.31
CA LEU C 508 -17.75 14.53 0.93
C LEU C 508 -16.24 14.64 0.99
N GLY C 509 -15.57 13.50 1.17
CA GLY C 509 -14.15 13.49 1.50
C GLY C 509 -13.18 13.85 0.39
N LEU C 510 -13.32 15.04 -0.17
CA LEU C 510 -12.41 15.52 -1.19
C LEU C 510 -11.98 16.93 -0.90
N ASP C 511 -10.80 17.27 -1.40
CA ASP C 511 -10.40 18.66 -1.50
C ASP C 511 -11.13 19.21 -2.72
N TYR C 512 -11.32 20.52 -2.74
CA TYR C 512 -11.99 21.15 -3.86
C TYR C 512 -11.49 20.57 -5.20
N ASP C 513 -10.18 20.60 -5.39
CA ASP C 513 -9.56 20.27 -6.68
C ASP C 513 -9.90 18.86 -7.18
N GLU C 514 -9.98 17.89 -6.27
CA GLU C 514 -10.45 16.55 -6.58
C GLU C 514 -11.89 16.60 -7.10
N PHE C 515 -12.81 16.99 -6.22
CA PHE C 515 -14.24 17.06 -6.53
C PHE C 515 -14.53 17.63 -7.91
N VAL C 516 -13.92 18.75 -8.27
CA VAL C 516 -14.16 19.37 -9.57
C VAL C 516 -13.80 18.41 -10.69
N ARG C 517 -12.66 17.76 -10.53
CA ARG C 517 -12.21 16.77 -11.50
C ARG C 517 -13.17 15.60 -11.55
N GLY C 518 -13.63 15.18 -10.37
CA GLY C 518 -14.60 14.12 -10.28
C GLY C 518 -15.94 14.45 -10.90
N CYS C 519 -16.17 15.70 -11.28
CA CYS C 519 -17.47 16.06 -11.84
C CYS C 519 -17.51 16.03 -13.36
N HIS C 520 -18.63 16.44 -13.94
CA HIS C 520 -18.81 16.39 -15.39
C HIS C 520 -18.95 17.75 -16.02
N LEU C 521 -19.72 18.62 -15.37
CA LEU C 521 -19.95 19.96 -15.88
C LEU C 521 -20.05 21.00 -14.75
N GLY C 522 -19.29 22.08 -14.89
CA GLY C 522 -19.34 23.20 -13.95
C GLY C 522 -20.21 24.32 -14.49
N VAL C 523 -21.12 24.82 -13.67
CA VAL C 523 -22.13 25.76 -14.11
C VAL C 523 -22.09 27.08 -13.36
N PHE C 524 -21.61 28.13 -14.01
CA PHE C 524 -21.46 29.42 -13.34
C PHE C 524 -22.17 30.54 -14.11
N PRO C 525 -23.43 30.78 -13.75
CA PRO C 525 -24.29 31.73 -14.45
C PRO C 525 -24.17 33.12 -13.84
N SER C 526 -22.96 33.66 -13.85
CA SER C 526 -22.69 34.89 -13.11
C SER C 526 -23.38 36.09 -13.71
N TYR C 527 -23.81 37.01 -12.85
CA TYR C 527 -24.33 38.30 -13.29
C TYR C 527 -23.28 39.40 -13.15
N TYR C 528 -22.59 39.39 -12.02
CA TYR C 528 -21.45 40.26 -11.82
C TYR C 528 -20.18 39.46 -11.44
N GLU C 529 -19.26 39.38 -12.39
CA GLU C 529 -18.02 38.65 -12.21
C GLU C 529 -17.03 39.39 -13.09
N PRO C 530 -16.19 40.24 -12.49
CA PRO C 530 -15.31 41.05 -13.33
C PRO C 530 -14.26 40.18 -14.00
N TRP C 531 -13.93 39.06 -13.37
CA TRP C 531 -13.19 38.00 -14.03
C TRP C 531 -13.95 36.67 -13.84
N GLY C 532 -13.82 36.09 -12.66
CA GLY C 532 -14.43 34.82 -12.39
C GLY C 532 -13.33 33.79 -12.44
N TYR C 533 -12.60 33.70 -11.35
CA TYR C 533 -11.54 32.71 -11.25
C TYR C 533 -12.11 31.30 -11.13
N THR C 534 -13.34 31.17 -10.67
CA THR C 534 -13.86 29.84 -10.36
C THR C 534 -14.12 28.99 -11.60
N PRO C 535 -14.75 29.58 -12.63
CA PRO C 535 -14.91 28.97 -13.95
C PRO C 535 -13.57 28.70 -14.61
N ALA C 536 -12.66 29.63 -14.44
CA ALA C 536 -11.38 29.60 -15.15
C ALA C 536 -10.52 28.45 -14.66
N GLU C 537 -10.52 28.20 -13.36
CA GLU C 537 -9.67 27.13 -12.87
C GLU C 537 -10.36 25.78 -13.01
N CYS C 538 -11.65 25.83 -13.33
CA CYS C 538 -12.42 24.65 -13.70
C CYS C 538 -11.91 24.20 -15.05
N THR C 539 -11.81 25.14 -15.99
CA THR C 539 -11.29 24.84 -17.33
C THR C 539 -9.90 24.25 -17.28
N VAL C 540 -9.00 24.95 -16.61
CA VAL C 540 -7.62 24.49 -16.46
C VAL C 540 -7.57 23.06 -15.92
N MET C 541 -8.62 22.64 -15.24
CA MET C 541 -8.64 21.31 -14.66
C MET C 541 -9.19 20.23 -15.60
N GLY C 542 -9.55 20.66 -16.81
CA GLY C 542 -10.03 19.75 -17.81
C GLY C 542 -11.48 19.37 -17.59
N VAL C 543 -12.28 20.35 -17.17
CA VAL C 543 -13.70 20.13 -16.94
C VAL C 543 -14.51 21.14 -17.74
N PRO C 544 -15.56 20.67 -18.41
CA PRO C 544 -16.34 21.61 -19.20
C PRO C 544 -17.11 22.54 -18.29
N SER C 545 -17.33 23.76 -18.73
CA SER C 545 -17.91 24.81 -17.88
C SER C 545 -18.97 25.59 -18.63
N ILE C 546 -20.02 25.97 -17.93
CA ILE C 546 -20.91 26.98 -18.45
C ILE C 546 -20.57 28.24 -17.69
N THR C 547 -20.32 29.33 -18.41
CA THR C 547 -20.24 30.62 -17.78
C THR C 547 -21.14 31.61 -18.50
N THR C 548 -20.67 32.84 -18.69
CA THR C 548 -21.57 33.92 -19.03
C THR C 548 -20.88 35.00 -19.84
N ASN C 549 -21.64 35.77 -20.62
CA ASN C 549 -21.03 36.82 -21.43
C ASN C 549 -20.95 38.19 -20.75
N VAL C 550 -21.31 38.23 -19.46
CA VAL C 550 -21.02 39.37 -18.59
C VAL C 550 -20.12 38.95 -17.43
N SER C 551 -19.66 37.70 -17.51
CA SER C 551 -18.54 37.22 -16.70
C SER C 551 -17.27 37.58 -17.45
N GLY C 552 -16.26 38.02 -16.71
CA GLY C 552 -15.07 38.53 -17.35
C GLY C 552 -14.40 37.40 -18.10
N PHE C 553 -14.27 36.27 -17.42
CA PHE C 553 -13.64 35.11 -17.99
C PHE C 553 -14.46 34.60 -19.15
N GLY C 554 -15.77 34.76 -19.04
CA GLY C 554 -16.68 34.31 -20.08
C GLY C 554 -16.48 35.13 -21.34
N SER C 555 -16.46 36.46 -21.17
CA SER C 555 -16.38 37.36 -22.29
C SER C 555 -15.01 37.24 -22.92
N TYR C 556 -14.02 36.91 -22.11
CA TYR C 556 -12.68 36.76 -22.64
C TYR C 556 -12.62 35.49 -23.45
N MET C 557 -13.43 34.52 -23.03
CA MET C 557 -13.45 33.22 -23.69
C MET C 557 -14.23 33.34 -24.99
N GLU C 558 -15.14 34.32 -25.02
CA GLU C 558 -15.97 34.60 -26.21
C GLU C 558 -15.12 35.02 -27.42
N ASP C 559 -13.92 35.54 -27.17
CA ASP C 559 -13.03 36.01 -28.24
C ASP C 559 -11.95 34.98 -28.59
N LEU C 560 -11.94 33.87 -27.87
CA LEU C 560 -10.91 32.88 -28.12
C LEU C 560 -11.44 31.59 -28.80
N ALA C 566 -16.72 26.32 -31.08
CA ALA C 566 -17.05 27.11 -29.89
C ALA C 566 -17.37 26.26 -28.62
N LYS C 567 -18.56 25.64 -28.60
CA LYS C 567 -18.96 24.79 -27.48
C LYS C 567 -18.30 23.41 -27.54
N ASP C 568 -17.81 23.02 -28.72
CA ASP C 568 -17.14 21.73 -28.86
C ASP C 568 -15.90 21.68 -27.98
N TYR C 569 -15.46 22.86 -27.52
CA TYR C 569 -14.34 22.93 -26.58
C TYR C 569 -14.77 22.96 -25.12
N GLY C 570 -16.04 22.67 -24.86
CA GLY C 570 -16.50 22.49 -23.50
C GLY C 570 -16.71 23.80 -22.78
N ILE C 571 -16.86 24.86 -23.54
CA ILE C 571 -17.17 26.15 -22.96
C ILE C 571 -18.47 26.71 -23.52
N TYR C 572 -19.50 26.64 -22.69
CA TYR C 572 -20.82 27.14 -23.06
C TYR C 572 -20.95 28.53 -22.48
N ILE C 573 -21.20 29.51 -23.33
CA ILE C 573 -21.34 30.89 -22.89
C ILE C 573 -22.79 31.39 -22.92
N VAL C 574 -23.51 31.27 -21.80
CA VAL C 574 -24.87 31.77 -21.71
C VAL C 574 -24.89 33.24 -22.08
N ASP C 575 -26.06 33.78 -22.41
CA ASP C 575 -26.15 35.20 -22.70
C ASP C 575 -27.05 35.91 -21.69
N ARG C 576 -26.42 36.60 -20.75
CA ARG C 576 -27.15 37.32 -19.69
C ARG C 576 -27.23 38.79 -20.04
N ARG C 577 -26.64 39.16 -21.17
CA ARG C 577 -26.48 40.56 -21.50
C ARG C 577 -27.60 41.12 -22.41
N PHE C 578 -27.91 40.39 -23.47
CA PHE C 578 -28.85 40.87 -24.48
C PHE C 578 -30.23 40.18 -24.39
N LYS C 579 -30.24 38.87 -24.14
CA LYS C 579 -31.50 38.16 -23.94
C LYS C 579 -32.19 38.62 -22.65
N ALA C 580 -33.51 38.48 -22.61
CA ALA C 580 -34.27 38.82 -21.41
C ALA C 580 -33.97 37.75 -20.36
N PRO C 581 -34.13 38.11 -19.07
CA PRO C 581 -33.87 37.19 -17.96
C PRO C 581 -34.36 35.77 -18.23
N ASP C 582 -35.56 35.61 -18.80
CA ASP C 582 -36.13 34.28 -19.01
C ASP C 582 -35.52 33.53 -20.18
N GLU C 583 -35.22 34.22 -21.27
CA GLU C 583 -34.56 33.56 -22.41
C GLU C 583 -33.16 33.11 -22.00
N SER C 584 -32.58 33.84 -21.04
CA SER C 584 -31.30 33.48 -20.45
C SER C 584 -31.45 32.14 -19.76
N VAL C 585 -32.48 32.02 -18.95
CA VAL C 585 -32.75 30.79 -18.22
C VAL C 585 -32.90 29.58 -19.16
N GLU C 586 -33.78 29.71 -20.15
CA GLU C 586 -34.02 28.63 -21.11
C GLU C 586 -32.74 28.23 -21.80
N GLN C 587 -31.96 29.23 -22.20
CA GLN C 587 -30.68 28.99 -22.85
C GLN C 587 -29.76 28.12 -21.97
N LEU C 588 -29.77 28.39 -20.68
CA LEU C 588 -28.98 27.58 -19.77
C LEU C 588 -29.52 26.15 -19.78
N VAL C 589 -30.83 26.00 -19.69
CA VAL C 589 -31.46 24.68 -19.73
C VAL C 589 -31.16 23.95 -21.04
N ASP C 590 -31.11 24.70 -22.15
CA ASP C 590 -30.75 24.12 -23.44
C ASP C 590 -29.38 23.45 -23.39
N TYR C 591 -28.38 24.19 -22.95
CA TYR C 591 -27.02 23.69 -22.86
C TYR C 591 -26.95 22.46 -21.96
N MET C 592 -27.53 22.57 -20.78
CA MET C 592 -27.60 21.43 -19.87
C MET C 592 -28.19 20.19 -20.57
N GLU C 593 -29.35 20.39 -21.22
CA GLU C 593 -30.01 19.29 -21.93
C GLU C 593 -29.09 18.70 -22.99
N GLU C 594 -28.48 19.56 -23.80
CA GLU C 594 -27.53 19.11 -24.80
C GLU C 594 -26.45 18.26 -24.17
N PHE C 595 -25.86 18.77 -23.08
CA PHE C 595 -24.76 18.09 -22.42
C PHE C 595 -25.17 16.71 -21.92
N VAL C 596 -26.43 16.59 -21.49
CA VAL C 596 -26.94 15.34 -20.94
C VAL C 596 -27.16 14.30 -22.05
N LYS C 597 -27.87 14.71 -23.09
CA LYS C 597 -28.11 13.85 -24.24
C LYS C 597 -26.84 13.73 -25.08
N LYS C 598 -25.75 13.35 -24.43
CA LYS C 598 -24.47 13.21 -25.09
C LYS C 598 -24.06 11.75 -25.00
N THR C 599 -23.33 11.25 -26.01
CA THR C 599 -22.81 9.89 -25.93
C THR C 599 -21.52 9.86 -25.10
N ALA C 600 -21.31 8.76 -24.38
CA ALA C 600 -20.11 8.60 -23.57
C ALA C 600 -18.85 8.95 -24.37
N ALA C 601 -18.98 8.90 -25.70
CA ALA C 601 -17.87 9.21 -26.59
C ALA C 601 -17.82 10.69 -27.01
N GLN C 602 -18.98 11.33 -27.16
CA GLN C 602 -19.03 12.76 -27.44
C GLN C 602 -18.47 13.54 -26.23
N ALA C 603 -18.74 13.01 -25.04
CA ALA C 603 -18.30 13.60 -23.79
C ALA C 603 -16.78 13.48 -23.65
N ILE C 604 -16.26 12.29 -23.90
CA ILE C 604 -14.84 12.00 -23.77
C ILE C 604 -14.00 12.79 -24.77
N ASN C 605 -14.61 13.25 -25.85
CA ASN C 605 -13.91 14.04 -26.85
C ASN C 605 -13.93 15.52 -26.49
N GLN C 606 -15.05 15.97 -25.93
CA GLN C 606 -15.21 17.32 -25.39
C GLN C 606 -14.21 17.56 -24.26
N ARG C 607 -14.18 16.65 -23.31
CA ARG C 607 -13.25 16.73 -22.19
C ARG C 607 -11.78 16.61 -22.58
N ASN C 608 -11.51 15.99 -23.72
CA ASN C 608 -10.14 15.91 -24.21
C ASN C 608 -9.80 17.23 -24.88
N ARG C 609 -10.83 17.90 -25.37
CA ARG C 609 -10.67 19.19 -26.01
C ARG C 609 -10.48 20.30 -24.97
N THR C 610 -11.39 20.41 -24.01
CA THR C 610 -11.22 21.46 -22.99
C THR C 610 -9.87 21.25 -22.29
N GLU C 611 -9.42 20.00 -22.24
CA GLU C 611 -8.14 19.66 -21.62
C GLU C 611 -6.99 20.39 -22.29
N ARG C 612 -7.16 20.65 -23.58
CA ARG C 612 -6.12 21.33 -24.35
C ARG C 612 -6.15 22.84 -24.13
N LEU C 613 -7.35 23.42 -24.03
CA LEU C 613 -7.51 24.83 -23.71
C LEU C 613 -6.67 25.23 -22.50
N SER C 614 -6.59 24.33 -21.54
CA SER C 614 -5.75 24.51 -20.36
C SER C 614 -4.63 25.53 -20.54
N ASP C 615 -3.68 25.22 -21.42
CA ASP C 615 -2.44 25.99 -21.50
C ASP C 615 -2.56 27.42 -21.99
N LEU C 616 -3.69 27.77 -22.59
CA LEU C 616 -3.87 29.12 -23.09
C LEU C 616 -4.20 30.08 -21.94
N LEU C 617 -4.43 29.52 -20.76
CA LEU C 617 -4.78 30.31 -19.59
C LEU C 617 -3.58 30.55 -18.72
N ASP C 618 -2.42 30.06 -19.14
CA ASP C 618 -1.20 30.20 -18.39
C ASP C 618 -0.56 31.59 -18.57
N TRP C 619 -0.15 32.19 -17.44
CA TRP C 619 0.52 33.47 -17.44
C TRP C 619 1.55 33.57 -18.55
N LYS C 620 2.19 32.44 -18.87
CA LYS C 620 3.18 32.34 -19.94
C LYS C 620 2.63 32.90 -21.24
N ARG C 621 1.31 32.92 -21.38
CA ARG C 621 0.67 33.49 -22.56
C ARG C 621 -0.13 34.77 -22.26
N MET C 622 -0.77 34.77 -21.11
CA MET C 622 -1.59 35.90 -20.68
C MET C 622 -0.69 37.07 -20.25
N GLY C 623 0.49 36.73 -19.75
CA GLY C 623 1.47 37.71 -19.34
C GLY C 623 1.81 38.73 -20.40
N LEU C 624 1.62 38.37 -21.67
CA LEU C 624 2.01 39.22 -22.78
C LEU C 624 1.18 40.50 -22.78
N GLU C 625 -0.02 40.41 -22.23
CA GLU C 625 -0.89 41.56 -22.15
C GLU C 625 -0.30 42.60 -21.20
N TYR C 626 0.43 42.14 -20.19
CA TYR C 626 1.11 43.04 -19.26
C TYR C 626 2.23 43.77 -19.98
N VAL C 627 3.11 43.00 -20.61
CA VAL C 627 4.15 43.54 -21.49
C VAL C 627 3.61 44.62 -22.44
N LYS C 628 2.39 44.45 -22.94
CA LYS C 628 1.79 45.40 -23.89
C LYS C 628 1.38 46.69 -23.20
N ALA C 629 1.00 46.58 -21.93
CA ALA C 629 0.55 47.74 -21.19
C ALA C 629 1.75 48.53 -20.69
N ARG C 630 2.80 47.81 -20.31
CA ARG C 630 4.03 48.44 -19.88
C ARG C 630 4.70 49.20 -21.03
N GLN C 631 4.69 48.63 -22.23
CA GLN C 631 5.33 49.30 -23.38
C GLN C 631 4.50 50.43 -24.00
N LEU C 632 3.18 50.42 -23.80
CA LEU C 632 2.38 51.55 -24.25
C LEU C 632 2.71 52.74 -23.36
N ALA C 633 3.01 52.44 -22.10
CA ALA C 633 3.30 53.47 -21.11
C ALA C 633 4.66 54.10 -21.37
N LEU C 634 5.66 53.29 -21.68
CA LEU C 634 6.96 53.81 -22.08
C LEU C 634 6.80 54.64 -23.34
N ARG C 635 6.18 54.03 -24.36
CA ARG C 635 5.88 54.68 -25.63
C ARG C 635 5.29 56.07 -25.44
N ARG C 636 4.29 56.18 -24.57
CA ARG C 636 3.60 57.46 -24.32
C ARG C 636 4.43 58.44 -23.47
N GLY C 637 5.20 57.90 -22.53
CA GLY C 637 6.07 58.71 -21.70
C GLY C 637 7.28 59.25 -22.43
N TYR C 638 7.81 58.48 -23.40
CA TYR C 638 9.01 58.91 -24.12
C TYR C 638 8.90 58.68 -25.63
N PRO C 639 7.97 59.39 -26.28
CA PRO C 639 7.65 59.23 -27.70
C PRO C 639 8.90 59.22 -28.57
N ASP C 640 9.86 60.05 -28.20
CA ASP C 640 11.14 60.17 -28.92
C ASP C 640 12.00 58.91 -28.74
N GLN C 641 12.60 58.76 -27.56
CA GLN C 641 13.48 57.63 -27.30
C GLN C 641 12.87 56.32 -27.79
N PHE C 642 11.54 56.22 -27.71
CA PHE C 642 10.84 55.03 -28.21
C PHE C 642 10.95 54.95 -29.73
N ARG C 643 10.64 56.06 -30.42
CA ARG C 643 10.81 56.12 -31.86
C ARG C 643 12.18 55.60 -32.26
N GLU C 644 13.21 56.04 -31.53
CA GLU C 644 14.60 55.68 -31.80
C GLU C 644 14.88 54.20 -31.50
N LEU C 645 14.01 53.58 -30.70
CA LEU C 645 14.24 52.19 -30.33
C LEU C 645 13.61 51.18 -31.32
N VAL C 646 12.76 51.67 -32.21
CA VAL C 646 12.23 50.83 -33.29
C VAL C 646 12.85 51.25 -34.61
N GLY C 647 12.42 52.42 -35.09
CA GLY C 647 12.81 52.94 -36.38
C GLY C 647 11.62 53.65 -36.98
N GLU C 648 10.58 53.81 -36.16
CA GLU C 648 9.32 54.38 -36.61
C GLU C 648 8.41 54.72 -35.43
N GLU C 649 7.37 55.50 -35.70
CA GLU C 649 6.46 55.92 -34.65
C GLU C 649 5.18 55.09 -34.63
N LEU C 650 5.23 53.94 -33.97
CA LEU C 650 4.08 53.06 -33.82
C LEU C 650 2.91 53.75 -33.13
N ASN C 651 1.69 53.32 -33.46
CA ASN C 651 0.45 53.93 -32.95
C ASN C 651 0.24 53.74 -31.45
N ASP C 652 -0.25 54.79 -30.78
CA ASP C 652 -0.24 54.82 -29.31
C ASP C 652 -1.60 55.01 -28.62
N SER C 653 -2.69 54.60 -29.27
CA SER C 653 -4.02 54.78 -28.69
C SER C 653 -4.62 53.49 -28.09
N ASN C 654 -3.99 52.35 -28.36
CA ASN C 654 -4.38 51.06 -27.77
C ASN C 654 -3.13 50.25 -27.47
N MET C 655 -3.22 49.34 -26.49
CA MET C 655 -2.12 48.42 -26.28
C MET C 655 -2.08 47.52 -27.51
N ASP C 656 -3.25 47.35 -28.11
CA ASP C 656 -3.41 46.51 -29.29
C ASP C 656 -2.94 47.22 -30.56
N ALA C 657 -3.15 48.52 -30.64
CA ALA C 657 -2.66 49.30 -31.77
C ALA C 657 -1.12 49.41 -31.76
N LEU C 658 -0.48 48.79 -30.77
CA LEU C 658 0.97 48.88 -30.64
C LEU C 658 1.65 47.60 -31.10
N ALA C 659 0.89 46.50 -31.11
CA ALA C 659 1.40 45.21 -31.56
C ALA C 659 0.36 44.45 -32.41
N SER D 22 -34.41 -29.67 -48.92
CA SER D 22 -35.10 -30.10 -47.70
C SER D 22 -34.41 -29.59 -46.43
N ARG D 23 -33.29 -28.88 -46.60
CA ARG D 23 -32.33 -28.65 -45.51
C ARG D 23 -32.14 -27.17 -45.16
N ASP D 24 -32.26 -26.82 -43.88
CA ASP D 24 -32.24 -25.41 -43.45
C ASP D 24 -30.85 -24.75 -43.46
N LEU D 25 -30.69 -23.66 -44.21
CA LEU D 25 -29.42 -22.93 -44.25
C LEU D 25 -29.32 -21.88 -43.14
N GLN D 26 -30.45 -21.31 -42.75
CA GLN D 26 -30.48 -20.29 -41.71
C GLN D 26 -29.95 -20.88 -40.41
N ASN D 27 -30.71 -21.74 -39.74
CA ASN D 27 -30.14 -22.42 -38.59
C ASN D 27 -29.49 -23.75 -38.95
N HIS D 28 -28.17 -23.71 -39.13
CA HIS D 28 -27.36 -24.85 -39.51
C HIS D 28 -26.43 -25.15 -38.34
N LEU D 29 -25.73 -26.29 -38.43
CA LEU D 29 -24.78 -26.71 -37.40
C LEU D 29 -23.35 -26.43 -37.84
N LEU D 30 -22.45 -26.19 -36.89
CA LEU D 30 -21.04 -26.01 -37.22
C LEU D 30 -20.17 -27.10 -36.59
N PHE D 31 -19.28 -27.68 -37.39
CA PHE D 31 -18.31 -28.64 -36.86
C PHE D 31 -16.91 -28.18 -37.25
N GLU D 32 -16.15 -27.72 -36.25
CA GLU D 32 -14.82 -27.18 -36.52
C GLU D 32 -13.77 -28.18 -36.04
N THR D 33 -12.89 -28.60 -36.93
CA THR D 33 -12.00 -29.70 -36.63
C THR D 33 -10.54 -29.29 -36.79
N ALA D 34 -9.74 -29.61 -35.79
CA ALA D 34 -8.31 -29.32 -35.81
C ALA D 34 -7.58 -30.28 -34.88
N THR D 35 -6.35 -30.66 -35.23
CA THR D 35 -5.52 -31.41 -34.30
C THR D 35 -5.48 -30.73 -32.95
N GLU D 36 -5.48 -29.40 -32.96
CA GLU D 36 -5.15 -28.64 -31.78
C GLU D 36 -6.27 -28.45 -30.75
N VAL D 37 -7.50 -28.90 -31.02
CA VAL D 37 -8.60 -28.46 -30.18
C VAL D 37 -8.32 -28.42 -28.68
N ALA D 38 -8.31 -29.54 -27.96
CA ALA D 38 -7.97 -29.34 -26.54
C ALA D 38 -6.53 -29.81 -26.20
N ASN D 39 -5.58 -29.44 -27.05
CA ASN D 39 -4.15 -29.61 -26.77
C ASN D 39 -3.22 -28.64 -27.49
N ARG D 40 -2.45 -27.90 -26.68
CA ARG D 40 -1.50 -26.92 -27.17
C ARG D 40 -0.33 -27.65 -27.81
N VAL D 41 -0.31 -27.61 -29.14
CA VAL D 41 0.58 -28.41 -29.94
C VAL D 41 1.04 -27.52 -31.11
N GLY D 42 0.38 -26.37 -31.27
CA GLY D 42 0.71 -25.42 -32.32
C GLY D 42 0.07 -24.06 -32.13
N GLY D 43 0.16 -23.20 -33.14
CA GLY D 43 -0.47 -21.90 -33.03
C GLY D 43 -1.99 -21.94 -33.13
N ILE D 44 -2.50 -22.93 -33.84
CA ILE D 44 -3.93 -23.01 -34.13
C ILE D 44 -4.75 -23.12 -32.85
N TYR D 45 -4.17 -23.74 -31.84
CA TYR D 45 -4.79 -23.78 -30.53
C TYR D 45 -5.25 -22.39 -30.13
N SER D 46 -4.38 -21.42 -30.31
CA SER D 46 -4.66 -20.04 -29.89
C SER D 46 -5.81 -19.43 -30.68
N VAL D 47 -5.90 -19.80 -31.95
CA VAL D 47 -7.00 -19.30 -32.75
C VAL D 47 -8.33 -19.90 -32.25
N LEU D 48 -8.41 -21.20 -32.15
CA LEU D 48 -9.65 -21.83 -31.74
C LEU D 48 -10.05 -21.40 -30.32
N LYS D 49 -9.06 -21.15 -29.47
CA LYS D 49 -9.35 -20.71 -28.10
C LYS D 49 -9.93 -19.29 -28.09
N SER D 50 -9.29 -18.38 -28.79
CA SER D 50 -9.70 -16.97 -28.74
C SER D 50 -10.97 -16.74 -29.53
N LYS D 51 -11.18 -17.56 -30.56
CA LYS D 51 -12.33 -17.38 -31.43
C LYS D 51 -13.55 -18.06 -30.83
N ALA D 52 -13.35 -18.75 -29.71
CA ALA D 52 -14.45 -19.45 -29.08
C ALA D 52 -15.59 -18.52 -28.61
N PRO D 53 -15.29 -17.53 -27.76
CA PRO D 53 -16.41 -16.72 -27.24
C PRO D 53 -17.26 -16.09 -28.33
N ILE D 54 -16.65 -15.65 -29.43
CA ILE D 54 -17.46 -15.11 -30.53
C ILE D 54 -18.34 -16.21 -31.14
N THR D 55 -17.75 -17.34 -31.53
CA THR D 55 -18.56 -18.37 -32.19
C THR D 55 -19.62 -19.03 -31.25
N VAL D 56 -19.30 -19.18 -29.97
CA VAL D 56 -20.30 -19.74 -29.05
C VAL D 56 -21.51 -18.80 -28.91
N ALA D 57 -21.27 -17.51 -28.82
CA ALA D 57 -22.37 -16.55 -28.77
C ALA D 57 -23.29 -16.73 -29.97
N GLN D 58 -22.69 -16.83 -31.17
CA GLN D 58 -23.47 -16.97 -32.39
C GLN D 58 -24.23 -18.31 -32.54
N TYR D 59 -23.63 -19.39 -32.05
CA TYR D 59 -24.10 -20.75 -32.34
C TYR D 59 -24.67 -21.50 -31.13
N LYS D 60 -24.28 -21.10 -29.92
CA LYS D 60 -24.58 -21.86 -28.72
C LYS D 60 -24.27 -23.34 -28.90
N ASP D 61 -25.21 -24.19 -28.54
CA ASP D 61 -25.00 -25.63 -28.57
C ASP D 61 -25.16 -26.26 -29.95
N HIS D 62 -25.08 -25.43 -31.00
CA HIS D 62 -25.11 -25.90 -32.38
C HIS D 62 -23.69 -25.97 -32.92
N TYR D 63 -22.71 -25.73 -32.06
CA TYR D 63 -21.29 -25.68 -32.42
C TYR D 63 -20.50 -26.67 -31.57
N HIS D 64 -19.72 -27.53 -32.23
CA HIS D 64 -18.85 -28.47 -31.54
C HIS D 64 -17.45 -28.36 -32.15
N LEU D 65 -16.42 -28.43 -31.33
CA LEU D 65 -15.09 -28.56 -31.88
C LEU D 65 -14.77 -30.05 -31.87
N ILE D 66 -14.05 -30.53 -32.89
CA ILE D 66 -13.67 -31.95 -32.98
C ILE D 66 -12.15 -32.06 -33.05
N GLY D 67 -11.58 -32.91 -32.22
CA GLY D 67 -10.15 -33.15 -32.29
C GLY D 67 -9.80 -34.57 -31.90
N PRO D 68 -8.52 -34.92 -32.01
CA PRO D 68 -8.15 -36.24 -31.52
C PRO D 68 -7.94 -36.13 -30.01
N LEU D 69 -8.26 -37.17 -29.26
CA LEU D 69 -7.98 -37.13 -27.83
C LEU D 69 -6.48 -37.14 -27.57
N ASN D 70 -6.03 -36.30 -26.65
CA ASN D 70 -4.65 -36.40 -26.21
C ASN D 70 -4.64 -36.78 -24.74
N LYS D 71 -4.37 -38.06 -24.46
CA LYS D 71 -4.59 -38.58 -23.13
C LYS D 71 -3.69 -38.01 -22.02
N ALA D 72 -2.61 -37.35 -22.41
CA ALA D 72 -1.71 -36.77 -21.43
C ALA D 72 -2.31 -35.48 -20.83
N THR D 73 -3.02 -34.72 -21.66
CA THR D 73 -3.39 -33.36 -21.28
C THR D 73 -4.89 -33.05 -21.17
N TYR D 74 -5.73 -33.85 -21.82
CA TYR D 74 -7.16 -33.53 -21.91
C TYR D 74 -7.84 -33.33 -20.55
N GLN D 75 -7.36 -33.99 -19.52
CA GLN D 75 -7.94 -33.83 -18.18
C GLN D 75 -7.69 -32.45 -17.54
N ASN D 76 -6.70 -31.72 -18.05
CA ASN D 76 -6.47 -30.36 -17.59
C ASN D 76 -7.26 -29.35 -18.41
N GLU D 77 -7.82 -29.78 -19.53
CA GLU D 77 -8.40 -28.85 -20.49
C GLU D 77 -9.90 -28.98 -20.62
N VAL D 78 -10.41 -30.15 -20.27
CA VAL D 78 -11.80 -30.47 -20.57
C VAL D 78 -12.59 -30.81 -19.32
N ASP D 79 -13.74 -30.16 -19.17
CA ASP D 79 -14.74 -30.59 -18.22
C ASP D 79 -15.55 -31.67 -18.92
N ILE D 80 -15.30 -32.93 -18.58
CA ILE D 80 -15.88 -34.05 -19.31
C ILE D 80 -17.34 -34.38 -18.93
N LEU D 81 -18.21 -34.39 -19.93
CA LEU D 81 -19.66 -34.59 -19.71
C LEU D 81 -20.18 -36.00 -19.87
N ASP D 82 -21.41 -36.21 -19.41
CA ASP D 82 -22.11 -37.46 -19.66
C ASP D 82 -23.06 -37.30 -20.84
N TRP D 83 -22.56 -37.52 -22.04
CA TRP D 83 -23.34 -37.24 -23.22
C TRP D 83 -24.54 -38.17 -23.32
N LYS D 84 -24.51 -39.25 -22.54
CA LYS D 84 -25.55 -40.29 -22.60
C LYS D 84 -26.86 -39.87 -21.94
N LYS D 85 -26.78 -38.98 -20.96
CA LYS D 85 -27.99 -38.47 -20.30
C LYS D 85 -28.88 -37.78 -21.31
N PRO D 86 -30.19 -37.82 -21.08
CA PRO D 86 -31.08 -37.07 -21.98
C PRO D 86 -30.87 -35.54 -21.96
N GLU D 87 -30.56 -34.95 -20.81
CA GLU D 87 -30.41 -33.50 -20.68
C GLU D 87 -29.19 -32.92 -21.42
N ALA D 88 -28.34 -33.82 -21.94
CA ALA D 88 -27.06 -33.45 -22.53
C ALA D 88 -27.18 -32.76 -23.90
N PHE D 89 -28.28 -33.02 -24.59
CA PHE D 89 -28.58 -32.36 -25.85
C PHE D 89 -30.01 -31.89 -25.83
N SER D 90 -30.31 -30.79 -26.50
CA SER D 90 -31.68 -30.38 -26.76
C SER D 90 -32.36 -31.40 -27.69
N ASP D 91 -33.68 -31.33 -27.83
CA ASP D 91 -34.36 -32.19 -28.81
C ASP D 91 -33.83 -31.97 -30.22
N GLU D 92 -33.73 -30.71 -30.62
CA GLU D 92 -33.27 -30.32 -31.94
C GLU D 92 -31.90 -30.92 -32.28
N MET D 93 -31.08 -31.05 -31.24
CA MET D 93 -29.72 -31.55 -31.38
C MET D 93 -29.55 -33.07 -31.21
N ARG D 94 -30.66 -33.78 -30.94
CA ARG D 94 -30.61 -35.22 -30.72
C ARG D 94 -29.78 -35.89 -31.79
N PRO D 95 -29.98 -35.52 -33.06
CA PRO D 95 -29.21 -36.24 -34.09
C PRO D 95 -27.73 -36.41 -33.71
N VAL D 96 -27.04 -35.36 -33.29
CA VAL D 96 -25.66 -35.48 -32.82
C VAL D 96 -25.50 -36.55 -31.71
N GLN D 97 -26.44 -36.58 -30.76
CA GLN D 97 -26.36 -37.54 -29.67
C GLN D 97 -26.42 -38.96 -30.18
N HIS D 98 -27.33 -39.21 -31.11
CA HIS D 98 -27.46 -40.53 -31.68
C HIS D 98 -26.28 -40.87 -32.57
N ALA D 99 -25.68 -39.88 -33.22
CA ALA D 99 -24.48 -40.15 -33.99
C ALA D 99 -23.40 -40.72 -33.08
N LEU D 100 -23.15 -40.04 -31.97
CA LEU D 100 -22.20 -40.49 -30.98
C LEU D 100 -22.60 -41.84 -30.43
N GLN D 101 -23.89 -42.00 -30.14
CA GLN D 101 -24.39 -43.29 -29.73
C GLN D 101 -23.89 -44.38 -30.69
N THR D 102 -24.18 -44.19 -31.97
CA THR D 102 -23.74 -45.07 -33.04
C THR D 102 -22.21 -45.26 -33.04
N MET D 103 -21.45 -44.17 -33.12
CA MET D 103 -19.99 -44.25 -33.07
C MET D 103 -19.58 -45.28 -32.01
N GLU D 104 -20.27 -45.28 -30.87
CA GLU D 104 -19.85 -46.15 -29.78
C GLU D 104 -20.24 -47.64 -29.92
N SER D 105 -21.30 -47.95 -30.67
CA SER D 105 -21.61 -49.35 -30.98
C SER D 105 -20.44 -49.95 -31.73
N ARG D 106 -19.86 -49.14 -32.60
CA ARG D 106 -18.85 -49.57 -33.53
C ARG D 106 -17.50 -49.70 -32.85
N GLY D 107 -17.45 -49.33 -31.57
CA GLY D 107 -16.21 -49.34 -30.83
C GLY D 107 -15.35 -48.09 -30.99
N VAL D 108 -15.95 -46.99 -31.44
CA VAL D 108 -15.26 -45.71 -31.47
C VAL D 108 -15.40 -45.02 -30.12
N HIS D 109 -14.29 -44.78 -29.45
CA HIS D 109 -14.29 -44.14 -28.15
C HIS D 109 -14.07 -42.63 -28.23
N PHE D 110 -14.48 -41.90 -27.21
CA PHE D 110 -14.34 -40.46 -27.25
C PHE D 110 -14.67 -39.77 -25.93
N VAL D 111 -14.19 -38.55 -25.80
CA VAL D 111 -14.64 -37.72 -24.70
C VAL D 111 -15.58 -36.69 -25.30
N TYR D 112 -16.72 -36.53 -24.65
CA TYR D 112 -17.59 -35.41 -24.91
C TYR D 112 -17.46 -34.51 -23.70
N GLY D 113 -17.38 -33.21 -23.93
CA GLY D 113 -17.31 -32.31 -22.78
C GLY D 113 -17.18 -30.85 -23.14
N ARG D 114 -16.76 -30.07 -22.16
CA ARG D 114 -16.63 -28.64 -22.32
C ARG D 114 -15.16 -28.28 -22.28
N TRP D 115 -14.75 -27.44 -23.22
CA TRP D 115 -13.40 -26.91 -23.25
C TRP D 115 -13.23 -25.73 -22.24
N LEU D 116 -12.37 -25.93 -21.25
CA LEU D 116 -12.32 -25.01 -20.11
C LEU D 116 -11.64 -23.69 -20.47
N ILE D 117 -12.26 -22.94 -21.37
CA ILE D 117 -11.75 -21.66 -21.82
C ILE D 117 -12.91 -20.70 -21.97
N GLU D 118 -12.69 -19.40 -21.83
CA GLU D 118 -13.80 -18.48 -21.96
C GLU D 118 -14.54 -18.84 -23.23
N GLY D 119 -15.85 -19.03 -23.10
CA GLY D 119 -16.69 -19.48 -24.19
C GLY D 119 -17.31 -20.82 -23.85
N ALA D 120 -16.46 -21.72 -23.36
CA ALA D 120 -16.82 -23.07 -22.95
C ALA D 120 -17.56 -23.84 -24.05
N PRO D 121 -17.00 -23.82 -25.26
CA PRO D 121 -17.55 -24.56 -26.40
C PRO D 121 -17.56 -26.04 -26.09
N LYS D 122 -18.55 -26.74 -26.63
CA LYS D 122 -18.61 -28.17 -26.41
C LYS D 122 -17.66 -28.83 -27.39
N VAL D 123 -16.94 -29.84 -26.92
CA VAL D 123 -15.98 -30.55 -27.77
C VAL D 123 -16.25 -32.04 -27.84
N ILE D 124 -15.91 -32.62 -28.98
CA ILE D 124 -15.89 -34.08 -29.13
C ILE D 124 -14.46 -34.50 -29.47
N LEU D 125 -13.83 -35.26 -28.58
CA LEU D 125 -12.45 -35.69 -28.77
C LEU D 125 -12.39 -37.20 -29.04
N PHE D 126 -12.03 -37.58 -30.26
CA PHE D 126 -11.98 -39.00 -30.64
C PHE D 126 -10.70 -39.73 -30.24
N ASP D 127 -10.87 -40.85 -29.56
CA ASP D 127 -9.75 -41.63 -29.06
C ASP D 127 -9.17 -42.52 -30.16
N LEU D 128 -8.16 -42.03 -30.86
CA LEU D 128 -7.66 -42.77 -32.00
C LEU D 128 -7.21 -44.17 -31.66
N ASP D 129 -6.85 -44.41 -30.40
CA ASP D 129 -6.45 -45.74 -29.95
C ASP D 129 -7.53 -46.75 -30.27
N SER D 130 -8.77 -46.28 -30.25
CA SER D 130 -9.92 -47.17 -30.30
C SER D 130 -10.27 -47.51 -31.73
N VAL D 131 -9.49 -46.99 -32.66
CA VAL D 131 -9.84 -47.15 -34.07
C VAL D 131 -8.61 -47.56 -34.87
N ARG D 132 -7.48 -47.64 -34.17
CA ARG D 132 -6.19 -47.92 -34.80
C ARG D 132 -6.10 -49.33 -35.42
N GLY D 133 -7.03 -50.20 -35.05
CA GLY D 133 -7.12 -51.50 -35.70
C GLY D 133 -7.43 -51.36 -37.17
N TYR D 134 -8.20 -50.34 -37.51
CA TYR D 134 -8.61 -50.08 -38.89
C TYR D 134 -7.48 -49.47 -39.72
N SER D 135 -6.32 -49.30 -39.09
CA SER D 135 -5.23 -48.56 -39.70
C SER D 135 -4.87 -49.05 -41.11
N ASN D 136 -4.53 -50.33 -41.24
CA ASN D 136 -4.19 -50.89 -42.55
C ASN D 136 -5.34 -50.78 -43.57
N GLU D 137 -6.58 -51.04 -43.14
CA GLU D 137 -7.72 -50.94 -44.06
C GLU D 137 -7.83 -49.54 -44.64
N TRP D 138 -7.93 -48.56 -43.74
CA TRP D 138 -8.10 -47.16 -44.13
C TRP D 138 -6.93 -46.60 -44.95
N LYS D 139 -5.70 -46.97 -44.60
CA LYS D 139 -4.54 -46.52 -45.35
C LYS D 139 -4.69 -46.91 -46.82
N GLY D 140 -5.07 -48.16 -47.05
CA GLY D 140 -5.22 -48.69 -48.40
C GLY D 140 -6.39 -48.13 -49.17
N ASP D 141 -7.53 -47.96 -48.51
CA ASP D 141 -8.63 -47.22 -49.10
C ASP D 141 -8.14 -45.86 -49.56
N LEU D 142 -7.55 -45.11 -48.65
CA LEU D 142 -7.08 -43.77 -48.94
C LEU D 142 -6.17 -43.72 -50.16
N TRP D 143 -5.35 -44.75 -50.36
CA TRP D 143 -4.42 -44.78 -51.49
C TRP D 143 -5.10 -45.01 -52.83
N SER D 144 -6.07 -45.91 -52.86
CA SER D 144 -6.77 -46.19 -54.11
C SER D 144 -7.92 -45.21 -54.37
N LEU D 145 -8.11 -44.25 -53.47
CA LEU D 145 -9.17 -43.26 -53.62
C LEU D 145 -8.65 -41.90 -54.08
N VAL D 146 -7.54 -41.46 -53.49
CA VAL D 146 -7.01 -40.13 -53.77
C VAL D 146 -5.57 -40.23 -54.23
N GLY D 147 -4.94 -41.35 -53.92
CA GLY D 147 -3.56 -41.55 -54.30
C GLY D 147 -2.62 -40.96 -53.29
N ILE D 148 -3.00 -41.09 -52.01
CA ILE D 148 -2.14 -40.65 -50.93
C ILE D 148 -1.38 -41.80 -50.24
N PRO D 149 -0.06 -41.82 -50.39
CA PRO D 149 0.84 -42.78 -49.74
C PRO D 149 0.86 -42.57 -48.23
N SER D 150 1.49 -43.47 -47.50
CA SER D 150 1.54 -43.31 -46.07
C SER D 150 2.60 -44.20 -45.47
N PRO D 151 3.87 -43.76 -45.56
CA PRO D 151 4.92 -44.57 -44.93
C PRO D 151 4.47 -44.87 -43.52
N GLU D 152 4.85 -46.02 -43.01
CA GLU D 152 4.43 -46.42 -41.68
C GLU D 152 5.31 -45.83 -40.58
N ASN D 153 6.34 -45.07 -40.94
CA ASN D 153 7.24 -44.49 -39.93
C ASN D 153 6.87 -43.06 -39.58
N ASP D 154 5.76 -42.60 -40.16
CA ASP D 154 5.32 -41.23 -40.01
C ASP D 154 4.11 -41.13 -39.09
N PHE D 155 4.35 -41.29 -37.79
CA PHE D 155 3.28 -41.30 -36.79
C PHE D 155 2.27 -40.14 -36.90
N GLU D 156 2.71 -38.99 -37.37
CA GLU D 156 1.81 -37.85 -37.52
C GLU D 156 0.75 -38.06 -38.60
N THR D 157 1.10 -38.71 -39.70
CA THR D 157 0.11 -38.95 -40.75
C THR D 157 -0.67 -40.24 -40.54
N ASN D 158 -0.14 -41.16 -39.76
CA ASN D 158 -0.92 -42.31 -39.38
C ASN D 158 -2.13 -41.77 -38.62
N ASP D 159 -1.87 -40.84 -37.72
CA ASP D 159 -2.92 -40.24 -36.90
C ASP D 159 -3.83 -39.34 -37.70
N ALA D 160 -3.28 -38.67 -38.69
CA ALA D 160 -4.07 -37.80 -39.54
C ALA D 160 -5.12 -38.62 -40.28
N ILE D 161 -4.73 -39.81 -40.71
CA ILE D 161 -5.63 -40.74 -41.38
C ILE D 161 -6.68 -41.34 -40.43
N LEU D 162 -6.24 -41.82 -39.29
CA LEU D 162 -7.20 -42.29 -38.30
C LEU D 162 -8.22 -41.21 -38.00
N LEU D 163 -7.74 -40.00 -37.72
CA LEU D 163 -8.62 -38.87 -37.42
C LEU D 163 -9.60 -38.57 -38.56
N GLY D 164 -9.06 -38.40 -39.76
CA GLY D 164 -9.85 -38.15 -40.94
C GLY D 164 -10.96 -39.16 -41.16
N TYR D 165 -10.62 -40.45 -41.14
CA TYR D 165 -11.64 -41.48 -41.33
C TYR D 165 -12.71 -41.46 -40.23
N THR D 166 -12.32 -41.20 -39.00
CA THR D 166 -13.32 -41.14 -37.93
C THR D 166 -14.25 -39.94 -38.09
N VAL D 167 -13.67 -38.77 -38.37
CA VAL D 167 -14.43 -37.53 -38.48
C VAL D 167 -15.43 -37.59 -39.64
N ALA D 168 -15.00 -38.16 -40.76
CA ALA D 168 -15.90 -38.39 -41.89
C ALA D 168 -17.01 -39.37 -41.53
N TRP D 169 -16.63 -40.50 -40.96
CA TRP D 169 -17.56 -41.45 -40.36
C TRP D 169 -18.60 -40.78 -39.47
N PHE D 170 -18.15 -39.89 -38.57
CA PHE D 170 -19.05 -39.15 -37.68
C PHE D 170 -19.96 -38.19 -38.45
N LEU D 171 -19.39 -37.44 -39.38
CA LEU D 171 -20.16 -36.50 -40.16
C LEU D 171 -21.23 -37.20 -41.01
N GLY D 172 -20.83 -38.31 -41.64
CA GLY D 172 -21.77 -39.18 -42.32
C GLY D 172 -22.94 -39.49 -41.43
N GLU D 173 -22.66 -39.95 -40.22
CA GLU D 173 -23.73 -40.26 -39.29
C GLU D 173 -24.61 -39.05 -38.98
N VAL D 174 -24.01 -37.90 -38.68
CA VAL D 174 -24.79 -36.71 -38.37
C VAL D 174 -25.63 -36.33 -39.58
N ALA D 175 -25.09 -36.47 -40.78
CA ALA D 175 -25.83 -36.16 -41.98
C ALA D 175 -27.03 -37.08 -42.11
N HIS D 176 -26.80 -38.37 -41.90
CA HIS D 176 -27.83 -39.40 -41.97
C HIS D 176 -28.95 -39.24 -40.94
N LEU D 177 -28.61 -38.87 -39.72
CA LEU D 177 -29.58 -38.81 -38.64
C LEU D 177 -30.34 -37.49 -38.59
N ASP D 178 -29.78 -36.46 -39.22
CA ASP D 178 -30.33 -35.12 -39.09
C ASP D 178 -30.88 -34.57 -40.40
N SER D 179 -32.20 -34.66 -40.54
CA SER D 179 -32.89 -34.09 -41.70
C SER D 179 -33.15 -32.57 -41.59
N GLN D 180 -33.07 -32.02 -40.38
CA GLN D 180 -33.36 -30.60 -40.17
C GLN D 180 -32.31 -29.63 -40.72
N HIS D 181 -31.12 -29.64 -40.12
CA HIS D 181 -30.13 -28.62 -40.41
C HIS D 181 -29.22 -28.92 -41.58
N ALA D 182 -28.74 -27.86 -42.24
CA ALA D 182 -27.56 -27.98 -43.08
C ALA D 182 -26.36 -28.05 -42.13
N ILE D 183 -25.30 -28.70 -42.58
CA ILE D 183 -24.15 -28.96 -41.72
C ILE D 183 -22.87 -28.37 -42.31
N VAL D 184 -22.29 -27.40 -41.61
CA VAL D 184 -21.01 -26.83 -42.00
C VAL D 184 -19.88 -27.58 -41.29
N ALA D 185 -18.84 -27.94 -42.05
CA ALA D 185 -17.71 -28.68 -41.48
C ALA D 185 -16.39 -28.04 -41.84
N HIS D 186 -15.84 -27.27 -40.91
CA HIS D 186 -14.62 -26.47 -41.09
C HIS D 186 -13.43 -27.26 -40.53
N PHE D 187 -12.36 -27.40 -41.32
CA PHE D 187 -11.15 -28.14 -40.94
C PHE D 187 -9.93 -27.22 -41.00
N HIS D 188 -9.01 -27.34 -40.03
CA HIS D 188 -7.84 -26.46 -39.96
C HIS D 188 -6.55 -27.24 -40.07
N GLU D 189 -5.78 -26.96 -41.11
CA GLU D 189 -4.47 -27.58 -41.29
C GLU D 189 -4.51 -29.04 -41.79
N TRP D 190 -3.48 -29.42 -42.54
CA TRP D 190 -3.47 -30.71 -43.22
C TRP D 190 -3.66 -31.88 -42.27
N LEU D 191 -3.15 -31.77 -41.04
CA LEU D 191 -3.29 -32.86 -40.09
C LEU D 191 -4.77 -33.16 -39.81
N ALA D 192 -5.62 -32.15 -39.95
CA ALA D 192 -7.06 -32.35 -39.84
C ALA D 192 -7.78 -32.36 -41.20
N GLY D 193 -7.07 -32.68 -42.27
CA GLY D 193 -7.65 -32.50 -43.60
C GLY D 193 -8.09 -33.75 -44.31
N VAL D 194 -7.80 -34.91 -43.72
CA VAL D 194 -8.02 -36.14 -44.43
C VAL D 194 -9.50 -36.42 -44.62
N ALA D 195 -10.33 -35.94 -43.72
CA ALA D 195 -11.75 -36.17 -43.88
C ALA D 195 -12.33 -35.49 -45.13
N LEU D 196 -11.63 -34.49 -45.64
CA LEU D 196 -12.13 -33.69 -46.76
C LEU D 196 -12.24 -34.43 -48.08
N PRO D 197 -11.18 -35.12 -48.50
CA PRO D 197 -11.27 -35.93 -49.73
C PRO D 197 -12.36 -37.00 -49.60
N LEU D 198 -12.38 -37.71 -48.48
CA LEU D 198 -13.39 -38.73 -48.23
C LEU D 198 -14.76 -38.09 -48.34
N CYS D 199 -14.93 -36.96 -47.66
CA CYS D 199 -16.19 -36.22 -47.66
C CYS D 199 -16.76 -35.95 -49.05
N ARG D 200 -15.90 -35.50 -49.96
CA ARG D 200 -16.32 -35.18 -51.32
C ARG D 200 -16.65 -36.44 -52.12
N LYS D 201 -15.79 -37.44 -52.01
CA LYS D 201 -15.89 -38.63 -52.81
C LYS D 201 -17.12 -39.41 -52.37
N ARG D 202 -17.22 -39.66 -51.08
CA ARG D 202 -18.37 -40.39 -50.56
C ARG D 202 -19.66 -39.60 -50.73
N ARG D 203 -19.54 -38.36 -51.18
CA ARG D 203 -20.70 -37.50 -51.43
C ARG D 203 -21.54 -37.27 -50.16
N ILE D 204 -20.89 -37.06 -49.01
CA ILE D 204 -21.57 -36.77 -47.74
C ILE D 204 -22.29 -35.46 -47.83
N ASP D 205 -23.49 -35.40 -47.28
CA ASP D 205 -24.30 -34.20 -47.38
C ASP D 205 -23.86 -33.15 -46.35
N VAL D 206 -22.69 -32.58 -46.57
CA VAL D 206 -22.16 -31.52 -45.73
C VAL D 206 -21.39 -30.54 -46.61
N VAL D 207 -21.41 -29.25 -46.25
CA VAL D 207 -20.54 -28.29 -46.92
C VAL D 207 -19.24 -28.01 -46.12
N THR D 208 -18.12 -27.99 -46.84
CA THR D 208 -16.82 -28.09 -46.19
C THR D 208 -15.84 -26.93 -46.45
N ILE D 209 -15.17 -26.50 -45.38
CA ILE D 209 -14.19 -25.43 -45.47
C ILE D 209 -12.83 -25.98 -45.07
N PHE D 210 -11.78 -25.55 -45.79
CA PHE D 210 -10.42 -25.88 -45.40
C PHE D 210 -9.61 -24.60 -45.32
N THR D 211 -9.05 -24.35 -44.14
CA THR D 211 -8.18 -23.22 -43.88
C THR D 211 -6.79 -23.75 -43.59
N THR D 212 -5.80 -23.26 -44.33
CA THR D 212 -4.41 -23.58 -44.01
C THR D 212 -3.74 -22.34 -43.40
N HIS D 213 -2.95 -22.55 -42.36
CA HIS D 213 -2.34 -21.45 -41.61
C HIS D 213 -0.85 -21.38 -41.91
N ALA D 214 -0.47 -21.97 -43.02
CA ALA D 214 0.92 -22.13 -43.44
C ALA D 214 0.87 -23.16 -44.56
N THR D 215 1.92 -23.26 -45.37
CA THR D 215 2.00 -24.38 -46.28
C THR D 215 3.23 -25.20 -45.95
N LEU D 216 3.19 -26.47 -46.31
CA LEU D 216 4.23 -27.40 -45.93
C LEU D 216 5.50 -27.12 -46.69
N LEU D 217 5.34 -26.86 -47.99
CA LEU D 217 6.49 -26.53 -48.81
C LEU D 217 7.03 -25.18 -48.37
N GLY D 218 6.14 -24.30 -47.94
CA GLY D 218 6.53 -23.02 -47.39
C GLY D 218 7.55 -23.18 -46.27
N ARG D 219 7.12 -23.78 -45.16
CA ARG D 219 7.97 -23.93 -43.99
C ARG D 219 9.30 -24.62 -44.35
N TYR D 220 9.27 -25.54 -45.30
CA TYR D 220 10.48 -26.30 -45.64
C TYR D 220 11.43 -25.58 -46.59
N LEU D 221 10.89 -24.97 -47.63
CA LEU D 221 11.74 -24.23 -48.56
C LEU D 221 12.51 -23.18 -47.78
N CYS D 222 11.82 -22.53 -46.85
CA CYS D 222 12.39 -21.41 -46.10
C CYS D 222 13.29 -21.77 -44.93
N ALA D 223 13.49 -23.05 -44.67
CA ALA D 223 14.26 -23.48 -43.51
C ALA D 223 15.75 -23.17 -43.60
N SER D 224 16.22 -22.75 -44.77
CA SER D 224 17.64 -22.42 -44.97
C SER D 224 17.93 -20.93 -45.25
N GLY D 225 17.67 -20.48 -46.48
CA GLY D 225 17.92 -19.11 -46.88
C GLY D 225 18.64 -18.99 -48.22
N ASP D 228 15.98 -18.30 -51.22
CA ASP D 228 15.11 -17.29 -51.83
C ASP D 228 13.75 -17.92 -52.09
N PHE D 229 12.70 -17.14 -51.90
CA PHE D 229 11.35 -17.69 -51.82
C PHE D 229 10.32 -16.86 -52.57
N TYR D 230 9.94 -15.73 -51.99
CA TYR D 230 8.86 -14.91 -52.54
C TYR D 230 9.07 -14.51 -54.01
N ASN D 231 10.24 -14.84 -54.54
CA ASN D 231 10.64 -14.46 -55.90
C ASN D 231 10.53 -15.61 -56.90
N CYS D 232 10.82 -16.81 -56.43
CA CYS D 232 10.89 -17.95 -57.30
C CYS D 232 10.14 -19.17 -56.73
N LEU D 233 8.95 -18.94 -56.18
CA LEU D 233 8.08 -20.06 -55.81
C LEU D 233 7.10 -20.30 -56.94
N GLU D 234 6.80 -19.24 -57.69
CA GLU D 234 5.98 -19.34 -58.88
C GLU D 234 6.65 -20.29 -59.88
N SER D 235 7.90 -20.68 -59.60
CA SER D 235 8.69 -21.44 -60.57
C SER D 235 9.26 -22.74 -60.05
N VAL D 236 8.70 -23.27 -58.98
CA VAL D 236 9.23 -24.52 -58.41
C VAL D 236 8.31 -25.73 -58.65
N ASP D 237 8.94 -26.88 -58.90
CA ASP D 237 8.20 -28.12 -59.12
C ASP D 237 7.75 -28.73 -57.79
N VAL D 238 6.46 -28.55 -57.47
CA VAL D 238 5.93 -29.04 -56.20
C VAL D 238 6.28 -30.50 -55.93
N ASP D 239 5.87 -31.40 -56.80
CA ASP D 239 6.14 -32.82 -56.59
C ASP D 239 7.64 -33.06 -56.29
N HIS D 240 8.50 -32.53 -57.15
CA HIS D 240 9.93 -32.80 -56.99
C HIS D 240 10.44 -32.32 -55.66
N GLU D 241 10.10 -31.07 -55.31
CA GLU D 241 10.59 -30.49 -54.06
C GLU D 241 10.07 -31.26 -52.84
N ALA D 242 8.76 -31.48 -52.78
CA ALA D 242 8.20 -32.31 -51.73
C ALA D 242 8.94 -33.65 -51.63
N GLY D 243 9.15 -34.30 -52.77
CA GLY D 243 9.90 -35.53 -52.79
C GLY D 243 11.28 -35.40 -52.15
N ARG D 244 11.91 -34.25 -52.35
CA ARG D 244 13.27 -34.02 -51.88
C ARG D 244 13.34 -33.81 -50.36
N PHE D 245 12.29 -33.22 -49.77
CA PHE D 245 12.25 -32.97 -48.32
C PHE D 245 11.70 -34.17 -47.57
N GLY D 246 11.20 -35.15 -48.31
CA GLY D 246 10.61 -36.35 -47.73
C GLY D 246 9.20 -36.13 -47.26
N ILE D 247 8.49 -35.23 -47.93
CA ILE D 247 7.24 -34.70 -47.45
C ILE D 247 6.08 -35.01 -48.39
N TYR D 248 6.36 -35.73 -49.47
CA TYR D 248 5.35 -35.98 -50.50
C TYR D 248 3.97 -36.39 -49.98
N HIS D 249 3.94 -37.36 -49.07
CA HIS D 249 2.65 -37.90 -48.61
C HIS D 249 1.88 -36.87 -47.81
N ARG D 250 2.58 -36.14 -46.94
CA ARG D 250 1.97 -35.04 -46.21
C ARG D 250 1.51 -33.97 -47.18
N TYR D 251 2.38 -33.64 -48.15
CA TYR D 251 2.04 -32.65 -49.16
C TYR D 251 0.78 -33.06 -49.90
N CYS D 252 0.62 -34.35 -50.16
CA CYS D 252 -0.58 -34.85 -50.82
C CYS D 252 -1.83 -34.63 -49.96
N ILE D 253 -1.77 -35.01 -48.70
CA ILE D 253 -2.88 -34.75 -47.82
C ILE D 253 -3.30 -33.29 -47.86
N GLU D 254 -2.32 -32.39 -47.81
CA GLU D 254 -2.61 -30.95 -47.83
C GLU D 254 -3.24 -30.49 -49.14
N ARG D 255 -2.72 -30.98 -50.26
CA ARG D 255 -3.26 -30.65 -51.58
C ARG D 255 -4.67 -31.23 -51.74
N ALA D 256 -4.83 -32.48 -51.34
CA ALA D 256 -6.13 -33.12 -51.40
C ALA D 256 -7.13 -32.29 -50.64
N ALA D 257 -6.70 -31.77 -49.49
CA ALA D 257 -7.61 -31.02 -48.63
C ALA D 257 -8.02 -29.71 -49.29
N ALA D 258 -7.08 -29.06 -49.95
CA ALA D 258 -7.39 -27.78 -50.57
C ALA D 258 -8.40 -27.95 -51.70
N HIS D 259 -8.22 -29.01 -52.46
CA HIS D 259 -9.05 -29.27 -53.63
C HIS D 259 -10.43 -29.83 -53.29
N SER D 260 -10.50 -30.69 -52.29
CA SER D 260 -11.75 -31.38 -51.96
C SER D 260 -12.68 -30.53 -51.14
N ALA D 261 -12.17 -29.41 -50.66
CA ALA D 261 -12.95 -28.52 -49.84
C ALA D 261 -13.87 -27.68 -50.71
N ASP D 262 -15.09 -27.44 -50.26
CA ASP D 262 -15.97 -26.52 -50.95
C ASP D 262 -15.40 -25.12 -50.98
N VAL D 263 -14.78 -24.73 -49.87
CA VAL D 263 -14.25 -23.38 -49.71
C VAL D 263 -12.85 -23.48 -49.11
N PHE D 264 -11.84 -23.04 -49.86
CA PHE D 264 -10.44 -23.08 -49.42
C PHE D 264 -10.01 -21.68 -49.01
N THR D 265 -9.45 -21.55 -47.81
CA THR D 265 -8.93 -20.26 -47.36
C THR D 265 -7.56 -20.40 -46.69
N THR D 266 -6.86 -19.27 -46.59
CA THR D 266 -5.64 -19.18 -45.78
C THR D 266 -5.88 -18.10 -44.74
N VAL D 267 -4.96 -17.93 -43.80
CA VAL D 267 -5.17 -16.96 -42.73
C VAL D 267 -4.83 -15.54 -43.12
N SER D 268 -4.07 -15.40 -44.20
CA SER D 268 -3.54 -14.11 -44.60
C SER D 268 -3.25 -14.04 -46.09
N GLN D 269 -3.27 -12.83 -46.65
CA GLN D 269 -2.92 -12.64 -48.05
C GLN D 269 -1.58 -13.25 -48.47
N ILE D 270 -0.55 -13.04 -47.66
CA ILE D 270 0.77 -13.52 -48.07
C ILE D 270 0.75 -15.04 -48.09
N THR D 271 -0.09 -15.63 -47.25
CA THR D 271 -0.13 -17.07 -47.21
C THR D 271 -0.96 -17.60 -48.38
N ALA D 272 -1.94 -16.79 -48.80
CA ALA D 272 -2.74 -17.06 -50.00
C ALA D 272 -1.87 -17.08 -51.25
N PHE D 273 -0.89 -16.18 -51.31
CA PHE D 273 0.06 -16.16 -52.41
C PHE D 273 0.81 -17.51 -52.43
N GLU D 274 1.28 -17.95 -51.27
CA GLU D 274 1.92 -19.25 -51.13
C GLU D 274 1.04 -20.33 -51.68
N ALA D 275 -0.20 -20.31 -51.19
CA ALA D 275 -1.16 -21.38 -51.43
C ALA D 275 -1.49 -21.55 -52.91
N GLU D 276 -1.89 -20.46 -53.56
CA GLU D 276 -2.25 -20.56 -54.98
C GLU D 276 -1.18 -21.24 -55.83
N HIS D 277 0.10 -21.07 -55.50
CA HIS D 277 1.14 -21.60 -56.36
C HIS D 277 1.74 -22.91 -55.88
N LEU D 278 1.61 -23.21 -54.59
CA LEU D 278 2.20 -24.42 -54.06
C LEU D 278 1.17 -25.55 -53.91
N LEU D 279 -0.09 -25.18 -53.70
CA LEU D 279 -1.19 -26.16 -53.57
C LEU D 279 -2.07 -26.17 -54.83
N LYS D 280 -1.84 -25.20 -55.70
CA LYS D 280 -2.45 -25.16 -57.02
C LYS D 280 -3.94 -24.87 -56.96
N ARG D 281 -4.35 -24.03 -56.02
CA ARG D 281 -5.72 -23.54 -55.99
C ARG D 281 -5.83 -22.16 -55.36
N LYS D 282 -6.44 -21.23 -56.08
CA LYS D 282 -6.59 -19.89 -55.54
C LYS D 282 -7.55 -19.94 -54.36
N PRO D 283 -7.07 -19.53 -53.18
CA PRO D 283 -7.96 -19.47 -52.01
C PRO D 283 -9.14 -18.61 -52.37
N ASP D 284 -10.29 -18.84 -51.75
CA ASP D 284 -11.48 -18.07 -52.04
C ASP D 284 -11.48 -16.83 -51.18
N GLY D 285 -10.55 -16.79 -50.23
CA GLY D 285 -10.56 -15.73 -49.24
C GLY D 285 -9.59 -15.95 -48.11
N ILE D 286 -9.66 -15.03 -47.13
CA ILE D 286 -8.68 -14.88 -46.07
C ILE D 286 -9.43 -14.97 -44.76
N LEU D 287 -8.90 -15.72 -43.80
CA LEU D 287 -9.47 -15.80 -42.45
C LEU D 287 -8.49 -15.30 -41.39
N PRO D 288 -8.31 -13.97 -41.32
CA PRO D 288 -7.32 -13.33 -40.46
C PRO D 288 -7.53 -13.65 -39.00
N ASN D 289 -6.42 -13.83 -38.28
CA ASN D 289 -6.46 -14.15 -36.85
C ASN D 289 -6.69 -12.90 -36.00
N GLY D 290 -7.86 -12.80 -35.40
CA GLY D 290 -8.19 -11.68 -34.55
C GLY D 290 -7.84 -12.02 -33.12
N LEU D 291 -8.06 -11.10 -32.19
CA LEU D 291 -7.77 -11.33 -30.78
C LEU D 291 -9.01 -11.09 -29.92
N ASN D 292 -8.95 -11.52 -28.68
CA ASN D 292 -10.00 -11.22 -27.73
C ASN D 292 -9.60 -9.95 -26.99
N VAL D 293 -9.58 -8.83 -27.70
CA VAL D 293 -8.96 -7.58 -27.25
C VAL D 293 -9.19 -7.19 -25.77
N ILE D 294 -10.43 -7.33 -25.32
CA ILE D 294 -10.77 -7.17 -23.90
C ILE D 294 -9.67 -7.69 -22.98
N LYS D 295 -9.43 -8.99 -23.08
CA LYS D 295 -8.50 -9.75 -22.24
C LYS D 295 -7.05 -9.18 -22.25
N PHE D 296 -6.95 -7.88 -22.46
CA PHE D 296 -5.66 -7.18 -22.43
C PHE D 296 -5.78 -5.90 -21.60
N GLN D 297 -6.91 -5.21 -21.76
CA GLN D 297 -7.15 -3.96 -21.05
C GLN D 297 -8.24 -4.12 -19.98
N LEU D 305 0.19 3.97 -17.82
CA LEU D 305 0.53 2.54 -17.68
C LEU D 305 1.82 2.19 -18.40
N HIS D 306 2.12 2.93 -19.46
CA HIS D 306 3.42 2.83 -20.11
C HIS D 306 4.46 3.38 -19.14
N ALA D 307 4.33 4.65 -18.80
CA ALA D 307 5.22 5.32 -17.86
C ALA D 307 5.52 4.50 -16.60
N LEU D 308 4.51 3.75 -16.13
CA LEU D 308 4.67 2.97 -14.91
C LEU D 308 5.58 1.77 -15.16
N LYS D 309 5.32 1.06 -16.25
CA LYS D 309 6.14 -0.10 -16.61
C LYS D 309 7.53 0.32 -17.09
N LYS D 310 7.60 1.47 -17.74
CA LYS D 310 8.87 1.94 -18.28
C LYS D 310 9.88 2.10 -17.17
N GLU D 311 9.44 2.63 -16.04
CA GLU D 311 10.32 2.76 -14.88
C GLU D 311 10.94 1.42 -14.50
N LYS D 312 10.17 0.34 -14.61
CA LYS D 312 10.73 -0.98 -14.30
C LYS D 312 11.87 -1.36 -15.25
N ILE D 313 11.78 -0.94 -16.50
CA ILE D 313 12.84 -1.27 -17.44
C ILE D 313 14.04 -0.41 -17.10
N ASN D 314 13.77 0.81 -16.69
CA ASN D 314 14.80 1.72 -16.24
C ASN D 314 15.61 1.11 -15.09
N ASP D 315 14.91 0.46 -14.18
CA ASP D 315 15.55 -0.20 -13.05
C ASP D 315 16.55 -1.26 -13.54
N PHE D 316 16.14 -2.08 -14.50
CA PHE D 316 17.05 -3.03 -15.12
C PHE D 316 18.26 -2.31 -15.70
N VAL D 317 18.00 -1.38 -16.61
CA VAL D 317 19.05 -0.68 -17.33
C VAL D 317 20.09 -0.05 -16.42
N ARG D 318 19.67 0.52 -15.29
CA ARG D 318 20.64 1.10 -14.35
C ARG D 318 21.54 0.00 -13.82
N GLY D 319 20.92 -1.07 -13.34
CA GLY D 319 21.63 -2.22 -12.83
C GLY D 319 22.51 -2.92 -13.85
N HIS D 320 22.17 -2.81 -15.13
CA HIS D 320 22.96 -3.47 -16.18
C HIS D 320 24.10 -2.61 -16.65
N PHE D 321 23.87 -1.30 -16.74
CA PHE D 321 24.89 -0.37 -17.18
C PHE D 321 25.59 0.32 -16.01
N HIS D 322 25.46 -0.24 -14.81
CA HIS D 322 26.16 0.32 -13.65
C HIS D 322 27.65 0.50 -13.95
N GLY D 323 28.18 1.68 -13.69
CA GLY D 323 29.61 1.91 -13.88
C GLY D 323 29.95 2.66 -15.15
N CYS D 324 29.07 2.57 -16.15
CA CYS D 324 29.23 3.36 -17.37
C CYS D 324 27.90 3.86 -17.85
N PHE D 325 27.17 4.48 -16.92
CA PHE D 325 25.82 4.96 -17.19
C PHE D 325 25.87 6.43 -17.55
N ASP D 326 26.34 6.71 -18.76
CA ASP D 326 26.65 8.06 -19.20
C ASP D 326 25.64 8.63 -20.19
N PHE D 327 24.42 8.12 -20.16
CA PHE D 327 23.37 8.69 -21.00
C PHE D 327 22.12 9.05 -20.20
N ASP D 328 21.22 9.77 -20.86
CA ASP D 328 20.03 10.30 -20.21
C ASP D 328 18.79 9.43 -20.45
N LEU D 329 18.26 8.82 -19.39
CA LEU D 329 17.12 7.93 -19.54
C LEU D 329 15.87 8.60 -20.11
N ASP D 330 15.70 9.89 -19.85
CA ASP D 330 14.58 10.63 -20.42
C ASP D 330 14.85 11.00 -21.87
N ASN D 331 15.92 10.44 -22.42
CA ASN D 331 16.25 10.64 -23.82
C ASN D 331 16.65 9.33 -24.49
N THR D 332 16.33 8.23 -23.84
CA THR D 332 16.58 6.93 -24.41
C THR D 332 15.28 6.23 -24.78
N LEU D 333 15.36 5.36 -25.77
CA LEU D 333 14.20 4.68 -26.27
C LEU D 333 14.43 3.18 -26.27
N TYR D 334 13.44 2.45 -25.77
CA TYR D 334 13.52 1.00 -25.75
C TYR D 334 12.91 0.38 -27.01
N PHE D 335 13.70 -0.43 -27.72
CA PHE D 335 13.26 -1.20 -28.87
C PHE D 335 13.28 -2.68 -28.50
N PHE D 336 12.28 -3.43 -28.94
CA PHE D 336 12.35 -4.86 -28.72
C PHE D 336 11.94 -5.69 -29.93
N ILE D 337 12.56 -6.85 -30.04
CA ILE D 337 12.03 -7.91 -30.82
C ILE D 337 11.80 -9.05 -29.84
N ALA D 338 10.71 -9.79 -30.03
CA ALA D 338 10.46 -11.00 -29.26
C ALA D 338 9.81 -12.05 -30.17
N GLY D 339 9.93 -13.31 -29.76
CA GLY D 339 9.31 -14.41 -30.46
C GLY D 339 10.15 -15.67 -30.40
N ARG D 340 9.78 -16.67 -31.20
CA ARG D 340 10.51 -17.93 -31.26
C ARG D 340 11.92 -17.69 -31.79
N TYR D 341 12.90 -18.36 -31.21
CA TYR D 341 14.27 -18.18 -31.67
C TYR D 341 14.43 -18.77 -33.07
N GLU D 342 13.89 -18.07 -34.06
CA GLU D 342 14.05 -18.44 -35.47
C GLU D 342 14.89 -17.36 -36.12
N TYR D 343 16.20 -17.53 -36.06
CA TYR D 343 17.13 -16.46 -36.46
C TYR D 343 16.81 -15.81 -37.80
N LYS D 344 16.66 -16.60 -38.85
CA LYS D 344 16.35 -16.00 -40.13
C LYS D 344 14.87 -15.65 -40.28
N ASN D 345 14.00 -16.59 -39.94
CA ASN D 345 12.56 -16.44 -40.21
C ASN D 345 11.85 -15.37 -39.44
N LYS D 346 12.31 -15.07 -38.23
CA LYS D 346 11.65 -14.06 -37.43
C LYS D 346 12.39 -12.73 -37.56
N GLY D 347 13.43 -12.74 -38.38
CA GLY D 347 14.19 -11.54 -38.75
C GLY D 347 15.14 -10.92 -37.72
N ALA D 348 15.84 -11.76 -36.96
CA ALA D 348 16.76 -11.31 -35.93
C ALA D 348 18.03 -10.78 -36.56
N ASP D 349 18.51 -11.48 -37.59
CA ASP D 349 19.64 -11.00 -38.36
C ASP D 349 19.36 -9.59 -38.85
N MET D 350 18.25 -9.41 -39.57
CA MET D 350 17.87 -8.08 -40.02
C MET D 350 17.76 -7.07 -38.89
N PHE D 351 17.19 -7.48 -37.76
CA PHE D 351 17.04 -6.59 -36.61
C PHE D 351 18.42 -6.06 -36.19
N ILE D 352 19.36 -6.97 -35.96
CA ILE D 352 20.67 -6.58 -35.49
C ILE D 352 21.41 -5.75 -36.52
N GLU D 353 21.50 -6.26 -37.74
CA GLU D 353 22.18 -5.51 -38.79
C GLU D 353 21.58 -4.11 -38.89
N ALA D 354 20.27 -4.02 -39.11
CA ALA D 354 19.63 -2.72 -39.13
C ALA D 354 20.10 -1.85 -37.96
N LEU D 355 20.29 -2.47 -36.80
CA LEU D 355 20.59 -1.75 -35.56
C LEU D 355 22.00 -1.14 -35.56
N ALA D 356 22.97 -1.90 -36.07
CA ALA D 356 24.35 -1.42 -36.18
C ALA D 356 24.47 -0.34 -37.25
N ARG D 357 23.52 -0.33 -38.19
CA ARG D 357 23.44 0.74 -39.18
C ARG D 357 22.86 1.99 -38.52
N LEU D 358 21.93 1.78 -37.59
CA LEU D 358 21.30 2.90 -36.89
C LEU D 358 22.29 3.60 -35.98
N ASN D 359 23.21 2.82 -35.42
CA ASN D 359 24.32 3.31 -34.62
C ASN D 359 25.07 4.36 -35.41
N TYR D 360 25.73 3.92 -36.48
CA TYR D 360 26.40 4.79 -37.43
C TYR D 360 25.63 6.11 -37.62
N ARG D 361 24.44 6.01 -38.18
CA ARG D 361 23.64 7.19 -38.49
C ARG D 361 23.40 8.10 -37.29
N LEU D 362 23.51 7.55 -36.09
CA LEU D 362 23.32 8.34 -34.88
C LEU D 362 24.64 8.95 -34.39
N LYS D 363 25.72 8.19 -34.60
CA LYS D 363 27.06 8.69 -34.33
C LYS D 363 27.37 9.85 -35.30
N VAL D 364 27.24 9.57 -36.60
CA VAL D 364 27.60 10.52 -37.65
C VAL D 364 26.78 11.81 -37.62
N SER D 365 25.49 11.71 -37.35
CA SER D 365 24.66 12.92 -37.25
C SER D 365 24.83 13.51 -35.88
N GLY D 366 25.78 12.95 -35.14
CA GLY D 366 26.01 13.34 -33.76
C GLY D 366 24.72 13.50 -32.98
N SER D 367 23.95 12.42 -32.87
CA SER D 367 22.68 12.48 -32.16
C SER D 367 22.88 12.47 -30.66
N LYS D 368 21.87 12.96 -29.94
CA LYS D 368 21.89 13.07 -28.49
C LYS D 368 21.12 11.91 -27.85
N LYS D 369 20.19 11.33 -28.60
CA LYS D 369 19.36 10.22 -28.10
C LYS D 369 20.11 8.90 -28.01
N THR D 370 19.60 8.00 -27.18
CA THR D 370 20.18 6.67 -27.06
C THR D 370 19.08 5.64 -27.26
N VAL D 371 19.34 4.62 -28.07
CA VAL D 371 18.42 3.49 -28.16
C VAL D 371 18.98 2.26 -27.46
N VAL D 372 18.19 1.67 -26.56
CA VAL D 372 18.52 0.34 -26.07
C VAL D 372 17.56 -0.67 -26.67
N ALA D 373 18.12 -1.70 -27.31
CA ALA D 373 17.34 -2.69 -28.04
C ALA D 373 17.41 -4.02 -27.33
N PHE D 374 16.25 -4.56 -26.97
CA PHE D 374 16.19 -5.88 -26.34
C PHE D 374 15.89 -7.00 -27.36
N ILE D 375 16.66 -8.08 -27.31
CA ILE D 375 16.25 -9.29 -28.02
C ILE D 375 15.76 -10.33 -27.02
N VAL D 376 14.46 -10.62 -27.06
CA VAL D 376 13.85 -11.57 -26.15
C VAL D 376 13.49 -12.84 -26.91
N MET D 377 14.43 -13.78 -27.01
CA MET D 377 14.22 -15.03 -27.76
C MET D 377 14.77 -16.25 -27.02
N PRO D 378 13.90 -17.00 -26.33
CA PRO D 378 14.30 -18.20 -25.59
C PRO D 378 15.32 -19.06 -26.32
N ALA D 379 16.42 -19.37 -25.64
CA ALA D 379 17.46 -20.24 -26.16
C ALA D 379 17.98 -21.07 -25.01
N LYS D 380 18.70 -22.15 -25.31
CA LYS D 380 19.28 -23.00 -24.26
C LYS D 380 20.30 -22.21 -23.43
N ASN D 381 20.12 -22.19 -22.11
CA ASN D 381 21.00 -21.46 -21.20
C ASN D 381 21.07 -22.10 -19.81
N ASN D 382 21.95 -21.55 -18.96
CA ASN D 382 22.04 -21.93 -17.54
C ASN D 382 21.78 -20.73 -16.64
N SER D 383 20.56 -20.20 -16.70
CA SER D 383 20.17 -19.01 -15.95
C SER D 383 21.14 -17.81 -16.12
N PHE D 384 20.94 -16.79 -15.29
CA PHE D 384 21.62 -15.51 -15.45
C PHE D 384 23.10 -15.64 -15.19
N THR D 385 23.87 -14.70 -15.75
CA THR D 385 25.30 -14.62 -15.47
C THR D 385 25.61 -13.96 -14.11
N VAL D 386 26.55 -14.56 -13.38
CA VAL D 386 27.08 -13.99 -12.15
C VAL D 386 27.22 -12.46 -12.22
N GLU D 387 27.64 -11.96 -13.37
CA GLU D 387 27.90 -10.54 -13.54
C GLU D 387 26.62 -9.70 -13.66
N ALA D 388 25.70 -10.09 -14.52
CA ALA D 388 24.44 -9.36 -14.58
C ALA D 388 23.72 -9.43 -13.22
N LEU D 389 23.75 -10.59 -12.59
CA LEU D 389 23.13 -10.76 -11.28
C LEU D 389 23.71 -9.79 -10.26
N LYS D 390 25.00 -9.48 -10.42
CA LYS D 390 25.73 -8.68 -9.46
C LYS D 390 25.49 -7.20 -9.71
N GLY D 391 25.45 -6.82 -10.97
CA GLY D 391 25.06 -5.46 -11.32
C GLY D 391 23.72 -5.06 -10.73
N GLN D 392 22.72 -5.92 -10.84
CA GLN D 392 21.41 -5.56 -10.34
C GLN D 392 21.46 -5.49 -8.83
N ALA D 393 22.06 -6.51 -8.23
CA ALA D 393 22.14 -6.63 -6.78
C ALA D 393 22.70 -5.37 -6.11
N GLU D 394 23.71 -4.78 -6.73
CA GLU D 394 24.38 -3.63 -6.14
C GLU D 394 23.61 -2.34 -6.39
N VAL D 395 22.97 -2.19 -7.55
CA VAL D 395 22.12 -1.03 -7.75
C VAL D 395 20.84 -1.09 -6.90
N ARG D 396 20.31 -2.29 -6.66
CA ARG D 396 19.24 -2.44 -5.68
C ARG D 396 19.73 -1.87 -4.36
N ALA D 397 20.92 -2.31 -3.94
CA ALA D 397 21.49 -1.85 -2.68
C ALA D 397 21.59 -0.32 -2.61
N LEU D 398 22.05 0.33 -3.68
CA LEU D 398 22.14 1.78 -3.68
C LEU D 398 20.76 2.37 -3.51
N GLU D 399 19.78 1.71 -4.11
CA GLU D 399 18.38 2.12 -3.96
C GLU D 399 17.97 2.12 -2.48
N ASN D 400 18.29 1.05 -1.75
CA ASN D 400 17.92 0.98 -0.33
C ASN D 400 18.66 1.97 0.56
N THR D 401 19.94 2.21 0.29
CA THR D 401 20.70 3.14 1.08
C THR D 401 20.24 4.57 0.85
N VAL D 402 19.98 4.94 -0.40
CA VAL D 402 19.48 6.27 -0.65
C VAL D 402 18.13 6.45 0.04
N HIS D 403 17.28 5.45 -0.07
CA HIS D 403 15.99 5.52 0.58
C HIS D 403 16.13 5.67 2.09
N GLU D 404 17.06 4.94 2.69
CA GLU D 404 17.30 5.05 4.13
C GLU D 404 17.86 6.42 4.49
N VAL D 405 18.84 6.88 3.72
CA VAL D 405 19.42 8.18 3.98
C VAL D 405 18.40 9.29 3.79
N THR D 406 17.62 9.28 2.72
CA THR D 406 16.69 10.38 2.51
C THR D 406 15.53 10.42 3.52
N THR D 407 15.02 9.26 3.93
CA THR D 407 13.99 9.31 4.96
C THR D 407 14.54 9.84 6.28
N SER D 408 15.83 9.64 6.55
CA SER D 408 16.46 10.23 7.73
C SER D 408 16.54 11.74 7.58
N ILE D 409 17.01 12.20 6.44
CA ILE D 409 17.06 13.61 6.15
C ILE D 409 15.70 14.24 6.42
N GLY D 410 14.66 13.55 5.96
CA GLY D 410 13.28 13.99 6.14
C GLY D 410 12.84 14.10 7.59
N LYS D 411 13.17 13.10 8.41
CA LYS D 411 12.81 13.17 9.83
C LYS D 411 13.53 14.33 10.50
N ARG D 412 14.79 14.56 10.10
CA ARG D 412 15.54 15.67 10.68
C ARG D 412 15.01 17.02 10.21
N ILE D 413 14.64 17.14 8.95
CA ILE D 413 14.07 18.39 8.47
C ILE D 413 12.77 18.62 9.21
N PHE D 414 12.00 17.56 9.40
CA PHE D 414 10.67 17.69 10.02
C PHE D 414 10.74 18.00 11.49
N ASP D 415 11.70 17.43 12.20
CA ASP D 415 11.85 17.74 13.62
C ASP D 415 12.27 19.18 13.80
N HIS D 416 13.30 19.59 13.06
CA HIS D 416 13.76 20.96 13.13
C HIS D 416 12.57 21.89 12.90
N ALA D 417 11.70 21.53 11.95
CA ALA D 417 10.63 22.42 11.56
C ALA D 417 9.54 22.51 12.61
N ILE D 418 9.19 21.36 13.19
CA ILE D 418 8.08 21.29 14.13
C ILE D 418 8.50 21.91 15.47
N ARG D 419 9.82 21.99 15.67
CA ARG D 419 10.39 22.60 16.87
C ARG D 419 10.46 24.13 16.88
N TYR D 420 10.64 24.76 15.71
CA TYR D 420 10.82 26.20 15.64
C TYR D 420 9.81 26.84 16.58
N PRO D 421 10.27 27.78 17.44
CA PRO D 421 11.68 28.22 17.49
C PRO D 421 12.59 27.28 18.28
N GLY D 434 24.66 22.39 3.49
CA GLY D 434 25.23 22.59 4.81
C GLY D 434 25.15 21.36 5.71
N GLU D 435 25.47 20.20 5.12
CA GLU D 435 25.48 18.91 5.82
C GLU D 435 24.27 18.62 6.73
N LEU D 436 23.25 18.00 6.13
CA LEU D 436 22.12 17.40 6.83
C LEU D 436 22.33 15.89 6.93
N LEU D 437 23.37 15.43 6.25
CA LEU D 437 23.82 14.06 6.32
C LEU D 437 24.87 13.93 7.41
N LYS D 438 24.62 13.10 8.41
CA LYS D 438 25.68 12.83 9.37
C LYS D 438 26.70 11.89 8.73
N SER D 439 27.93 11.90 9.23
CA SER D 439 29.00 11.12 8.59
C SER D 439 28.70 9.60 8.53
N SER D 440 27.81 9.13 9.40
CA SER D 440 27.37 7.75 9.27
C SER D 440 26.80 7.49 7.88
N ASP D 441 25.87 8.35 7.46
CA ASP D 441 25.17 8.19 6.19
C ASP D 441 26.09 8.38 4.99
N LYS D 442 27.17 9.13 5.17
CA LYS D 442 28.12 9.32 4.09
C LYS D 442 28.95 8.08 3.86
N VAL D 443 29.30 7.41 4.95
CA VAL D 443 30.06 6.18 4.83
C VAL D 443 29.27 5.16 3.99
N MET D 444 28.04 4.83 4.42
CA MET D 444 27.27 3.84 3.68
C MET D 444 26.94 4.29 2.24
N LEU D 445 26.77 5.58 2.00
CA LEU D 445 26.57 6.08 0.63
C LEU D 445 27.81 5.86 -0.22
N LYS D 446 28.95 6.29 0.29
CA LYS D 446 30.23 6.13 -0.40
C LYS D 446 30.40 4.66 -0.80
N ARG D 447 30.25 3.76 0.16
CA ARG D 447 30.49 2.35 -0.11
C ARG D 447 29.66 1.90 -1.30
N ARG D 448 28.42 2.39 -1.35
CA ARG D 448 27.47 1.94 -2.35
C ARG D 448 27.79 2.49 -3.72
N ILE D 449 28.23 3.75 -3.78
CA ILE D 449 28.67 4.30 -5.06
C ILE D 449 29.91 3.59 -5.57
N LEU D 450 30.76 3.15 -4.64
CA LEU D 450 31.99 2.50 -5.00
C LEU D 450 31.77 1.08 -5.52
N ALA D 451 30.77 0.41 -4.99
CA ALA D 451 30.43 -0.95 -5.42
C ALA D 451 30.04 -1.00 -6.89
N LEU D 452 29.74 0.17 -7.45
CA LEU D 452 29.29 0.30 -8.83
C LEU D 452 30.41 0.44 -9.85
N ARG D 453 31.66 0.38 -9.40
CA ARG D 453 32.82 0.56 -10.26
C ARG D 453 32.95 -0.62 -11.22
N ARG D 454 33.12 -0.32 -12.51
CA ARG D 454 33.37 -1.36 -13.52
C ARG D 454 34.85 -1.74 -13.51
N PRO D 455 35.17 -3.03 -13.27
CA PRO D 455 36.57 -3.41 -13.52
C PRO D 455 37.11 -2.72 -14.78
N GLU D 456 38.42 -2.49 -14.83
CA GLU D 456 39.03 -1.72 -15.91
C GLU D 456 38.61 -2.18 -17.30
N GLY D 457 38.02 -1.27 -18.08
CA GLY D 457 37.64 -1.56 -19.46
C GLY D 457 36.72 -2.75 -19.66
N GLN D 458 35.99 -3.12 -18.60
CA GLN D 458 34.91 -4.09 -18.71
C GLN D 458 33.69 -3.34 -19.23
N LEU D 459 33.03 -3.91 -20.24
CA LEU D 459 31.88 -3.26 -20.86
C LEU D 459 30.59 -3.99 -20.49
N PRO D 460 29.48 -3.25 -20.39
CA PRO D 460 28.18 -3.86 -20.08
C PRO D 460 27.85 -4.99 -21.05
N PRO D 461 27.64 -6.22 -20.54
CA PRO D 461 27.47 -7.42 -21.36
C PRO D 461 26.37 -7.27 -22.41
N ILE D 462 26.44 -8.05 -23.48
CA ILE D 462 25.39 -8.03 -24.49
C ILE D 462 24.41 -9.16 -24.20
N VAL D 463 24.69 -9.91 -23.14
CA VAL D 463 23.84 -11.03 -22.77
C VAL D 463 23.60 -11.03 -21.27
N THR D 464 22.45 -11.59 -20.87
CA THR D 464 22.05 -11.66 -19.48
C THR D 464 22.20 -13.08 -18.94
N HIS D 465 22.53 -14.01 -19.83
CA HIS D 465 22.57 -15.42 -19.47
C HIS D 465 23.83 -16.13 -19.87
N ASN D 466 24.08 -17.23 -19.17
CA ASN D 466 25.08 -18.19 -19.60
C ASN D 466 24.52 -19.00 -20.74
N MET D 467 25.12 -18.86 -21.93
CA MET D 467 24.66 -19.61 -23.10
C MET D 467 25.21 -21.04 -23.12
N VAL D 468 24.34 -22.01 -23.35
CA VAL D 468 24.78 -23.40 -23.42
C VAL D 468 25.73 -23.61 -24.61
N ASP D 469 25.44 -22.94 -25.72
CA ASP D 469 26.23 -23.06 -26.93
C ASP D 469 26.80 -21.70 -27.28
N ASP D 470 27.57 -21.11 -26.38
CA ASP D 470 28.01 -19.72 -26.55
C ASP D 470 28.72 -19.40 -27.88
N ALA D 471 29.67 -20.23 -28.28
CA ALA D 471 30.49 -19.95 -29.47
C ALA D 471 29.68 -19.90 -30.76
N ASN D 472 28.66 -20.75 -30.86
CA ASN D 472 27.97 -20.97 -32.12
C ASN D 472 26.62 -20.28 -32.28
N ASP D 473 26.07 -19.83 -31.15
CA ASP D 473 24.80 -19.12 -31.17
C ASP D 473 24.76 -17.99 -32.22
N LEU D 474 23.70 -17.98 -33.02
CA LEU D 474 23.59 -17.09 -34.16
C LEU D 474 23.45 -15.64 -33.74
N ILE D 475 22.56 -15.37 -32.79
CA ILE D 475 22.30 -14.01 -32.32
C ILE D 475 23.58 -13.37 -31.78
N LEU D 476 24.26 -14.06 -30.87
CA LEU D 476 25.50 -13.54 -30.30
C LEU D 476 26.50 -13.24 -31.39
N ASN D 477 26.89 -14.28 -32.15
CA ASN D 477 27.86 -14.10 -33.22
C ASN D 477 27.46 -13.05 -34.24
N LYS D 478 26.18 -12.68 -34.29
CA LYS D 478 25.77 -11.59 -35.16
C LYS D 478 26.02 -10.23 -34.51
N ILE D 479 25.60 -10.05 -33.26
CA ILE D 479 25.95 -8.79 -32.61
C ILE D 479 27.45 -8.72 -32.42
N ARG D 480 28.12 -9.87 -32.38
CA ARG D 480 29.58 -9.91 -32.34
C ARG D 480 30.23 -9.44 -33.66
N GLN D 481 29.67 -9.91 -34.78
CA GLN D 481 30.16 -9.55 -36.10
C GLN D 481 30.00 -8.06 -36.42
N VAL D 482 28.86 -7.48 -36.07
CA VAL D 482 28.65 -6.05 -36.30
C VAL D 482 29.28 -5.20 -35.19
N GLN D 483 29.75 -5.87 -34.14
CA GLN D 483 30.43 -5.21 -33.05
C GLN D 483 29.59 -4.09 -32.36
N LEU D 484 28.47 -4.49 -31.78
CA LEU D 484 27.73 -3.62 -30.90
C LEU D 484 28.04 -4.14 -29.51
N PHE D 485 29.00 -3.52 -28.83
CA PHE D 485 29.49 -4.06 -27.57
C PHE D 485 29.20 -3.15 -26.38
N ASN D 486 28.38 -2.12 -26.63
CA ASN D 486 27.84 -1.25 -25.57
C ASN D 486 28.75 -0.17 -25.04
N SER D 487 29.77 0.17 -25.84
CA SER D 487 30.71 1.23 -25.50
C SER D 487 29.96 2.53 -25.31
N PRO D 488 30.52 3.45 -24.51
CA PRO D 488 29.86 4.75 -24.35
C PRO D 488 29.66 5.41 -25.71
N SER D 489 30.58 5.12 -26.62
CA SER D 489 30.58 5.67 -27.96
C SER D 489 29.27 5.33 -28.68
N ASP D 490 28.91 4.04 -28.61
CA ASP D 490 27.71 3.50 -29.26
C ASP D 490 26.41 4.14 -28.75
N ARG D 491 25.61 4.61 -29.69
CA ARG D 491 24.35 5.24 -29.36
C ARG D 491 23.20 4.22 -29.39
N VAL D 492 23.51 2.98 -29.77
CA VAL D 492 22.57 1.88 -29.61
C VAL D 492 23.12 0.79 -28.71
N LYS D 493 22.37 0.48 -27.67
CA LYS D 493 22.79 -0.52 -26.72
C LYS D 493 22.08 -1.81 -27.08
N MET D 494 22.74 -2.93 -26.81
CA MET D 494 22.29 -4.23 -27.28
C MET D 494 22.15 -5.19 -26.12
N ILE D 495 20.95 -5.67 -25.87
CA ILE D 495 20.70 -6.59 -24.75
C ILE D 495 19.99 -7.85 -25.17
N PHE D 496 20.70 -8.97 -25.18
CA PHE D 496 20.07 -10.22 -25.52
C PHE D 496 19.64 -10.96 -24.24
N HIS D 497 18.37 -11.34 -24.20
CA HIS D 497 17.73 -11.98 -23.05
C HIS D 497 17.11 -13.30 -23.47
N PRO D 498 17.90 -14.38 -23.47
CA PRO D 498 17.58 -15.67 -24.11
C PRO D 498 16.49 -16.50 -23.44
N GLU D 499 15.64 -15.90 -22.62
CA GLU D 499 14.69 -16.67 -21.84
C GLU D 499 13.37 -15.94 -21.86
N PHE D 500 12.31 -16.62 -21.44
CA PHE D 500 11.01 -15.97 -21.31
C PHE D 500 11.08 -14.96 -20.19
N LEU D 501 10.33 -13.86 -20.35
CA LEU D 501 10.24 -12.85 -19.29
C LEU D 501 9.27 -13.27 -18.18
N ASN D 502 9.70 -13.03 -16.94
CA ASN D 502 8.90 -13.39 -15.77
C ASN D 502 8.95 -12.30 -14.71
N ALA D 503 7.80 -11.97 -14.13
CA ALA D 503 7.74 -10.84 -13.19
C ALA D 503 8.59 -11.09 -11.93
N ASN D 504 8.73 -12.35 -11.58
CA ASN D 504 9.46 -12.75 -10.37
C ASN D 504 10.92 -13.13 -10.67
N ASN D 505 11.53 -12.42 -11.61
CA ASN D 505 12.93 -12.69 -11.92
C ASN D 505 13.88 -11.66 -11.34
N PRO D 506 15.05 -12.13 -10.90
CA PRO D 506 16.10 -11.29 -10.31
C PRO D 506 16.60 -10.20 -11.27
N ILE D 507 16.42 -10.38 -12.57
CA ILE D 507 17.03 -9.46 -13.53
C ILE D 507 16.06 -8.53 -14.27
N LEU D 508 15.18 -9.07 -15.10
CA LEU D 508 14.23 -8.21 -15.77
C LEU D 508 12.81 -8.56 -15.30
N GLY D 509 12.51 -8.23 -14.06
CA GLY D 509 11.27 -8.63 -13.43
C GLY D 509 10.08 -7.89 -13.99
N LEU D 510 9.26 -8.63 -14.73
CA LEU D 510 8.23 -8.10 -15.62
C LEU D 510 7.63 -9.28 -16.34
N ASP D 511 6.31 -9.37 -16.41
CA ASP D 511 5.70 -10.33 -17.33
C ASP D 511 5.85 -9.75 -18.73
N TYR D 512 5.89 -10.60 -19.75
CA TYR D 512 6.03 -10.12 -21.12
C TYR D 512 5.14 -8.90 -21.36
N ASP D 513 3.86 -9.04 -21.03
CA ASP D 513 2.91 -7.97 -21.31
C ASP D 513 3.28 -6.62 -20.66
N GLU D 514 3.85 -6.63 -19.46
CA GLU D 514 4.33 -5.40 -18.81
C GLU D 514 5.48 -4.79 -19.61
N PHE D 515 6.44 -5.63 -19.98
CA PHE D 515 7.63 -5.19 -20.70
C PHE D 515 7.28 -4.55 -22.04
N VAL D 516 6.44 -5.21 -22.82
CA VAL D 516 6.00 -4.67 -24.10
C VAL D 516 5.45 -3.29 -23.87
N ARG D 517 4.53 -3.16 -22.92
CA ARG D 517 3.88 -1.89 -22.62
C ARG D 517 4.86 -0.78 -22.23
N GLY D 518 5.88 -1.14 -21.46
CA GLY D 518 6.89 -0.18 -21.07
C GLY D 518 7.89 0.13 -22.14
N CYS D 519 7.83 -0.55 -23.28
CA CYS D 519 8.78 -0.25 -24.37
C CYS D 519 8.19 0.79 -25.27
N HIS D 520 8.94 1.20 -26.29
CA HIS D 520 8.54 2.30 -27.14
C HIS D 520 8.15 1.81 -28.52
N LEU D 521 8.88 0.80 -28.99
CA LEU D 521 8.79 0.35 -30.36
C LEU D 521 9.06 -1.15 -30.43
N GLY D 522 8.10 -1.89 -31.00
CA GLY D 522 8.29 -3.29 -31.31
C GLY D 522 8.77 -3.49 -32.75
N VAL D 523 9.74 -4.36 -32.94
CA VAL D 523 10.38 -4.49 -34.23
C VAL D 523 10.47 -5.95 -34.66
N PHE D 524 9.69 -6.30 -35.68
CA PHE D 524 9.54 -7.69 -36.10
C PHE D 524 9.72 -7.81 -37.61
N PRO D 525 10.97 -8.01 -38.02
CA PRO D 525 11.28 -8.06 -39.45
C PRO D 525 11.21 -9.48 -39.96
N SER D 526 10.06 -10.10 -39.77
CA SER D 526 9.89 -11.50 -40.09
C SER D 526 10.00 -11.73 -41.58
N TYR D 527 10.63 -12.85 -41.95
CA TYR D 527 10.70 -13.32 -43.32
C TYR D 527 9.60 -14.32 -43.65
N TYR D 528 9.47 -15.36 -42.81
CA TYR D 528 8.36 -16.29 -42.90
C TYR D 528 7.44 -16.20 -41.67
N GLU D 529 6.20 -15.82 -41.89
CA GLU D 529 5.28 -15.58 -40.80
C GLU D 529 3.87 -15.60 -41.37
N PRO D 530 3.23 -16.77 -41.36
CA PRO D 530 1.91 -16.89 -41.93
C PRO D 530 0.89 -15.98 -41.26
N TRP D 531 1.04 -15.74 -39.95
CA TRP D 531 0.29 -14.67 -39.32
C TRP D 531 1.19 -13.74 -38.50
N GLY D 532 1.63 -14.22 -37.35
CA GLY D 532 2.48 -13.42 -36.50
C GLY D 532 1.68 -12.86 -35.36
N TYR D 533 1.31 -13.73 -34.42
CA TYR D 533 0.57 -13.31 -33.25
C TYR D 533 1.34 -12.33 -32.36
N THR D 534 2.64 -12.20 -32.61
CA THR D 534 3.50 -11.44 -31.71
C THR D 534 3.42 -9.93 -31.96
N PRO D 535 3.59 -9.50 -33.22
CA PRO D 535 3.40 -8.09 -33.58
C PRO D 535 1.97 -7.65 -33.36
N ALA D 536 1.05 -8.58 -33.61
CA ALA D 536 -0.36 -8.26 -33.57
C ALA D 536 -0.72 -7.86 -32.18
N GLU D 537 -0.26 -8.63 -31.20
CA GLU D 537 -0.63 -8.31 -29.83
C GLU D 537 0.28 -7.22 -29.24
N CYS D 538 1.37 -6.90 -29.94
CA CYS D 538 2.13 -5.72 -29.58
C CYS D 538 1.20 -4.56 -29.87
N THR D 539 0.65 -4.55 -31.07
CA THR D 539 -0.29 -3.52 -31.49
C THR D 539 -1.49 -3.40 -30.58
N VAL D 540 -2.06 -4.53 -30.18
CA VAL D 540 -3.23 -4.49 -29.32
C VAL D 540 -2.96 -3.82 -27.97
N MET D 541 -1.71 -3.87 -27.52
CA MET D 541 -1.35 -3.28 -26.24
C MET D 541 -1.04 -1.79 -26.36
N GLY D 542 -1.11 -1.27 -27.59
CA GLY D 542 -0.93 0.15 -27.85
C GLY D 542 0.51 0.54 -28.06
N VAL D 543 1.30 -0.36 -28.66
CA VAL D 543 2.73 -0.11 -28.83
C VAL D 543 3.15 -0.15 -30.29
N PRO D 544 3.54 1.00 -30.84
CA PRO D 544 3.98 1.10 -32.23
C PRO D 544 4.76 -0.13 -32.61
N SER D 545 4.64 -0.62 -33.84
CA SER D 545 5.36 -1.83 -34.21
C SER D 545 5.88 -1.74 -35.61
N ILE D 546 7.02 -2.36 -35.85
CA ILE D 546 7.50 -2.55 -37.20
C ILE D 546 7.39 -4.03 -37.60
N THR D 547 6.64 -4.27 -38.67
CA THR D 547 6.50 -5.61 -39.17
C THR D 547 6.80 -5.62 -40.66
N THR D 548 6.28 -6.59 -41.37
CA THR D 548 6.74 -6.86 -42.73
C THR D 548 5.59 -7.24 -43.66
N ASN D 549 5.78 -7.09 -44.98
CA ASN D 549 4.68 -7.36 -45.92
C ASN D 549 4.67 -8.81 -46.43
N VAL D 550 5.60 -9.60 -45.89
CA VAL D 550 5.51 -11.05 -46.01
C VAL D 550 5.21 -11.69 -44.66
N SER D 551 4.79 -10.85 -43.71
CA SER D 551 4.16 -11.31 -42.49
C SER D 551 2.64 -11.20 -42.61
N GLY D 552 1.95 -12.27 -42.25
CA GLY D 552 0.52 -12.32 -42.39
C GLY D 552 -0.09 -11.06 -41.86
N PHE D 553 0.16 -10.79 -40.59
CA PHE D 553 -0.43 -9.65 -39.90
C PHE D 553 -0.01 -8.32 -40.53
N GLY D 554 1.23 -8.26 -41.01
CA GLY D 554 1.69 -7.12 -41.76
C GLY D 554 0.91 -6.95 -43.05
N SER D 555 0.90 -8.00 -43.87
CA SER D 555 0.15 -7.96 -45.12
C SER D 555 -1.29 -7.53 -44.85
N TYR D 556 -1.84 -7.96 -43.72
CA TYR D 556 -3.22 -7.63 -43.42
C TYR D 556 -3.33 -6.19 -42.96
N MET D 557 -2.28 -5.73 -42.31
CA MET D 557 -2.25 -4.38 -41.78
C MET D 557 -2.12 -3.43 -42.94
N GLU D 558 -1.37 -3.85 -43.95
CA GLU D 558 -1.13 -3.04 -45.14
C GLU D 558 -2.44 -2.59 -45.80
N ASP D 559 -3.48 -3.39 -45.65
CA ASP D 559 -4.78 -3.08 -46.26
C ASP D 559 -5.64 -2.29 -45.30
N LEU D 560 -5.05 -1.29 -44.66
CA LEU D 560 -5.77 -0.35 -43.80
C LEU D 560 -4.93 0.92 -43.55
N ALA D 566 -0.75 6.42 -42.64
CA ALA D 566 -0.27 5.03 -42.58
C ALA D 566 0.59 4.74 -41.35
N LYS D 567 1.78 5.33 -41.31
CA LYS D 567 2.71 5.16 -40.18
C LYS D 567 2.36 6.10 -39.02
N ASP D 568 1.47 7.05 -39.30
CA ASP D 568 1.01 7.97 -38.26
C ASP D 568 0.17 7.19 -37.27
N TYR D 569 -0.15 5.95 -37.63
CA TYR D 569 -0.93 5.06 -36.78
C TYR D 569 -0.05 4.04 -36.07
N GLY D 570 1.26 4.28 -36.07
CA GLY D 570 2.16 3.50 -35.26
C GLY D 570 2.51 2.17 -35.87
N ILE D 571 2.08 1.93 -37.11
CA ILE D 571 2.44 0.69 -37.77
C ILE D 571 3.27 0.92 -39.02
N TYR D 572 4.46 0.35 -39.01
CA TYR D 572 5.43 0.54 -40.06
C TYR D 572 5.57 -0.78 -40.79
N ILE D 573 5.60 -0.74 -42.11
CA ILE D 573 5.70 -1.98 -42.86
C ILE D 573 6.91 -2.02 -43.81
N VAL D 574 7.98 -2.65 -43.37
CA VAL D 574 9.16 -2.85 -44.20
C VAL D 574 8.74 -3.66 -45.39
N ASP D 575 9.39 -3.46 -46.54
CA ASP D 575 9.08 -4.27 -47.72
C ASP D 575 10.17 -5.35 -48.00
N ARG D 576 9.94 -6.54 -47.46
CA ARG D 576 10.85 -7.68 -47.64
C ARG D 576 10.52 -8.45 -48.92
N ARG D 577 9.49 -8.01 -49.65
CA ARG D 577 9.06 -8.74 -50.83
C ARG D 577 9.67 -8.24 -52.14
N PHE D 578 9.66 -6.92 -52.33
CA PHE D 578 10.00 -6.31 -53.61
C PHE D 578 11.39 -5.67 -53.69
N LYS D 579 11.77 -4.90 -52.67
CA LYS D 579 13.13 -4.39 -52.60
C LYS D 579 14.14 -5.53 -52.38
N ALA D 580 15.39 -5.30 -52.76
CA ALA D 580 16.42 -6.30 -52.54
C ALA D 580 16.73 -6.37 -51.05
N PRO D 581 17.39 -7.46 -50.61
CA PRO D 581 17.75 -7.58 -49.19
C PRO D 581 18.32 -6.29 -48.61
N ASP D 582 19.26 -5.67 -49.32
CA ASP D 582 19.97 -4.52 -48.77
C ASP D 582 19.14 -3.24 -48.66
N GLU D 583 18.25 -2.98 -49.61
CA GLU D 583 17.38 -1.80 -49.48
C GLU D 583 16.21 -2.06 -48.52
N SER D 584 16.00 -3.33 -48.17
CA SER D 584 15.04 -3.71 -47.13
C SER D 584 15.57 -3.21 -45.80
N VAL D 585 16.75 -3.72 -45.45
CA VAL D 585 17.47 -3.29 -44.27
C VAL D 585 17.45 -1.78 -44.12
N GLU D 586 17.99 -1.07 -45.10
CA GLU D 586 18.04 0.38 -45.05
C GLU D 586 16.68 0.97 -44.74
N GLN D 587 15.63 0.36 -45.28
CA GLN D 587 14.28 0.87 -45.07
C GLN D 587 13.87 0.68 -43.62
N LEU D 588 14.33 -0.42 -43.04
CA LEU D 588 14.13 -0.64 -41.62
C LEU D 588 14.92 0.42 -40.85
N VAL D 589 16.16 0.68 -41.27
CA VAL D 589 16.95 1.74 -40.64
C VAL D 589 16.26 3.10 -40.72
N ASP D 590 15.76 3.46 -41.90
CA ASP D 590 15.07 4.74 -42.07
C ASP D 590 13.90 4.89 -41.11
N TYR D 591 13.15 3.80 -40.91
CA TYR D 591 11.96 3.79 -40.06
C TYR D 591 12.33 3.96 -38.60
N MET D 592 13.34 3.23 -38.16
CA MET D 592 13.89 3.38 -36.83
C MET D 592 14.36 4.83 -36.58
N GLU D 593 15.20 5.35 -37.49
CA GLU D 593 15.75 6.70 -37.36
C GLU D 593 14.62 7.71 -37.31
N GLU D 594 13.72 7.66 -38.29
CA GLU D 594 12.55 8.51 -38.20
C GLU D 594 11.95 8.47 -36.80
N PHE D 595 11.69 7.26 -36.27
CA PHE D 595 11.01 7.13 -34.98
C PHE D 595 11.80 7.77 -33.83
N VAL D 596 13.12 7.71 -33.93
CA VAL D 596 14.00 8.26 -32.91
C VAL D 596 13.94 9.80 -32.92
N LYS D 597 14.12 10.40 -34.09
CA LYS D 597 14.11 11.86 -34.23
C LYS D 597 12.73 12.48 -33.91
N LYS D 598 11.91 11.76 -33.16
CA LYS D 598 10.53 12.16 -32.91
C LYS D 598 10.47 13.02 -31.67
N THR D 599 9.70 14.10 -31.70
CA THR D 599 9.51 14.90 -30.48
C THR D 599 8.55 14.18 -29.53
N ALA D 600 8.82 14.28 -28.24
CA ALA D 600 7.92 13.70 -27.24
C ALA D 600 6.44 13.96 -27.57
N ALA D 601 6.18 15.07 -28.24
CA ALA D 601 4.83 15.45 -28.60
C ALA D 601 4.33 14.60 -29.78
N GLN D 602 5.18 14.42 -30.79
CA GLN D 602 4.83 13.59 -31.93
C GLN D 602 4.51 12.16 -31.49
N ALA D 603 5.38 11.59 -30.64
CA ALA D 603 5.28 10.20 -30.20
C ALA D 603 4.07 9.93 -29.31
N ILE D 604 3.78 10.86 -28.40
CA ILE D 604 2.60 10.73 -27.55
C ILE D 604 1.30 10.67 -28.37
N ASN D 605 1.32 11.24 -29.58
CA ASN D 605 0.13 11.21 -30.41
C ASN D 605 0.05 9.92 -31.21
N GLN D 606 1.21 9.43 -31.67
CA GLN D 606 1.29 8.17 -32.40
C GLN D 606 0.80 7.01 -31.54
N ARG D 607 1.29 6.94 -30.31
CA ARG D 607 0.84 5.94 -29.36
C ARG D 607 -0.65 6.04 -29.06
N ASN D 608 -1.18 7.25 -29.11
CA ASN D 608 -2.61 7.47 -28.97
C ASN D 608 -3.35 6.88 -30.16
N ARG D 609 -2.71 6.88 -31.32
CA ARG D 609 -3.35 6.45 -32.56
C ARG D 609 -3.39 4.94 -32.68
N THR D 610 -2.26 4.28 -32.44
CA THR D 610 -2.23 2.83 -32.56
C THR D 610 -3.13 2.22 -31.50
N GLU D 611 -3.21 2.88 -30.34
CA GLU D 611 -4.09 2.48 -29.25
C GLU D 611 -5.53 2.33 -29.74
N ARG D 612 -5.87 3.09 -30.78
CA ARG D 612 -7.22 3.06 -31.36
C ARG D 612 -7.40 1.90 -32.34
N LEU D 613 -6.32 1.54 -33.04
CA LEU D 613 -6.30 0.36 -33.91
C LEU D 613 -6.67 -0.90 -33.17
N SER D 614 -6.39 -0.92 -31.87
CA SER D 614 -6.78 -2.03 -31.00
C SER D 614 -8.06 -2.73 -31.43
N ASP D 615 -9.17 -2.02 -31.45
CA ASP D 615 -10.47 -2.66 -31.63
C ASP D 615 -10.70 -3.27 -33.02
N LEU D 616 -9.88 -2.89 -33.99
CA LEU D 616 -10.03 -3.43 -35.33
C LEU D 616 -9.44 -4.83 -35.41
N LEU D 617 -8.87 -5.30 -34.31
CA LEU D 617 -8.33 -6.64 -34.28
C LEU D 617 -9.25 -7.62 -33.55
N ASP D 618 -10.22 -7.11 -32.79
CA ASP D 618 -11.09 -7.98 -32.00
C ASP D 618 -11.93 -8.88 -32.89
N TRP D 619 -12.19 -10.09 -32.41
CA TRP D 619 -12.95 -11.08 -33.17
C TRP D 619 -14.33 -10.55 -33.56
N LYS D 620 -14.85 -9.58 -32.80
CA LYS D 620 -16.16 -9.00 -33.12
C LYS D 620 -16.14 -8.40 -34.53
N ARG D 621 -14.95 -8.01 -35.00
CA ARG D 621 -14.81 -7.55 -36.38
C ARG D 621 -14.17 -8.58 -37.31
N MET D 622 -13.13 -9.26 -36.84
CA MET D 622 -12.45 -10.24 -37.68
C MET D 622 -13.32 -11.48 -37.93
N GLY D 623 -14.23 -11.75 -36.99
CA GLY D 623 -15.09 -12.92 -37.05
C GLY D 623 -16.09 -12.94 -38.18
N LEU D 624 -16.39 -11.77 -38.75
CA LEU D 624 -17.32 -11.70 -39.87
C LEU D 624 -16.69 -12.29 -41.13
N GLU D 625 -15.40 -12.55 -41.08
CA GLU D 625 -14.70 -13.17 -42.20
C GLU D 625 -14.90 -14.68 -42.18
N TYR D 626 -15.11 -15.22 -40.99
CA TYR D 626 -15.45 -16.63 -40.86
C TYR D 626 -16.90 -16.78 -41.29
N VAL D 627 -17.75 -15.82 -40.90
CA VAL D 627 -19.14 -15.87 -41.33
C VAL D 627 -19.22 -15.85 -42.85
N LYS D 628 -18.41 -14.99 -43.47
CA LYS D 628 -18.37 -14.90 -44.92
C LYS D 628 -18.03 -16.23 -45.57
N ALA D 629 -17.21 -17.04 -44.92
CA ALA D 629 -16.74 -18.27 -45.53
C ALA D 629 -17.78 -19.37 -45.41
N ARG D 630 -18.43 -19.44 -44.26
CA ARG D 630 -19.46 -20.44 -44.07
C ARG D 630 -20.57 -20.23 -45.06
N GLN D 631 -21.03 -18.99 -45.18
CA GLN D 631 -22.10 -18.69 -46.12
C GLN D 631 -21.70 -18.94 -47.57
N LEU D 632 -20.43 -18.77 -47.92
CA LEU D 632 -19.98 -19.09 -49.27
C LEU D 632 -20.00 -20.61 -49.49
N ALA D 633 -19.76 -21.35 -48.41
CA ALA D 633 -19.86 -22.81 -48.46
C ALA D 633 -21.30 -23.27 -48.63
N LEU D 634 -22.20 -22.63 -47.90
CA LEU D 634 -23.61 -22.94 -47.98
C LEU D 634 -24.19 -22.60 -49.35
N ARG D 635 -23.66 -21.53 -49.96
CA ARG D 635 -24.10 -21.11 -51.29
C ARG D 635 -23.68 -22.13 -52.35
N ARG D 636 -22.39 -22.48 -52.34
CA ARG D 636 -21.86 -23.47 -53.27
C ARG D 636 -22.50 -24.84 -53.10
N GLY D 637 -22.94 -25.14 -51.89
CA GLY D 637 -23.44 -26.46 -51.58
C GLY D 637 -24.88 -26.64 -51.97
N TYR D 638 -25.68 -25.62 -51.72
CA TYR D 638 -27.09 -25.65 -52.04
C TYR D 638 -27.48 -24.38 -52.78
N PRO D 639 -27.06 -24.26 -54.05
CA PRO D 639 -27.24 -23.05 -54.87
C PRO D 639 -28.71 -22.62 -54.99
N ASP D 640 -29.62 -23.58 -54.84
CA ASP D 640 -31.05 -23.31 -54.95
C ASP D 640 -31.65 -22.73 -53.69
N GLN D 641 -31.61 -23.50 -52.61
CA GLN D 641 -32.23 -23.10 -51.38
C GLN D 641 -31.65 -21.75 -50.95
N PHE D 642 -30.44 -21.47 -51.44
CA PHE D 642 -29.77 -20.20 -51.15
C PHE D 642 -30.37 -19.06 -51.98
N ARG D 643 -30.61 -19.34 -53.27
CA ARG D 643 -31.29 -18.38 -54.15
C ARG D 643 -32.68 -18.01 -53.64
N GLU D 644 -33.34 -18.95 -52.97
CA GLU D 644 -34.65 -18.71 -52.37
C GLU D 644 -34.58 -17.87 -51.10
N LEU D 645 -33.44 -17.93 -50.42
CA LEU D 645 -33.30 -17.31 -49.10
C LEU D 645 -32.92 -15.83 -49.16
N VAL D 646 -32.51 -15.37 -50.33
CA VAL D 646 -32.21 -13.95 -50.53
C VAL D 646 -33.25 -13.32 -51.43
N GLY D 647 -33.41 -13.89 -52.62
CA GLY D 647 -34.31 -13.38 -53.63
C GLY D 647 -33.63 -13.43 -54.99
N GLU D 648 -32.31 -13.64 -54.96
CA GLU D 648 -31.49 -13.58 -56.18
C GLU D 648 -30.36 -14.58 -56.15
N GLU D 649 -29.59 -14.64 -57.24
CA GLU D 649 -28.37 -15.43 -57.26
C GLU D 649 -27.14 -14.56 -57.14
N LEU D 650 -26.71 -14.33 -55.90
CA LEU D 650 -25.49 -13.58 -55.63
C LEU D 650 -24.28 -14.35 -56.16
N ASN D 651 -23.20 -13.63 -56.43
CA ASN D 651 -21.99 -14.21 -57.04
C ASN D 651 -21.30 -15.20 -56.09
N ASP D 652 -20.74 -16.27 -56.65
CA ASP D 652 -20.22 -17.37 -55.82
C ASP D 652 -18.75 -17.73 -56.03
N SER D 653 -17.91 -16.78 -56.44
CA SER D 653 -16.51 -17.10 -56.71
C SER D 653 -15.49 -16.55 -55.67
N ASN D 654 -15.96 -15.65 -54.80
CA ASN D 654 -15.17 -15.16 -53.68
C ASN D 654 -16.07 -15.16 -52.46
N MET D 655 -15.47 -15.08 -51.28
CA MET D 655 -16.27 -14.80 -50.09
C MET D 655 -16.68 -13.33 -50.17
N ASP D 656 -15.86 -12.53 -50.82
CA ASP D 656 -16.12 -11.08 -50.93
C ASP D 656 -17.10 -10.76 -52.07
N ALA D 657 -17.04 -11.56 -53.13
CA ALA D 657 -17.98 -11.45 -54.25
C ALA D 657 -19.41 -11.70 -53.79
N LEU D 658 -19.55 -12.24 -52.58
CA LEU D 658 -20.86 -12.58 -52.03
C LEU D 658 -21.43 -11.49 -51.10
N ALA D 659 -20.54 -10.83 -50.36
CA ALA D 659 -20.97 -9.74 -49.47
C ALA D 659 -20.54 -8.38 -50.02
#